data_7JI6
# 
_entry.id   7JI6 
# 
_audit_conform.dict_name       mmcif_pdbx.dic 
_audit_conform.dict_version    5.380 
_audit_conform.dict_location   http://mmcif.pdb.org/dictionaries/ascii/mmcif_pdbx.dic 
# 
loop_
_database_2.database_id 
_database_2.database_code 
_database_2.pdbx_database_accession 
_database_2.pdbx_DOI 
PDB   7JI6         pdb_00007ji6 10.2210/pdb7ji6/pdb 
WWPDB D_1000250825 ?            ?                   
# 
_pdbx_database_status.status_code                     REL 
_pdbx_database_status.status_code_sf                  REL 
_pdbx_database_status.status_code_mr                  ? 
_pdbx_database_status.entry_id                        7JI6 
_pdbx_database_status.recvd_initial_deposition_date   2020-07-22 
_pdbx_database_status.SG_entry                        N 
_pdbx_database_status.deposit_site                    RCSB 
_pdbx_database_status.process_site                    RCSB 
_pdbx_database_status.status_code_cs                  ? 
_pdbx_database_status.status_code_nmr_data            ? 
_pdbx_database_status.methods_development_category    ? 
_pdbx_database_status.pdb_format_compatible           Y 
# 
loop_
_audit_author.name 
_audit_author.pdbx_ordinal 
_audit_author.identifier_ORCID 
'Simmons, C.R.'      1 0000-0002-2290-6132 
'MacCulloch, T.'     2 0000-0001-5875-3361 
'Stephanopoulos, N.' 3 0000-0001-7859-410X 
'Yan, H.'            4 0000-0001-7397-9852 
# 
_citation.abstract                  ? 
_citation.abstract_id_CAS           ? 
_citation.book_id_ISBN              ? 
_citation.book_publisher            ? 
_citation.book_publisher_city       ? 
_citation.book_title                ? 
_citation.coordinate_linkage        ? 
_citation.country                   UK 
_citation.database_id_Medline       ? 
_citation.details                   ? 
_citation.id                        primary 
_citation.journal_abbrev            'Nat Commun' 
_citation.journal_id_ASTM           ? 
_citation.journal_id_CSD            ? 
_citation.journal_id_ISSN           2041-1723 
_citation.journal_full              ? 
_citation.journal_issue             ? 
_citation.journal_volume            13 
_citation.language                  ? 
_citation.page_first                3112 
_citation.page_last                 3112 
_citation.title                     'The influence of Holliday junction sequence and dynamics on DNA crystal self-assembly.' 
_citation.year                      2022 
_citation.database_id_CSD           ? 
_citation.pdbx_database_id_DOI      10.1038/s41467-022-30779-6 
_citation.pdbx_database_id_PubMed   35662248 
_citation.unpublished_flag          ? 
# 
loop_
_citation_author.citation_id 
_citation_author.name 
_citation_author.ordinal 
_citation_author.identifier_ORCID 
primary 'Simmons, C.R.'      1  ?                   
primary 'MacCulloch, T.'     2  ?                   
primary 'Krepl, M.'          3  0000-0002-9833-4281 
primary 'Matthies, M.'       4  ?                   
primary 'Buchberger, A.'     5  ?                   
primary 'Crawford, I.'       6  ?                   
primary 'Sponer, J.'         7  0000-0001-6558-6186 
primary 'Sulc, P.'           8  0000-0003-1565-6769 
primary 'Stephanopoulos, N.' 9  0000-0001-7859-410X 
primary 'Yan, H.'            10 0000-0001-7397-9852 
# 
_cell.angle_alpha                  90.000 
_cell.angle_alpha_esd              ? 
_cell.angle_beta                   90.000 
_cell.angle_beta_esd               ? 
_cell.angle_gamma                  120.000 
_cell.angle_gamma_esd              ? 
_cell.entry_id                     7JI6 
_cell.details                      ? 
_cell.formula_units_Z              ? 
_cell.length_a                     111.796 
_cell.length_a_esd                 ? 
_cell.length_b                     111.796 
_cell.length_b_esd                 ? 
_cell.length_c                     51.296 
_cell.length_c_esd                 ? 
_cell.volume                       ? 
_cell.volume_esd                   ? 
_cell.Z_PDB                        9 
_cell.reciprocal_angle_alpha       ? 
_cell.reciprocal_angle_beta        ? 
_cell.reciprocal_angle_gamma       ? 
_cell.reciprocal_angle_alpha_esd   ? 
_cell.reciprocal_angle_beta_esd    ? 
_cell.reciprocal_angle_gamma_esd   ? 
_cell.reciprocal_length_a          ? 
_cell.reciprocal_length_b          ? 
_cell.reciprocal_length_c          ? 
_cell.reciprocal_length_a_esd      ? 
_cell.reciprocal_length_b_esd      ? 
_cell.reciprocal_length_c_esd      ? 
_cell.pdbx_unique_axis             ? 
# 
_symmetry.entry_id                         7JI6 
_symmetry.cell_setting                     ? 
_symmetry.Int_Tables_number                146 
_symmetry.space_group_name_Hall            ? 
_symmetry.space_group_name_H-M             'H 3' 
_symmetry.pdbx_full_space_group_name_H-M   ? 
# 
loop_
_entity.id 
_entity.type 
_entity.src_method 
_entity.pdbx_description 
_entity.formula_weight 
_entity.pdbx_number_of_molecules 
_entity.pdbx_ec 
_entity.pdbx_mutation 
_entity.pdbx_fragment 
_entity.details 
1 polymer     syn 
;DNA (5'-D(*GP*AP*AP*CP*GP*AP*CP*AP*AP*AP*GP*A)-3')
;
3713.471 1 ? ? ? ? 
2 polymer     syn 
;DNA (5'-D(P*CP*GP*TP*CP*GP*AP*CP*TP*C)-3')
;
2691.774 1 ? ? ? ? 
3 polymer     syn 
;DNA (5'-D(P*TP*CP*TP*AP*CP*G)-3')
;
1784.204 1 ? ? ? ? 
4 polymer     syn 
;DNA (5'-D(*TP*CP*GP*AP*GP*TP*CP*GP*TP*TP*GP*TP*CP*GP*T)-3')
;
4606.980 1 ? ? ? ? 
5 non-polymer syn 'CACODYLATE ION'                                              136.989  1 ? ? ? ? 
# 
loop_
_entity_poly.entity_id 
_entity_poly.type 
_entity_poly.nstd_linkage 
_entity_poly.nstd_monomer 
_entity_poly.pdbx_seq_one_letter_code 
_entity_poly.pdbx_seq_one_letter_code_can 
_entity_poly.pdbx_strand_id 
_entity_poly.pdbx_target_identifier 
1 polydeoxyribonucleotide no no '(DG)(DA)(DA)(DC)(DG)(DA)(DC)(DA)(DA)(DA)(DG)(DA)'             GAACGACAAAGA    A ? 
2 polydeoxyribonucleotide no no '(DC)(DG)(DT)(DC)(DG)(DA)(DC)(DT)(DC)'                         CGTCGACTC       B ? 
3 polydeoxyribonucleotide no no '(DT)(DC)(DT)(DA)(DC)(DG)'                                     TCTACG          C ? 
4 polydeoxyribonucleotide no no '(DT)(DC)(DG)(DA)(DG)(DT)(DC)(DG)(DT)(DT)(DG)(DT)(DC)(DG)(DT)' TCGAGTCGTTGTCGT D ? 
# 
loop_
_entity_poly_seq.entity_id 
_entity_poly_seq.num 
_entity_poly_seq.mon_id 
_entity_poly_seq.hetero 
1 1  DG n 
1 2  DA n 
1 3  DA n 
1 4  DC n 
1 5  DG n 
1 6  DA n 
1 7  DC n 
1 8  DA n 
1 9  DA n 
1 10 DA n 
1 11 DG n 
1 12 DA n 
2 1  DC n 
2 2  DG n 
2 3  DT n 
2 4  DC n 
2 5  DG n 
2 6  DA n 
2 7  DC n 
2 8  DT n 
2 9  DC n 
3 1  DT n 
3 2  DC n 
3 3  DT n 
3 4  DA n 
3 5  DC n 
3 6  DG n 
4 1  DT n 
4 2  DC n 
4 3  DG n 
4 4  DA n 
4 5  DG n 
4 6  DT n 
4 7  DC n 
4 8  DG n 
4 9  DT n 
4 10 DT n 
4 11 DG n 
4 12 DT n 
4 13 DC n 
4 14 DG n 
4 15 DT n 
# 
loop_
_pdbx_entity_src_syn.entity_id 
_pdbx_entity_src_syn.pdbx_src_id 
_pdbx_entity_src_syn.pdbx_alt_source_flag 
_pdbx_entity_src_syn.pdbx_beg_seq_num 
_pdbx_entity_src_syn.pdbx_end_seq_num 
_pdbx_entity_src_syn.organism_scientific 
_pdbx_entity_src_syn.organism_common_name 
_pdbx_entity_src_syn.ncbi_taxonomy_id 
_pdbx_entity_src_syn.details 
1 1 sample 1 12 'synthetic construct' ? 32630 ? 
2 1 sample 1 9  'synthetic construct' ? 32630 ? 
3 1 sample 1 6  'synthetic construct' ? 32630 ? 
4 1 sample 1 15 'synthetic construct' ? 32630 ? 
# 
loop_
_struct_ref.id 
_struct_ref.db_name 
_struct_ref.db_code 
_struct_ref.pdbx_db_accession 
_struct_ref.pdbx_db_isoform 
_struct_ref.entity_id 
_struct_ref.pdbx_seq_one_letter_code 
_struct_ref.pdbx_align_begin 
1 PDB 7JI6 7JI6 ? 1 ? 1 
2 PDB 7JI6 7JI6 ? 2 ? 1 
3 PDB 7JI6 7JI6 ? 3 ? 1 
4 PDB 7JI6 7JI6 ? 4 ? 1 
# 
loop_
_struct_ref_seq.align_id 
_struct_ref_seq.ref_id 
_struct_ref_seq.pdbx_PDB_id_code 
_struct_ref_seq.pdbx_strand_id 
_struct_ref_seq.seq_align_beg 
_struct_ref_seq.pdbx_seq_align_beg_ins_code 
_struct_ref_seq.seq_align_end 
_struct_ref_seq.pdbx_seq_align_end_ins_code 
_struct_ref_seq.pdbx_db_accession 
_struct_ref_seq.db_align_beg 
_struct_ref_seq.pdbx_db_align_beg_ins_code 
_struct_ref_seq.db_align_end 
_struct_ref_seq.pdbx_db_align_end_ins_code 
_struct_ref_seq.pdbx_auth_seq_align_beg 
_struct_ref_seq.pdbx_auth_seq_align_end 
1 1 7JI6 A 1 ? 12 ? 7JI6 1  ? 12 ? 1  12 
2 2 7JI6 B 1 ? 9  ? 7JI6 12 ? 20 ? 12 20 
3 3 7JI6 C 1 ? 6  ? 7JI6 0  ? 5  ? 0  5  
4 4 7JI6 D 1 ? 15 ? 7JI6 2  ? 16 ? 2  16 
# 
loop_
_chem_comp.id 
_chem_comp.type 
_chem_comp.mon_nstd_flag 
_chem_comp.name 
_chem_comp.pdbx_synonyms 
_chem_comp.formula 
_chem_comp.formula_weight 
CAC non-polymer   . 'CACODYLATE ION'                     dimethylarsinate 'C2 H6 As O2 -1'  136.989 
DA  'DNA linking' y "2'-DEOXYADENOSINE-5'-MONOPHOSPHATE" ?                'C10 H14 N5 O6 P' 331.222 
DC  'DNA linking' y "2'-DEOXYCYTIDINE-5'-MONOPHOSPHATE"  ?                'C9 H14 N3 O7 P'  307.197 
DG  'DNA linking' y "2'-DEOXYGUANOSINE-5'-MONOPHOSPHATE" ?                'C10 H14 N5 O7 P' 347.221 
DT  'DNA linking' y "THYMIDINE-5'-MONOPHOSPHATE"         ?                'C10 H15 N2 O8 P' 322.208 
# 
_exptl.absorpt_coefficient_mu     ? 
_exptl.absorpt_correction_T_max   ? 
_exptl.absorpt_correction_T_min   ? 
_exptl.absorpt_correction_type    ? 
_exptl.absorpt_process_details    ? 
_exptl.entry_id                   7JI6 
_exptl.crystals_number            1 
_exptl.details                    ? 
_exptl.method                     'X-RAY DIFFRACTION' 
_exptl.method_details             ? 
# 
_exptl_crystal.colour                      ? 
_exptl_crystal.density_diffrn              ? 
_exptl_crystal.density_Matthews            4.82 
_exptl_crystal.density_method              ? 
_exptl_crystal.density_percent_sol         74.49 
_exptl_crystal.description                 ? 
_exptl_crystal.F_000                       ? 
_exptl_crystal.id                          1 
_exptl_crystal.preparation                 ? 
_exptl_crystal.size_max                    ? 
_exptl_crystal.size_mid                    ? 
_exptl_crystal.size_min                    ? 
_exptl_crystal.size_rad                    ? 
_exptl_crystal.colour_lustre               ? 
_exptl_crystal.colour_modifier             ? 
_exptl_crystal.colour_primary              ? 
_exptl_crystal.density_meas                ? 
_exptl_crystal.density_meas_esd            ? 
_exptl_crystal.density_meas_gt             ? 
_exptl_crystal.density_meas_lt             ? 
_exptl_crystal.density_meas_temp           ? 
_exptl_crystal.density_meas_temp_esd       ? 
_exptl_crystal.density_meas_temp_gt        ? 
_exptl_crystal.density_meas_temp_lt        ? 
_exptl_crystal.pdbx_crystal_image_url      ? 
_exptl_crystal.pdbx_crystal_image_format   ? 
_exptl_crystal.pdbx_mosaicity              ? 
_exptl_crystal.pdbx_mosaicity_esd          ? 
# 
_exptl_crystal_grow.apparatus       ? 
_exptl_crystal_grow.atmosphere      ? 
_exptl_crystal_grow.crystal_id      1 
_exptl_crystal_grow.details         ? 
_exptl_crystal_grow.method          'VAPOR DIFFUSION, SITTING DROP' 
_exptl_crystal_grow.method_ref      ? 
_exptl_crystal_grow.pH              ? 
_exptl_crystal_grow.pressure        ? 
_exptl_crystal_grow.pressure_esd    ? 
_exptl_crystal_grow.seeding         ? 
_exptl_crystal_grow.seeding_ref     ? 
_exptl_crystal_grow.temp            298 
_exptl_crystal_grow.temp_details    'temperature gradient generated from 60 to 25 C at 0.3 degrees per hour' 
_exptl_crystal_grow.temp_esd        ? 
_exptl_crystal_grow.time            ? 
_exptl_crystal_grow.pdbx_details    
;0.5 mL of 0.05 M Cacodylate pH 6.0 with 20 mM MgCl2, 1.0 mM spermine, 2 mM CaCl2, and 10% MPD was added to the reservoir with 2 uL added to the drop containing 4 uL of DNA stock
;
_exptl_crystal_grow.pdbx_pH_range   ? 
# 
_diffrn.ambient_environment              ? 
_diffrn.ambient_temp                     100 
_diffrn.ambient_temp_details             ? 
_diffrn.ambient_temp_esd                 ? 
_diffrn.crystal_id                       1 
_diffrn.crystal_support                  ? 
_diffrn.crystal_treatment                ? 
_diffrn.details                          ? 
_diffrn.id                               1 
_diffrn.ambient_pressure                 ? 
_diffrn.ambient_pressure_esd             ? 
_diffrn.ambient_pressure_gt              ? 
_diffrn.ambient_pressure_lt              ? 
_diffrn.ambient_temp_gt                  ? 
_diffrn.ambient_temp_lt                  ? 
_diffrn.pdbx_serial_crystal_experiment   N 
# 
_diffrn_detector.details                      ? 
_diffrn_detector.detector                     PIXEL 
_diffrn_detector.diffrn_id                    1 
_diffrn_detector.type                         'DECTRIS PILATUS3 6M' 
_diffrn_detector.area_resol_mean              ? 
_diffrn_detector.dtime                        ? 
_diffrn_detector.pdbx_frames_total            ? 
_diffrn_detector.pdbx_collection_time_total   ? 
_diffrn_detector.pdbx_collection_date         2018-08-15 
_diffrn_detector.pdbx_frequency               ? 
# 
_diffrn_radiation.collimation                      ? 
_diffrn_radiation.diffrn_id                        1 
_diffrn_radiation.filter_edge                      ? 
_diffrn_radiation.inhomogeneity                    ? 
_diffrn_radiation.monochromator                    ? 
_diffrn_radiation.polarisn_norm                    ? 
_diffrn_radiation.polarisn_ratio                   ? 
_diffrn_radiation.probe                            ? 
_diffrn_radiation.type                             ? 
_diffrn_radiation.xray_symbol                      ? 
_diffrn_radiation.wavelength_id                    1 
_diffrn_radiation.pdbx_monochromatic_or_laue_m_l   M 
_diffrn_radiation.pdbx_wavelength_list             ? 
_diffrn_radiation.pdbx_wavelength                  ? 
_diffrn_radiation.pdbx_diffrn_protocol             'SINGLE WAVELENGTH' 
_diffrn_radiation.pdbx_analyzer                    ? 
_diffrn_radiation.pdbx_scattering_type             x-ray 
# 
_diffrn_radiation_wavelength.id           1 
_diffrn_radiation_wavelength.wavelength   1 
_diffrn_radiation_wavelength.wt           1.0 
# 
_diffrn_source.current                     ? 
_diffrn_source.details                     ? 
_diffrn_source.diffrn_id                   1 
_diffrn_source.power                       ? 
_diffrn_source.size                        ? 
_diffrn_source.source                      SYNCHROTRON 
_diffrn_source.target                      ? 
_diffrn_source.type                        'ALS BEAMLINE 5.0.2' 
_diffrn_source.voltage                     ? 
_diffrn_source.take-off_angle              ? 
_diffrn_source.pdbx_wavelength_list        1 
_diffrn_source.pdbx_wavelength             ? 
_diffrn_source.pdbx_synchrotron_beamline   5.0.2 
_diffrn_source.pdbx_synchrotron_site       ALS 
# 
_reflns.B_iso_Wilson_estimate            66.120 
_reflns.entry_id                         7JI6 
_reflns.data_reduction_details           ? 
_reflns.data_reduction_method            ? 
_reflns.d_resolution_high                3.000 
_reflns.d_resolution_low                 50.000 
_reflns.details                          ? 
_reflns.limit_h_max                      ? 
_reflns.limit_h_min                      ? 
_reflns.limit_k_max                      ? 
_reflns.limit_k_min                      ? 
_reflns.limit_l_max                      ? 
_reflns.limit_l_min                      ? 
_reflns.number_all                       ? 
_reflns.number_obs                       4591 
_reflns.observed_criterion               ? 
_reflns.observed_criterion_F_max         ? 
_reflns.observed_criterion_F_min         ? 
_reflns.observed_criterion_I_max         ? 
_reflns.observed_criterion_I_min         ? 
_reflns.observed_criterion_sigma_F       ? 
_reflns.observed_criterion_sigma_I       ? 
_reflns.percent_possible_obs             96.300 
_reflns.R_free_details                   ? 
_reflns.Rmerge_F_all                     ? 
_reflns.Rmerge_F_obs                     ? 
_reflns.Friedel_coverage                 ? 
_reflns.number_gt                        ? 
_reflns.threshold_expression             ? 
_reflns.pdbx_redundancy                  9.700 
_reflns.pdbx_Rmerge_I_obs                0.072 
_reflns.pdbx_Rmerge_I_all                ? 
_reflns.pdbx_Rsym_value                  ? 
_reflns.pdbx_netI_over_av_sigmaI         ? 
_reflns.pdbx_netI_over_sigmaI            10.600 
_reflns.pdbx_res_netI_over_av_sigmaI_2   ? 
_reflns.pdbx_res_netI_over_sigmaI_2      ? 
_reflns.pdbx_chi_squared                 1.642 
_reflns.pdbx_scaling_rejects             ? 
_reflns.pdbx_d_res_high_opt              ? 
_reflns.pdbx_d_res_low_opt               ? 
_reflns.pdbx_d_res_opt_method            ? 
_reflns.phase_calculation_details        ? 
_reflns.pdbx_Rrim_I_all                  0.076 
_reflns.pdbx_Rpim_I_all                  0.024 
_reflns.pdbx_d_opt                       ? 
_reflns.pdbx_number_measured_all         ? 
_reflns.pdbx_diffrn_id                   1 
_reflns.pdbx_ordinal                     1 
_reflns.pdbx_CC_half                     1 
_reflns.pdbx_CC_star                     ? 
_reflns.pdbx_R_split                     ? 
# 
loop_
_reflns_shell.d_res_high 
_reflns_shell.d_res_low 
_reflns_shell.meanI_over_sigI_all 
_reflns_shell.meanI_over_sigI_obs 
_reflns_shell.number_measured_all 
_reflns_shell.number_measured_obs 
_reflns_shell.number_possible 
_reflns_shell.number_unique_all 
_reflns_shell.number_unique_obs 
_reflns_shell.percent_possible_all 
_reflns_shell.percent_possible_obs 
_reflns_shell.Rmerge_F_all 
_reflns_shell.Rmerge_F_obs 
_reflns_shell.Rmerge_I_all 
_reflns_shell.Rmerge_I_obs 
_reflns_shell.meanI_over_sigI_gt 
_reflns_shell.meanI_over_uI_all 
_reflns_shell.meanI_over_uI_gt 
_reflns_shell.number_measured_gt 
_reflns_shell.number_unique_gt 
_reflns_shell.percent_possible_gt 
_reflns_shell.Rmerge_F_gt 
_reflns_shell.Rmerge_I_gt 
_reflns_shell.pdbx_redundancy 
_reflns_shell.pdbx_Rsym_value 
_reflns_shell.pdbx_chi_squared 
_reflns_shell.pdbx_netI_over_sigmaI_all 
_reflns_shell.pdbx_netI_over_sigmaI_obs 
_reflns_shell.pdbx_Rrim_I_all 
_reflns_shell.pdbx_Rpim_I_all 
_reflns_shell.pdbx_rejects 
_reflns_shell.pdbx_ordinal 
_reflns_shell.pdbx_diffrn_id 
_reflns_shell.pdbx_CC_half 
_reflns_shell.pdbx_CC_star 
_reflns_shell.pdbx_R_split 
3.000 3.050  ? ? ? ? ? ? 166 70.300  ? ? ? ? 0.567 ? ? ? ? ? ? ? ? 8.400  ? 0.446 ? ? 0.601 0.195 ? 1  1 0.947 ? ? 
3.050 3.110  ? ? ? ? ? ? 181 80.100  ? ? ? ? 0.266 ? ? ? ? ? ? ? ? 7.700  ? 0.551 ? ? 0.282 0.091 ? 2  1 0.993 ? ? 
3.110 3.170  ? ? ? ? ? ? 234 89.000  ? ? ? ? 0.108 ? ? ? ? ? ? ? ? 7.300  ? 1.008 ? ? 0.114 0.037 ? 3  1 0.997 ? ? 
3.170 3.230  ? ? ? ? ? ? 203 89.000  ? ? ? ? 0.130 ? ? ? ? ? ? ? ? 7.500  ? 0.769 ? ? 0.139 0.047 ? 4  1 0.999 ? ? 
3.230 3.300  ? ? ? ? ? ? 233 97.500  ? ? ? ? 0.109 ? ? ? ? ? ? ? ? 8.000  ? 0.823 ? ? 0.116 0.038 ? 5  1 0.998 ? ? 
3.300 3.380  ? ? ? ? ? ? 238 100.000 ? ? ? ? 0.107 ? ? ? ? ? ? ? ? 8.400  ? 0.847 ? ? 0.114 0.038 ? 6  1 0.998 ? ? 
3.380 3.460  ? ? ? ? ? ? 231 100.000 ? ? ? ? 0.100 ? ? ? ? ? ? ? ? 9.800  ? 0.939 ? ? 0.105 0.032 ? 7  1 0.998 ? ? 
3.460 3.560  ? ? ? ? ? ? 233 100.000 ? ? ? ? 0.103 ? ? ? ? ? ? ? ? 10.200 ? 0.821 ? ? 0.108 0.033 ? 8  1 0.998 ? ? 
3.560 3.660  ? ? ? ? ? ? 249 100.000 ? ? ? ? 0.152 ? ? ? ? ? ? ? ? 10.300 ? 0.755 ? ? 0.160 0.049 ? 9  1 0.998 ? ? 
3.660 3.780  ? ? ? ? ? ? 235 100.000 ? ? ? ? 0.161 ? ? ? ? ? ? ? ? 10.300 ? 0.996 ? ? 0.170 0.052 ? 10 1 0.996 ? ? 
3.780 3.910  ? ? ? ? ? ? 244 100.000 ? ? ? ? 0.177 ? ? ? ? ? ? ? ? 10.000 ? 0.910 ? ? 0.187 0.060 ? 11 1 0.994 ? ? 
3.910 4.070  ? ? ? ? ? ? 241 100.000 ? ? ? ? 0.116 ? ? ? ? ? ? ? ? 10.000 ? 1.099 ? ? 0.122 0.038 ? 12 1 0.997 ? ? 
4.070 4.260  ? ? ? ? ? ? 237 100.000 ? ? ? ? 0.103 ? ? ? ? ? ? ? ? 10.200 ? 1.317 ? ? 0.108 0.034 ? 13 1 0.997 ? ? 
4.260 4.480  ? ? ? ? ? ? 237 100.000 ? ? ? ? 0.099 ? ? ? ? ? ? ? ? 10.800 ? 1.309 ? ? 0.103 0.031 ? 14 1 0.996 ? ? 
4.480 4.760  ? ? ? ? ? ? 241 100.000 ? ? ? ? 0.105 ? ? ? ? ? ? ? ? 10.800 ? 1.731 ? ? 0.110 0.034 ? 15 1 0.993 ? ? 
4.760 5.130  ? ? ? ? ? ? 242 100.000 ? ? ? ? 0.090 ? ? ? ? ? ? ? ? 10.300 ? 2.361 ? ? 0.095 0.030 ? 16 1 0.996 ? ? 
5.130 5.640  ? ? ? ? ? ? 234 100.000 ? ? ? ? 0.079 ? ? ? ? ? ? ? ? 10.200 ? 3.290 ? ? 0.084 0.026 ? 17 1 0.998 ? ? 
5.640 6.460  ? ? ? ? ? ? 230 100.000 ? ? ? ? 0.070 ? ? ? ? ? ? ? ? 11.000 ? 3.350 ? ? 0.073 0.022 ? 18 1 0.997 ? ? 
6.460 8.130  ? ? ? ? ? ? 241 100.000 ? ? ? ? 0.057 ? ? ? ? ? ? ? ? 10.300 ? 3.421 ? ? 0.060 0.019 ? 19 1 0.998 ? ? 
8.130 50.000 ? ? ? ? ? ? 241 100.000 ? ? ? ? 0.061 ? ? ? ? ? ? ? ? 10.400 ? 3.975 ? ? 0.064 0.021 ? 20 1 0.992 ? ? 
# 
_refine.aniso_B[1][1]                            ? 
_refine.aniso_B[1][2]                            ? 
_refine.aniso_B[1][3]                            ? 
_refine.aniso_B[2][2]                            ? 
_refine.aniso_B[2][3]                            ? 
_refine.aniso_B[3][3]                            ? 
_refine.B_iso_max                                148.750 
_refine.B_iso_mean                               92.8821 
_refine.B_iso_min                                49.540 
_refine.correlation_coeff_Fo_to_Fc               ? 
_refine.correlation_coeff_Fo_to_Fc_free          ? 
_refine.details                                  ? 
_refine.diff_density_max                         ? 
_refine.diff_density_max_esd                     ? 
_refine.diff_density_min                         ? 
_refine.diff_density_min_esd                     ? 
_refine.diff_density_rms                         ? 
_refine.diff_density_rms_esd                     ? 
_refine.entry_id                                 7JI6 
_refine.pdbx_refine_id                           'X-RAY DIFFRACTION' 
_refine.ls_abs_structure_details                 ? 
_refine.ls_abs_structure_Flack                   ? 
_refine.ls_abs_structure_Flack_esd               ? 
_refine.ls_abs_structure_Rogers                  ? 
_refine.ls_abs_structure_Rogers_esd              ? 
_refine.ls_d_res_high                            3.0050 
_refine.ls_d_res_low                             45.3270 
_refine.ls_extinction_coef                       ? 
_refine.ls_extinction_coef_esd                   ? 
_refine.ls_extinction_expression                 ? 
_refine.ls_extinction_method                     ? 
_refine.ls_goodness_of_fit_all                   ? 
_refine.ls_goodness_of_fit_all_esd               ? 
_refine.ls_goodness_of_fit_obs                   ? 
_refine.ls_goodness_of_fit_obs_esd               ? 
_refine.ls_hydrogen_treatment                    ? 
_refine.ls_matrix_type                           ? 
_refine.ls_number_constraints                    ? 
_refine.ls_number_parameters                     ? 
_refine.ls_number_reflns_all                     ? 
_refine.ls_number_reflns_obs                     4470 
_refine.ls_number_reflns_R_free                  218 
_refine.ls_number_reflns_R_work                  4252 
_refine.ls_number_restraints                     ? 
_refine.ls_percent_reflns_obs                    93.8100 
_refine.ls_percent_reflns_R_free                 4.8800 
_refine.ls_R_factor_all                          ? 
_refine.ls_R_factor_obs                          0.2098 
_refine.ls_R_factor_R_free                       0.2416 
_refine.ls_R_factor_R_free_error                 ? 
_refine.ls_R_factor_R_free_error_details         ? 
_refine.ls_R_factor_R_work                       0.2081 
_refine.ls_R_Fsqd_factor_obs                     ? 
_refine.ls_R_I_factor_obs                        ? 
_refine.ls_redundancy_reflns_all                 ? 
_refine.ls_redundancy_reflns_obs                 ? 
_refine.ls_restrained_S_all                      ? 
_refine.ls_restrained_S_obs                      ? 
_refine.ls_shift_over_esd_max                    ? 
_refine.ls_shift_over_esd_mean                   ? 
_refine.ls_structure_factor_coef                 ? 
_refine.ls_weighting_details                     ? 
_refine.ls_weighting_scheme                      ? 
_refine.ls_wR_factor_all                         ? 
_refine.ls_wR_factor_obs                         ? 
_refine.ls_wR_factor_R_free                      ? 
_refine.ls_wR_factor_R_work                      ? 
_refine.occupancy_max                            ? 
_refine.occupancy_min                            ? 
_refine.solvent_model_details                    'FLAT BULK SOLVENT MODEL' 
_refine.solvent_model_param_bsol                 ? 
_refine.solvent_model_param_ksol                 ? 
_refine.pdbx_R_complete                          ? 
_refine.ls_R_factor_gt                           ? 
_refine.ls_goodness_of_fit_gt                    ? 
_refine.ls_goodness_of_fit_ref                   ? 
_refine.ls_shift_over_su_max                     ? 
_refine.ls_shift_over_su_max_lt                  ? 
_refine.ls_shift_over_su_mean                    ? 
_refine.ls_shift_over_su_mean_lt                 ? 
_refine.pdbx_ls_sigma_I                          ? 
_refine.pdbx_ls_sigma_F                          2.050 
_refine.pdbx_ls_sigma_Fsqd                       ? 
_refine.pdbx_data_cutoff_high_absF               ? 
_refine.pdbx_data_cutoff_high_rms_absF           ? 
_refine.pdbx_data_cutoff_low_absF                ? 
_refine.pdbx_isotropic_thermal_model             ? 
_refine.pdbx_ls_cross_valid_method               THROUGHOUT 
_refine.pdbx_method_to_determine_struct          'MOLECULAR REPLACEMENT' 
_refine.pdbx_starting_model                      6XNA 
_refine.pdbx_stereochemistry_target_values       ML 
_refine.pdbx_R_Free_selection_details            ? 
_refine.pdbx_stereochem_target_val_spec_case     ? 
_refine.pdbx_overall_ESU_R                       ? 
_refine.pdbx_overall_ESU_R_Free                  ? 
_refine.pdbx_solvent_vdw_probe_radii             1.1100 
_refine.pdbx_solvent_ion_probe_radii             ? 
_refine.pdbx_solvent_shrinkage_radii             0.9000 
_refine.pdbx_real_space_R                        ? 
_refine.pdbx_density_correlation                 ? 
_refine.pdbx_pd_number_of_powder_patterns        ? 
_refine.pdbx_pd_number_of_points                 ? 
_refine.pdbx_pd_meas_number_of_points            ? 
_refine.pdbx_pd_proc_ls_prof_R_factor            ? 
_refine.pdbx_pd_proc_ls_prof_wR_factor           ? 
_refine.pdbx_pd_Marquardt_correlation_coeff      ? 
_refine.pdbx_pd_Fsqrd_R_factor                   ? 
_refine.pdbx_pd_ls_matrix_band_width             ? 
_refine.pdbx_overall_phase_error                 29.9900 
_refine.pdbx_overall_SU_R_free_Cruickshank_DPI   ? 
_refine.pdbx_overall_SU_R_free_Blow_DPI          ? 
_refine.pdbx_overall_SU_R_Blow_DPI               ? 
_refine.pdbx_TLS_residual_ADP_flag               ? 
_refine.pdbx_diffrn_id                           1 
_refine.overall_SU_B                             ? 
_refine.overall_SU_ML                            0.1500 
_refine.overall_SU_R_Cruickshank_DPI             ? 
_refine.overall_SU_R_free                        ? 
_refine.overall_FOM_free_R_set                   ? 
_refine.overall_FOM_work_R_set                   ? 
_refine.pdbx_average_fsc_overall                 ? 
_refine.pdbx_average_fsc_work                    ? 
_refine.pdbx_average_fsc_free                    ? 
# 
_refine_hist.pdbx_refine_id                   'X-RAY DIFFRACTION' 
_refine_hist.cycle_id                         final 
_refine_hist.details                          ? 
_refine_hist.d_res_high                       3.0050 
_refine_hist.d_res_low                        45.3270 
_refine_hist.number_atoms_solvent             0 
_refine_hist.number_atoms_total               856 
_refine_hist.number_reflns_all                ? 
_refine_hist.number_reflns_obs                ? 
_refine_hist.number_reflns_R_free             ? 
_refine_hist.number_reflns_R_work             ? 
_refine_hist.R_factor_all                     ? 
_refine_hist.R_factor_obs                     ? 
_refine_hist.R_factor_R_free                  ? 
_refine_hist.R_factor_R_work                  ? 
_refine_hist.pdbx_number_residues_total       42 
_refine_hist.pdbx_B_iso_mean_ligand           120.32 
_refine_hist.pdbx_B_iso_mean_solvent          ? 
_refine_hist.pdbx_number_atoms_protein        0 
_refine_hist.pdbx_number_atoms_nucleic_acid   855 
_refine_hist.pdbx_number_atoms_ligand         1 
_refine_hist.pdbx_number_atoms_lipid          ? 
_refine_hist.pdbx_number_atoms_carb           ? 
_refine_hist.pdbx_pseudo_atom_details         ? 
# 
loop_
_refine_ls_restr.pdbx_refine_id 
_refine_ls_restr.criterion 
_refine_ls_restr.dev_ideal 
_refine_ls_restr.dev_ideal_target 
_refine_ls_restr.number 
_refine_ls_restr.rejects 
_refine_ls_restr.type 
_refine_ls_restr.weight 
_refine_ls_restr.pdbx_restraint_function 
'X-RAY DIFFRACTION' ? 0.007  ? 956  ? f_bond_d           ? ? 
'X-RAY DIFFRACTION' ? 0.882  ? 1467 ? f_angle_d          ? ? 
'X-RAY DIFFRACTION' ? 0.044  ? 166  ? f_chiral_restr     ? ? 
'X-RAY DIFFRACTION' ? 0.005  ? 42   ? f_plane_restr      ? ? 
'X-RAY DIFFRACTION' ? 33.327 ? 406  ? f_dihedral_angle_d ? ? 
# 
loop_
_refine_ls_shell.pdbx_refine_id 
_refine_ls_shell.d_res_high 
_refine_ls_shell.d_res_low 
_refine_ls_shell.number_reflns_all 
_refine_ls_shell.number_reflns_obs 
_refine_ls_shell.number_reflns_R_free 
_refine_ls_shell.number_reflns_R_work 
_refine_ls_shell.percent_reflns_obs 
_refine_ls_shell.percent_reflns_R_free 
_refine_ls_shell.R_factor_all 
_refine_ls_shell.R_factor_obs 
_refine_ls_shell.R_factor_R_free 
_refine_ls_shell.R_factor_R_free_error 
_refine_ls_shell.R_factor_R_work 
_refine_ls_shell.redundancy_reflns_all 
_refine_ls_shell.redundancy_reflns_obs 
_refine_ls_shell.wR_factor_all 
_refine_ls_shell.wR_factor_obs 
_refine_ls_shell.wR_factor_R_free 
_refine_ls_shell.wR_factor_R_work 
_refine_ls_shell.pdbx_R_complete 
_refine_ls_shell.pdbx_total_number_of_bins_used 
_refine_ls_shell.pdbx_phase_error 
_refine_ls_shell.pdbx_fsc_work 
_refine_ls_shell.pdbx_fsc_free 
'X-RAY DIFFRACTION' 3.0050 3.7857 . . 99  1989 88.0000  . . . 0.3216 0.0000 0.2929 . . . . . . . . . . . 
'X-RAY DIFFRACTION' 3.7857 45.327 . . 119 2263 100.0000 . . . 0.2217 0.0000 0.1869 . . . . . . . . . . . 
# 
_struct.entry_id                     7JI6 
_struct.title                        
;Self-assembly of a 3D DNA crystal lattice (4x6 scramble junction version) containing the J34 immobile Holliday junction with R3 symmetry
;
_struct.pdbx_model_details           ? 
_struct.pdbx_formula_weight          ? 
_struct.pdbx_formula_weight_method   ? 
_struct.pdbx_model_type_details      ? 
_struct.pdbx_CASP_flag               N 
# 
_struct_keywords.entry_id        7JI6 
_struct_keywords.text            
'Structural DNA nanotechnology, immobile Holliday junctions, 3D DNA self-assembly, designer DNA crystals, DNA' 
_struct_keywords.pdbx_keywords   DNA 
# 
loop_
_struct_asym.id 
_struct_asym.pdbx_blank_PDB_chainid_flag 
_struct_asym.pdbx_modified 
_struct_asym.entity_id 
_struct_asym.details 
A N N 1 ? 
B N N 2 ? 
C N N 3 ? 
D N N 4 ? 
E N N 5 ? 
# 
loop_
_struct_conn.id 
_struct_conn.conn_type_id 
_struct_conn.pdbx_leaving_atom_flag 
_struct_conn.pdbx_PDB_id 
_struct_conn.ptnr1_label_asym_id 
_struct_conn.ptnr1_label_comp_id 
_struct_conn.ptnr1_label_seq_id 
_struct_conn.ptnr1_label_atom_id 
_struct_conn.pdbx_ptnr1_label_alt_id 
_struct_conn.pdbx_ptnr1_PDB_ins_code 
_struct_conn.pdbx_ptnr1_standard_comp_id 
_struct_conn.ptnr1_symmetry 
_struct_conn.ptnr2_label_asym_id 
_struct_conn.ptnr2_label_comp_id 
_struct_conn.ptnr2_label_seq_id 
_struct_conn.ptnr2_label_atom_id 
_struct_conn.pdbx_ptnr2_label_alt_id 
_struct_conn.pdbx_ptnr2_PDB_ins_code 
_struct_conn.ptnr1_auth_asym_id 
_struct_conn.ptnr1_auth_comp_id 
_struct_conn.ptnr1_auth_seq_id 
_struct_conn.ptnr2_auth_asym_id 
_struct_conn.ptnr2_auth_comp_id 
_struct_conn.ptnr2_auth_seq_id 
_struct_conn.ptnr2_symmetry 
_struct_conn.pdbx_ptnr3_label_atom_id 
_struct_conn.pdbx_ptnr3_label_seq_id 
_struct_conn.pdbx_ptnr3_label_comp_id 
_struct_conn.pdbx_ptnr3_label_asym_id 
_struct_conn.pdbx_ptnr3_label_alt_id 
_struct_conn.pdbx_ptnr3_PDB_ins_code 
_struct_conn.details 
_struct_conn.pdbx_dist_value 
_struct_conn.pdbx_value_order 
_struct_conn.pdbx_role 
hydrog1  hydrog ? ? A DA 2  N6 ? ? ? 1_555 D DT 15 O4 ? ? A DA 2  D DT 16 1_555 ? ? ? ? ? ? 'DA-DT PAIR' ? ? ? 
hydrog2  hydrog ? ? A DA 3  N1 ? ? ? 1_555 D DT 15 N3 ? ? A DA 3  D DT 16 1_555 ? ? ? ? ? ? WATSON-CRICK ? ? ? 
hydrog3  hydrog ? ? A DA 3  N6 ? ? ? 1_555 D DT 15 O4 ? ? A DA 3  D DT 16 1_555 ? ? ? ? ? ? WATSON-CRICK ? ? ? 
hydrog4  hydrog ? ? A DC 4  N3 ? ? ? 1_555 D DG 14 N1 ? ? A DC 4  D DG 15 1_555 ? ? ? ? ? ? WATSON-CRICK ? ? ? 
hydrog5  hydrog ? ? A DC 4  N4 ? ? ? 1_555 D DG 14 O6 ? ? A DC 4  D DG 15 1_555 ? ? ? ? ? ? WATSON-CRICK ? ? ? 
hydrog6  hydrog ? ? A DC 4  O2 ? ? ? 1_555 D DG 14 N2 ? ? A DC 4  D DG 15 1_555 ? ? ? ? ? ? WATSON-CRICK ? ? ? 
hydrog7  hydrog ? ? A DG 5  N1 ? ? ? 1_555 D DC 13 N3 ? ? A DG 5  D DC 14 1_555 ? ? ? ? ? ? WATSON-CRICK ? ? ? 
hydrog8  hydrog ? ? A DG 5  N2 ? ? ? 1_555 D DC 13 O2 ? ? A DG 5  D DC 14 1_555 ? ? ? ? ? ? WATSON-CRICK ? ? ? 
hydrog9  hydrog ? ? A DG 5  O6 ? ? ? 1_555 D DC 13 N4 ? ? A DG 5  D DC 14 1_555 ? ? ? ? ? ? WATSON-CRICK ? ? ? 
hydrog10 hydrog ? ? A DA 6  N1 ? ? ? 1_555 D DT 12 N3 ? ? A DA 6  D DT 13 1_555 ? ? ? ? ? ? WATSON-CRICK ? ? ? 
hydrog11 hydrog ? ? A DA 6  N6 ? ? ? 1_555 D DT 12 O4 ? ? A DA 6  D DT 13 1_555 ? ? ? ? ? ? WATSON-CRICK ? ? ? 
hydrog12 hydrog ? ? A DC 7  N3 ? ? ? 1_555 D DG 11 N1 ? ? A DC 7  D DG 12 1_555 ? ? ? ? ? ? WATSON-CRICK ? ? ? 
hydrog13 hydrog ? ? A DC 7  N4 ? ? ? 1_555 D DG 11 O6 ? ? A DC 7  D DG 12 1_555 ? ? ? ? ? ? WATSON-CRICK ? ? ? 
hydrog14 hydrog ? ? A DC 7  O2 ? ? ? 1_555 D DG 11 N2 ? ? A DC 7  D DG 12 1_555 ? ? ? ? ? ? WATSON-CRICK ? ? ? 
hydrog15 hydrog ? ? A DA 8  N1 ? ? ? 1_555 D DT 10 N3 ? ? A DA 8  D DT 11 1_555 ? ? ? ? ? ? WATSON-CRICK ? ? ? 
hydrog16 hydrog ? ? A DA 8  N6 ? ? ? 1_555 D DT 10 O4 ? ? A DA 8  D DT 11 1_555 ? ? ? ? ? ? WATSON-CRICK ? ? ? 
hydrog17 hydrog ? ? A DA 9  N1 ? ? ? 1_555 D DT 9  N3 ? ? A DA 9  D DT 10 1_555 ? ? ? ? ? ? WATSON-CRICK ? ? ? 
hydrog18 hydrog ? ? A DA 9  N6 ? ? ? 1_555 D DT 9  O4 ? ? A DA 9  D DT 10 1_555 ? ? ? ? ? ? WATSON-CRICK ? ? ? 
hydrog19 hydrog ? ? A DA 10 N1 ? ? ? 1_555 C DT 3  N3 ? ? A DA 10 C DT 2  1_555 ? ? ? ? ? ? WATSON-CRICK ? ? ? 
hydrog20 hydrog ? ? A DA 10 N6 ? ? ? 1_555 C DT 3  O4 ? ? A DA 10 C DT 2  1_555 ? ? ? ? ? ? WATSON-CRICK ? ? ? 
hydrog21 hydrog ? ? A DG 11 N1 ? ? ? 1_555 C DC 2  N3 ? ? A DG 11 C DC 1  1_555 ? ? ? ? ? ? WATSON-CRICK ? ? ? 
hydrog22 hydrog ? ? A DG 11 N2 ? ? ? 1_555 C DC 2  O2 ? ? A DG 11 C DC 1  1_555 ? ? ? ? ? ? WATSON-CRICK ? ? ? 
hydrog23 hydrog ? ? A DG 11 O6 ? ? ? 1_555 C DC 2  N4 ? ? A DG 11 C DC 1  1_555 ? ? ? ? ? ? WATSON-CRICK ? ? ? 
hydrog24 hydrog ? ? A DA 12 N1 ? ? ? 1_555 C DT 1  N3 ? ? A DA 12 C DT 0  1_555 ? ? ? ? ? ? WATSON-CRICK ? ? ? 
hydrog25 hydrog ? ? A DA 12 N6 ? ? ? 1_555 C DT 1  O4 ? ? A DA 12 C DT 0  1_555 ? ? ? ? ? ? WATSON-CRICK ? ? ? 
hydrog26 hydrog ? ? B DC 1  N3 ? ? ? 1_555 C DG 6  N1 ? ? B DC 12 C DG 5  1_555 ? ? ? ? ? ? WATSON-CRICK ? ? ? 
hydrog27 hydrog ? ? B DC 1  N4 ? ? ? 1_555 C DG 6  O6 ? ? B DC 12 C DG 5  1_555 ? ? ? ? ? ? WATSON-CRICK ? ? ? 
hydrog28 hydrog ? ? B DC 1  O2 ? ? ? 1_555 C DG 6  N2 ? ? B DC 12 C DG 5  1_555 ? ? ? ? ? ? WATSON-CRICK ? ? ? 
hydrog29 hydrog ? ? B DG 2  N1 ? ? ? 1_555 C DC 5  N3 ? ? B DG 13 C DC 4  1_555 ? ? ? ? ? ? WATSON-CRICK ? ? ? 
hydrog30 hydrog ? ? B DG 2  N2 ? ? ? 1_555 C DC 5  O2 ? ? B DG 13 C DC 4  1_555 ? ? ? ? ? ? WATSON-CRICK ? ? ? 
hydrog31 hydrog ? ? B DG 2  O6 ? ? ? 1_555 C DC 5  N4 ? ? B DG 13 C DC 4  1_555 ? ? ? ? ? ? WATSON-CRICK ? ? ? 
hydrog32 hydrog ? ? B DT 3  N3 ? ? ? 1_555 C DA 4  N1 ? ? B DT 14 C DA 3  1_555 ? ? ? ? ? ? WATSON-CRICK ? ? ? 
hydrog33 hydrog ? ? B DT 3  O4 ? ? ? 1_555 C DA 4  N6 ? ? B DT 14 C DA 3  1_555 ? ? ? ? ? ? WATSON-CRICK ? ? ? 
hydrog34 hydrog ? ? B DC 4  N3 ? ? ? 1_555 D DG 8  N1 ? ? B DC 15 D DG 9  1_555 ? ? ? ? ? ? WATSON-CRICK ? ? ? 
hydrog35 hydrog ? ? B DC 4  N4 ? ? ? 1_555 D DG 8  O6 ? ? B DC 15 D DG 9  1_555 ? ? ? ? ? ? WATSON-CRICK ? ? ? 
hydrog36 hydrog ? ? B DC 4  O2 ? ? ? 1_555 D DG 8  N2 ? ? B DC 15 D DG 9  1_555 ? ? ? ? ? ? WATSON-CRICK ? ? ? 
hydrog37 hydrog ? ? B DG 5  N1 ? ? ? 1_555 D DC 7  N3 ? ? B DG 16 D DC 8  1_555 ? ? ? ? ? ? WATSON-CRICK ? ? ? 
hydrog38 hydrog ? ? B DG 5  N2 ? ? ? 1_555 D DC 7  O2 ? ? B DG 16 D DC 8  1_555 ? ? ? ? ? ? WATSON-CRICK ? ? ? 
hydrog39 hydrog ? ? B DG 5  O6 ? ? ? 1_555 D DC 7  N4 ? ? B DG 16 D DC 8  1_555 ? ? ? ? ? ? WATSON-CRICK ? ? ? 
hydrog40 hydrog ? ? B DA 6  N1 ? ? ? 1_555 D DT 6  N3 ? ? B DA 17 D DT 7  1_555 ? ? ? ? ? ? WATSON-CRICK ? ? ? 
hydrog41 hydrog ? ? B DA 6  N6 ? ? ? 1_555 D DT 6  O4 ? ? B DA 17 D DT 7  1_555 ? ? ? ? ? ? WATSON-CRICK ? ? ? 
hydrog42 hydrog ? ? B DC 7  N3 ? ? ? 1_555 D DG 5  N1 ? ? B DC 18 D DG 6  1_555 ? ? ? ? ? ? WATSON-CRICK ? ? ? 
hydrog43 hydrog ? ? B DC 7  N4 ? ? ? 1_555 D DG 5  O6 ? ? B DC 18 D DG 6  1_555 ? ? ? ? ? ? WATSON-CRICK ? ? ? 
hydrog44 hydrog ? ? B DC 7  O2 ? ? ? 1_555 D DG 5  N2 ? ? B DC 18 D DG 6  1_555 ? ? ? ? ? ? WATSON-CRICK ? ? ? 
hydrog45 hydrog ? ? B DT 8  N3 ? ? ? 1_555 D DA 4  N1 ? ? B DT 19 D DA 5  1_555 ? ? ? ? ? ? WATSON-CRICK ? ? ? 
hydrog46 hydrog ? ? B DT 8  O4 ? ? ? 1_555 D DA 4  N6 ? ? B DT 19 D DA 5  1_555 ? ? ? ? ? ? WATSON-CRICK ? ? ? 
hydrog47 hydrog ? ? B DC 9  N3 ? ? ? 1_555 D DG 3  N1 ? ? B DC 20 D DG 4  1_555 ? ? ? ? ? ? WATSON-CRICK ? ? ? 
hydrog48 hydrog ? ? B DC 9  N4 ? ? ? 1_555 D DG 3  O6 ? ? B DC 20 D DG 4  1_555 ? ? ? ? ? ? WATSON-CRICK ? ? ? 
hydrog49 hydrog ? ? B DC 9  O2 ? ? ? 1_555 D DG 3  N2 ? ? B DC 20 D DG 4  1_555 ? ? ? ? ? ? WATSON-CRICK ? ? ? 
# 
_struct_conn_type.id          hydrog 
_struct_conn_type.criteria    ? 
_struct_conn_type.reference   ? 
# 
_atom_sites.entry_id                    7JI6 
_atom_sites.Cartn_transf_matrix[1][1]   ? 
_atom_sites.Cartn_transf_matrix[1][2]   ? 
_atom_sites.Cartn_transf_matrix[1][3]   ? 
_atom_sites.Cartn_transf_matrix[2][1]   ? 
_atom_sites.Cartn_transf_matrix[2][2]   ? 
_atom_sites.Cartn_transf_matrix[2][3]   ? 
_atom_sites.Cartn_transf_matrix[3][1]   ? 
_atom_sites.Cartn_transf_matrix[3][2]   ? 
_atom_sites.Cartn_transf_matrix[3][3]   ? 
_atom_sites.Cartn_transf_vector[1]      ? 
_atom_sites.Cartn_transf_vector[2]      ? 
_atom_sites.Cartn_transf_vector[3]      ? 
_atom_sites.fract_transf_matrix[1][1]   0.00133651 
_atom_sites.fract_transf_matrix[1][2]   0.00626194 
_atom_sites.fract_transf_matrix[1][3]   -0.00810443 
_atom_sites.fract_transf_matrix[2][1]   -0.00812811 
_atom_sites.fract_transf_matrix[2][2]   0.00474391 
_atom_sites.fract_transf_matrix[2][3]   -0.00425646 
_atom_sites.fract_transf_matrix[3][1]   0.00248834 
_atom_sites.fract_transf_matrix[3][2]   0.01509976 
_atom_sites.fract_transf_matrix[3][3]   0.01207727 
_atom_sites.fract_transf_vector[1]      0.321647 
_atom_sites.fract_transf_vector[2]      0.159993 
_atom_sites.fract_transf_vector[3]      -0.097910 
_atom_sites.solution_primary            ? 
_atom_sites.solution_secondary          ? 
_atom_sites.solution_hydrogens          ? 
_atom_sites.special_details             ? 
# 
loop_
_atom_type.symbol 
AS 
C  
N  
O  
P  
# 
loop_
_atom_site.group_PDB 
_atom_site.id 
_atom_site.type_symbol 
_atom_site.label_atom_id 
_atom_site.label_alt_id 
_atom_site.label_comp_id 
_atom_site.label_asym_id 
_atom_site.label_entity_id 
_atom_site.label_seq_id 
_atom_site.pdbx_PDB_ins_code 
_atom_site.Cartn_x 
_atom_site.Cartn_y 
_atom_site.Cartn_z 
_atom_site.occupancy 
_atom_site.B_iso_or_equiv 
_atom_site.pdbx_formal_charge 
_atom_site.auth_seq_id 
_atom_site.auth_comp_id 
_atom_site.auth_asym_id 
_atom_site.auth_atom_id 
_atom_site.pdbx_PDB_model_num 
ATOM   1   O  "O5'" . DG  A 1 1  ? -8.017  7.562   24.449  1.00 116.69 ? 1   DG  A "O5'" 1 
ATOM   2   C  "C5'" . DG  A 1 1  ? -8.774  8.672   23.989  1.00 122.42 ? 1   DG  A "C5'" 1 
ATOM   3   C  "C4'" . DG  A 1 1  ? -10.134 8.222   23.495  1.00 121.18 ? 1   DG  A "C4'" 1 
ATOM   4   O  "O4'" . DG  A 1 1  ? -10.971 9.368   23.278  1.00 116.27 ? 1   DG  A "O4'" 1 
ATOM   5   C  "C3'" . DG  A 1 1  ? -10.125 7.509   22.159  1.00 121.14 ? 1   DG  A "C3'" 1 
ATOM   6   O  "O3'" . DG  A 1 1  ? -9.889  6.129   22.356  1.00 126.12 ? 1   DG  A "O3'" 1 
ATOM   7   C  "C2'" . DG  A 1 1  ? -11.539 7.758   21.623  1.00 116.90 ? 1   DG  A "C2'" 1 
ATOM   8   C  "C1'" . DG  A 1 1  ? -11.993 9.015   22.371  1.00 114.82 ? 1   DG  A "C1'" 1 
ATOM   9   N  N9    . DG  A 1 1  ? -12.259 10.163  21.514  1.00 104.82 ? 1   DG  A N9    1 
ATOM   10  C  C8    . DG  A 1 1  ? -11.765 11.431  21.679  1.00 104.37 ? 1   DG  A C8    1 
ATOM   11  N  N7    . DG  A 1 1  ? -12.183 12.274  20.781  1.00 103.33 ? 1   DG  A N7    1 
ATOM   12  C  C5    . DG  A 1 1  ? -13.009 11.521  19.963  1.00 98.84  ? 1   DG  A C5    1 
ATOM   13  C  C6    . DG  A 1 1  ? -13.739 11.906  18.820  1.00 98.82  ? 1   DG  A C6    1 
ATOM   14  O  O6    . DG  A 1 1  ? -13.795 13.024  18.292  1.00 99.19  ? 1   DG  A O6    1 
ATOM   15  N  N1    . DG  A 1 1  ? -14.455 10.839  18.279  1.00 95.72  ? 1   DG  A N1    1 
ATOM   16  C  C2    . DG  A 1 1  ? -14.460 9.562   18.782  1.00 100.50 ? 1   DG  A C2    1 
ATOM   17  N  N2    . DG  A 1 1  ? -15.213 8.668   18.122  1.00 96.76  ? 1   DG  A N2    1 
ATOM   18  N  N3    . DG  A 1 1  ? -13.776 9.185   19.862  1.00 103.56 ? 1   DG  A N3    1 
ATOM   19  C  C4    . DG  A 1 1  ? -13.073 10.216  20.399  1.00 100.54 ? 1   DG  A C4    1 
ATOM   20  P  P     . DA  A 1 2  ? -8.733  5.395   21.524  1.00 142.32 ? 2   DA  A P     1 
ATOM   21  O  OP1   . DA  A 1 2  ? -7.564  5.282   22.427  1.00 146.17 ? 2   DA  A OP1   1 
ATOM   22  O  OP2   . DA  A 1 2  ? -8.599  6.112   20.235  1.00 127.58 ? 2   DA  A OP2   1 
ATOM   23  O  "O5'" . DA  A 1 2  ? -9.317  3.928   21.244  1.00 134.66 ? 2   DA  A "O5'" 1 
ATOM   24  C  "C5'" . DA  A 1 2  ? -10.720 3.727   21.107  1.00 129.42 ? 2   DA  A "C5'" 1 
ATOM   25  C  "C4'" . DA  A 1 2  ? -11.179 3.962   19.673  1.00 128.17 ? 2   DA  A "C4'" 1 
ATOM   26  O  "O4'" . DA  A 1 2  ? -11.429 5.359   19.458  1.00 118.04 ? 2   DA  A "O4'" 1 
ATOM   27  C  "C3'" . DA  A 1 2  ? -10.187 3.553   18.582  1.00 127.51 ? 2   DA  A "C3'" 1 
ATOM   28  O  "O3'" . DA  A 1 2  ? -10.639 2.359   17.955  1.00 131.62 ? 2   DA  A "O3'" 1 
ATOM   29  C  "C2'" . DA  A 1 2  ? -10.174 4.747   17.603  1.00 118.10 ? 2   DA  A "C2'" 1 
ATOM   30  C  "C1'" . DA  A 1 2  ? -11.333 5.604   18.087  1.00 113.55 ? 2   DA  A "C1'" 1 
ATOM   31  N  N9    . DA  A 1 2  ? -11.136 7.035   17.905  1.00 113.00 ? 2   DA  A N9    1 
ATOM   32  C  C8    . DA  A 1 2  ? -10.319 7.851   18.633  1.00 111.36 ? 2   DA  A C8    1 
ATOM   33  N  N7    . DA  A 1 2  ? -10.357 9.108   18.263  1.00 107.75 ? 2   DA  A N7    1 
ATOM   34  C  C5    . DA  A 1 2  ? -11.266 9.117   17.220  1.00 107.08 ? 2   DA  A C5    1 
ATOM   35  C  C6    . DA  A 1 2  ? -11.751 10.150  16.396  1.00 105.40 ? 2   DA  A C6    1 
ATOM   36  N  N6    . DA  A 1 2  ? -11.361 11.423  16.506  1.00 105.49 ? 2   DA  A N6    1 
ATOM   37  N  N1    . DA  A 1 2  ? -12.654 9.823   15.450  1.00 102.72 ? 2   DA  A N1    1 
ATOM   38  C  C2    . DA  A 1 2  ? -13.042 8.546   15.343  1.00 105.33 ? 2   DA  A C2    1 
ATOM   39  N  N3    . DA  A 1 2  ? -12.656 7.490   16.058  1.00 104.62 ? 2   DA  A N3    1 
ATOM   40  C  C4    . DA  A 1 2  ? -11.760 7.847   16.988  1.00 108.65 ? 2   DA  A C4    1 
ATOM   41  P  P     . DA  A 1 3  ? -9.928  1.815   16.621  1.00 137.97 ? 3   DA  A P     1 
ATOM   42  O  OP1   . DA  A 1 3  ? -10.126 0.349   16.595  1.00 141.39 ? 3   DA  A OP1   1 
ATOM   43  O  OP2   . DA  A 1 3  ? -8.559  2.371   16.531  1.00 134.68 ? 3   DA  A OP2   1 
ATOM   44  O  "O5'" . DA  A 1 3  ? -10.798 2.447   15.448  1.00 119.04 ? 3   DA  A "O5'" 1 
ATOM   45  C  "C5'" . DA  A 1 3  ? -12.094 1.947   15.200  1.00 119.88 ? 3   DA  A "C5'" 1 
ATOM   46  C  "C4'" . DA  A 1 3  ? -12.502 2.197   13.763  1.00 122.37 ? 3   DA  A "C4'" 1 
ATOM   47  O  "O4'" . DA  A 1 3  ? -12.620 3.622   13.528  1.00 121.10 ? 3   DA  A "O4'" 1 
ATOM   48  C  "C3'" . DA  A 1 3  ? -11.533 1.680   12.712  1.00 121.98 ? 3   DA  A "C3'" 1 
ATOM   49  O  "O3'" . DA  A 1 3  ? -12.263 1.242   11.578  1.00 122.83 ? 3   DA  A "O3'" 1 
ATOM   50  C  "C2'" . DA  A 1 3  ? -10.672 2.906   12.396  1.00 116.89 ? 3   DA  A "C2'" 1 
ATOM   51  C  "C1'" . DA  A 1 3  ? -11.655 4.056   12.589  1.00 110.49 ? 3   DA  A "C1'" 1 
ATOM   52  N  N9    . DA  A 1 3  ? -11.042 5.263   13.128  1.00 106.85 ? 3   DA  A N9    1 
ATOM   53  C  C8    . DA  A 1 3  ? -10.221 5.350   14.217  1.00 113.92 ? 3   DA  A C8    1 
ATOM   54  N  N7    . DA  A 1 3  ? -9.830  6.573   14.490  1.00 110.54 ? 3   DA  A N7    1 
ATOM   55  C  C5    . DA  A 1 3  ? -10.449 7.344   13.522  1.00 99.40  ? 3   DA  A C5    1 
ATOM   56  C  C6    . DA  A 1 3  ? -10.442 8.729   13.264  1.00 101.28 ? 3   DA  A C6    1 
ATOM   57  N  N6    . DA  A 1 3  ? -9.755  9.611   13.998  1.00 103.59 ? 3   DA  A N6    1 
ATOM   58  N  N1    . DA  A 1 3  ? -11.170 9.174   12.215  1.00 101.02 ? 3   DA  A N1    1 
ATOM   59  C  C2    . DA  A 1 3  ? -11.853 8.285   11.484  1.00 100.78 ? 3   DA  A C2    1 
ATOM   60  N  N3    . DA  A 1 3  ? -11.935 6.962   11.631  1.00 101.16 ? 3   DA  A N3    1 
ATOM   61  C  C4    . DA  A 1 3  ? -11.205 6.553   12.678  1.00 100.64 ? 3   DA  A C4    1 
ATOM   62  P  P     . DC  A 1 4  ? -11.494 0.726   10.267  1.00 128.09 ? 4   DC  A P     1 
ATOM   63  O  OP1   . DC  A 1 4  ? -12.414 -0.174  9.534   1.00 117.81 ? 4   DC  A OP1   1 
ATOM   64  O  OP2   . DC  A 1 4  ? -10.165 0.228   10.695  1.00 121.00 ? 4   DC  A OP2   1 
ATOM   65  O  "O5'" . DC  A 1 4  ? -11.298 2.056   9.400   1.00 111.58 ? 4   DC  A "O5'" 1 
ATOM   66  C  "C5'" . DC  A 1 4  ? -12.404 2.898   9.175   1.00 106.07 ? 4   DC  A "C5'" 1 
ATOM   67  C  "C4'" . DC  A 1 4  ? -12.055 4.022   8.221   1.00 115.67 ? 4   DC  A "C4'" 1 
ATOM   68  O  "O4'" . DC  A 1 4  ? -11.553 5.158   8.955   1.00 116.36 ? 4   DC  A "O4'" 1 
ATOM   69  C  "C3'" . DC  A 1 4  ? -10.991 3.693   7.166   1.00 116.83 ? 4   DC  A "C3'" 1 
ATOM   70  O  "O3'" . DC  A 1 4  ? -11.542 3.892   5.867   1.00 125.66 ? 4   DC  A "O3'" 1 
ATOM   71  C  "C2'" . DC  A 1 4  ? -9.859  4.693   7.460   1.00 108.69 ? 4   DC  A "C2'" 1 
ATOM   72  C  "C1'" . DC  A 1 4  ? -10.617 5.814   8.147   1.00 104.44 ? 4   DC  A "C1'" 1 
ATOM   73  N  N1    . DC  A 1 4  ? -9.789  6.693   9.021   1.00 96.85  ? 4   DC  A N1    1 
ATOM   74  C  C2    . DC  A 1 4  ? -9.759  8.069   8.782   1.00 93.40  ? 4   DC  A C2    1 
ATOM   75  O  O2    . DC  A 1 4  ? -10.400 8.527   7.831   1.00 96.65  ? 4   DC  A O2    1 
ATOM   76  N  N3    . DC  A 1 4  ? -9.019  8.863   9.596   1.00 90.96  ? 4   DC  A N3    1 
ATOM   77  C  C4    . DC  A 1 4  ? -8.339  8.330   10.613  1.00 94.85  ? 4   DC  A C4    1 
ATOM   78  N  N4    . DC  A 1 4  ? -7.622  9.154   11.385  1.00 94.24  ? 4   DC  A N4    1 
ATOM   79  C  C5    . DC  A 1 4  ? -8.364  6.929   10.881  1.00 96.41  ? 4   DC  A C5    1 
ATOM   80  C  C6    . DC  A 1 4  ? -9.101  6.156   10.072  1.00 99.55  ? 4   DC  A C6    1 
ATOM   81  P  P     . DG  A 1 5  ? -10.737 3.419   4.559   1.00 128.63 ? 5   DG  A P     1 
ATOM   82  O  OP1   . DG  A 1 5  ? -11.712 2.925   3.562   1.00 121.58 ? 5   DG  A OP1   1 
ATOM   83  O  OP2   . DG  A 1 5  ? -9.646  2.529   5.018   1.00 124.54 ? 5   DG  A OP2   1 
ATOM   84  O  "O5'" . DG  A 1 5  ? -10.113 4.777   3.991   1.00 119.01 ? 5   DG  A "O5'" 1 
ATOM   85  C  "C5'" . DG  A 1 5  ? -10.973 5.773   3.461   1.00 110.20 ? 5   DG  A "C5'" 1 
ATOM   86  C  "C4'" . DG  A 1 5  ? -10.238 7.088   3.277   1.00 113.81 ? 5   DG  A "C4'" 1 
ATOM   87  O  "O4'" . DG  A 1 5  ? -9.682  7.521   4.545   1.00 112.30 ? 5   DG  A "O4'" 1 
ATOM   88  C  "C3'" . DG  A 1 5  ? -9.069  7.049   2.291   1.00 114.15 ? 5   DG  A "C3'" 1 
ATOM   89  O  "O3'" . DG  A 1 5  ? -9.134  8.176   1.444   1.00 119.97 ? 5   DG  A "O3'" 1 
ATOM   90  C  "C2'" . DG  A 1 5  ? -7.840  7.104   3.195   1.00 107.40 ? 5   DG  A "C2'" 1 
ATOM   91  C  "C1'" . DG  A 1 5  ? -8.358  7.950   4.341   1.00 104.76 ? 5   DG  A "C1'" 1 
ATOM   92  N  N9    . DG  A 1 5  ? -7.621  7.756   5.579   1.00 93.51  ? 5   DG  A N9    1 
ATOM   93  C  C8    . DG  A 1 5  ? -7.381  6.566   6.216   1.00 95.88  ? 5   DG  A C8    1 
ATOM   94  N  N7    . DG  A 1 5  ? -6.691  6.693   7.314   1.00 94.82  ? 5   DG  A N7    1 
ATOM   95  C  C5    . DG  A 1 5  ? -6.459  8.057   7.410   1.00 90.24  ? 5   DG  A C5    1 
ATOM   96  C  C6    . DG  A 1 5  ? -5.762  8.793   8.394   1.00 88.16  ? 5   DG  A C6    1 
ATOM   97  O  O6    . DG  A 1 5  ? -5.195  8.364   9.411   1.00 87.71  ? 5   DG  A O6    1 
ATOM   98  N  N1    . DG  A 1 5  ? -5.760  10.158  8.113   1.00 87.70  ? 5   DG  A N1    1 
ATOM   99  C  C2    . DG  A 1 5  ? -6.362  10.734  7.015   1.00 86.72  ? 5   DG  A C2    1 
ATOM   100 N  N2    . DG  A 1 5  ? -6.256  12.065  6.907   1.00 89.00  ? 5   DG  A N2    1 
ATOM   101 N  N3    . DG  A 1 5  ? -7.021  10.053  6.087   1.00 85.56  ? 5   DG  A N3    1 
ATOM   102 C  C4    . DG  A 1 5  ? -7.027  8.727   6.347   1.00 89.55  ? 5   DG  A C4    1 
ATOM   103 P  P     . DA  A 1 6  ? -8.175  8.284   0.161   1.00 132.97 ? 6   DA  A P     1 
ATOM   104 O  OP1   . DA  A 1 6  ? -9.033  8.588   -1.008  1.00 120.30 ? 6   DA  A OP1   1 
ATOM   105 O  OP2   . DA  A 1 6  ? -7.291  7.093   0.148   1.00 127.27 ? 6   DA  A OP2   1 
ATOM   106 O  "O5'" . DA  A 1 6  ? -7.271  9.564   0.470   1.00 115.89 ? 6   DA  A "O5'" 1 
ATOM   107 C  "C5'" . DA  A 1 6  ? -7.882  10.822  0.680   1.00 108.85 ? 6   DA  A "C5'" 1 
ATOM   108 C  "C4'" . DA  A 1 6  ? -6.839  11.870  1.000   1.00 110.90 ? 6   DA  A "C4'" 1 
ATOM   109 O  "O4'" . DA  A 1 6  ? -6.342  11.659  2.344   1.00 103.79 ? 6   DA  A "O4'" 1 
ATOM   110 C  "C3'" . DA  A 1 6  ? -5.631  11.867  0.070   1.00 113.81 ? 6   DA  A "C3'" 1 
ATOM   111 O  "O3'" . DA  A 1 6  ? -5.350  13.188  -0.377  1.00 120.67 ? 6   DA  A "O3'" 1 
ATOM   112 C  "C2'" . DA  A 1 6  ? -4.492  11.289  0.916   1.00 104.21 ? 6   DA  A "C2'" 1 
ATOM   113 C  "C1'" . DA  A 1 6  ? -4.936  11.546  2.352   1.00 96.13  ? 6   DA  A "C1'" 1 
ATOM   114 N  N9    . DA  A 1 6  ? -4.583  10.456  3.260   1.00 88.56  ? 6   DA  A N9    1 
ATOM   115 C  C8    . DA  A 1 6  ? -4.887  9.132   3.106   1.00 90.95  ? 6   DA  A C8    1 
ATOM   116 N  N7    . DA  A 1 6  ? -4.443  8.368   4.079   1.00 86.43  ? 6   DA  A N7    1 
ATOM   117 C  C5    . DA  A 1 6  ? -3.809  9.253   4.934   1.00 82.63  ? 6   DA  A C5    1 
ATOM   118 C  C6    . DA  A 1 6  ? -3.131  9.068   6.154   1.00 78.54  ? 6   DA  A C6    1 
ATOM   119 N  N6    . DA  A 1 6  ? -2.983  7.877   6.733   1.00 77.95  ? 6   DA  A N6    1 
ATOM   120 N  N1    . DA  A 1 6  ? -2.610  10.159  6.755   1.00 80.37  ? 6   DA  A N1    1 
ATOM   121 C  C2    . DA  A 1 6  ? -2.764  11.353  6.165   1.00 85.75  ? 6   DA  A C2    1 
ATOM   122 N  N3    . DA  A 1 6  ? -3.378  11.651  5.016   1.00 87.98  ? 6   DA  A N3    1 
ATOM   123 C  C4    . DA  A 1 6  ? -3.886  10.546  4.446   1.00 86.08  ? 6   DA  A C4    1 
ATOM   124 P  P     . DC  A 1 7  ? -4.213  13.444  -1.484  1.00 124.37 ? 7   DC  A P     1 
ATOM   125 O  OP1   . DC  A 1 7  ? -4.505  14.728  -2.159  1.00 117.18 ? 7   DC  A OP1   1 
ATOM   126 O  OP2   . DC  A 1 7  ? -4.092  12.213  -2.298  1.00 120.99 ? 7   DC  A OP2   1 
ATOM   127 O  "O5'" . DC  A 1 7  ? -2.883  13.616  -0.613  1.00 113.90 ? 7   DC  A "O5'" 1 
ATOM   128 C  "C5'" . DC  A 1 7  ? -2.876  14.529  0.470   1.00 109.35 ? 7   DC  A "C5'" 1 
ATOM   129 C  "C4'" . DC  A 1 7  ? -1.659  14.319  1.354   1.00 111.04 ? 7   DC  A "C4'" 1 
ATOM   130 O  "O4'" . DC  A 1 7  ? -1.808  13.120  2.131   1.00 110.43 ? 7   DC  A "O4'" 1 
ATOM   131 C  "C3'" . DC  A 1 7  ? -0.335  14.146  0.617   1.00 102.99 ? 7   DC  A "C3'" 1 
ATOM   132 O  "O3'" . DC  A 1 7  ? 0.377   15.373  0.640   1.00 110.81 ? 7   DC  A "O3'" 1 
ATOM   133 C  "C2'" . DC  A 1 7  ? 0.400   13.037  1.404   1.00 101.12 ? 7   DC  A "C2'" 1 
ATOM   134 C  "C1'" . DC  A 1 7  ? -0.530  12.763  2.581   1.00 96.51  ? 7   DC  A "C1'" 1 
ATOM   135 N  N1    . DC  A 1 7  ? -0.557  11.335  3.026   1.00 86.03  ? 7   DC  A N1    1 
ATOM   136 C  C2    . DC  A 1 7  ? -0.034  10.992  4.283   1.00 87.27  ? 7   DC  A C2    1 
ATOM   137 O  O2    . DC  A 1 7  ? 0.449   11.878  4.999   1.00 88.28  ? 7   DC  A O2    1 
ATOM   138 N  N3    . DC  A 1 7  ? -0.073  9.694   4.680   1.00 79.72  ? 7   DC  A N3    1 
ATOM   139 C  C4    . DC  A 1 7  ? -0.606  8.769   3.877   1.00 80.91  ? 7   DC  A C4    1 
ATOM   140 N  N4    . DC  A 1 7  ? -0.623  7.504   4.308   1.00 81.45  ? 7   DC  A N4    1 
ATOM   141 C  C5    . DC  A 1 7  ? -1.143  9.098   2.596   1.00 81.05  ? 7   DC  A C5    1 
ATOM   142 C  C6    . DC  A 1 7  ? -1.100  10.380  2.216   1.00 83.98  ? 7   DC  A C6    1 
ATOM   143 P  P     . DA  A 1 8  ? 1.908   15.453  0.152   1.00 127.87 ? 8   DA  A P     1 
ATOM   144 O  OP1   . DA  A 1 8  ? 2.119   16.831  -0.343  1.00 130.28 ? 8   DA  A OP1   1 
ATOM   145 O  OP2   . DA  A 1 8  ? 2.210   14.307  -0.741  1.00 117.49 ? 8   DA  A OP2   1 
ATOM   146 O  "O5'" . DA  A 1 8  ? 2.734   15.274  1.506   1.00 115.41 ? 8   DA  A "O5'" 1 
ATOM   147 C  "C5'" . DA  A 1 8  ? 2.292   15.940  2.676   1.00 111.30 ? 8   DA  A "C5'" 1 
ATOM   148 C  "C4'" . DA  A 1 8  ? 3.010   15.412  3.899   1.00 108.60 ? 8   DA  A "C4'" 1 
ATOM   149 O  "O4'" . DA  A 1 8  ? 2.642   14.026  4.123   1.00 103.96 ? 8   DA  A "O4'" 1 
ATOM   150 C  "C3'" . DA  A 1 8  ? 4.534   15.438  3.810   1.00 102.08 ? 8   DA  A "C3'" 1 
ATOM   151 O  "O3'" . DA  A 1 8  ? 5.065   15.907  5.029   1.00 108.13 ? 8   DA  A "O3'" 1 
ATOM   152 C  "C2'" . DA  A 1 8  ? 4.896   13.973  3.570   1.00 101.00 ? 8   DA  A "C2'" 1 
ATOM   153 C  "C1'" . DA  A 1 8  ? 3.807   13.274  4.363   1.00 95.29  ? 8   DA  A "C1'" 1 
ATOM   154 N  N9    . DA  A 1 8  ? 3.561   11.894  3.952   1.00 87.65  ? 8   DA  A N9    1 
ATOM   155 C  C8    . DA  A 1 8  ? 3.021   11.472  2.772   1.00 89.48  ? 8   DA  A C8    1 
ATOM   156 N  N7    . DA  A 1 8  ? 2.906   10.169  2.678   1.00 80.31  ? 8   DA  A N7    1 
ATOM   157 C  C5    . DA  A 1 8  ? 3.404   9.707   3.878   1.00 76.11  ? 8   DA  A C5    1 
ATOM   158 C  C6    . DA  A 1 8  ? 3.556   8.411   4.398   1.00 83.58  ? 8   DA  A C6    1 
ATOM   159 N  N6    . DA  A 1 8  ? 3.205   7.309   3.728   1.00 83.51  ? 8   DA  A N6    1 
ATOM   160 N  N1    . DA  A 1 8  ? 4.091   8.289   5.635   1.00 83.55  ? 8   DA  A N1    1 
ATOM   161 C  C2    . DA  A 1 8  ? 4.445   9.399   6.293   1.00 82.95  ? 8   DA  A C2    1 
ATOM   162 N  N3    . DA  A 1 8  ? 4.345   10.671  5.906   1.00 82.50  ? 8   DA  A N3    1 
ATOM   163 C  C4    . DA  A 1 8  ? 3.810   10.755  4.678   1.00 78.78  ? 8   DA  A C4    1 
ATOM   164 P  P     . DA  A 1 9  ? 6.594   16.389  5.099   1.00 128.10 ? 9   DA  A P     1 
ATOM   165 O  OP1   . DA  A 1 9  ? 6.645   17.578  5.981   1.00 124.50 ? 9   DA  A OP1   1 
ATOM   166 O  OP2   . DA  A 1 9  ? 7.077   16.485  3.700   1.00 126.16 ? 9   DA  A OP2   1 
ATOM   167 O  "O5'" . DA  A 1 9  ? 7.348   15.175  5.824   1.00 101.52 ? 9   DA  A "O5'" 1 
ATOM   168 C  "C5'" . DA  A 1 9  ? 7.400   15.132  7.235   1.00 100.25 ? 9   DA  A "C5'" 1 
ATOM   169 C  "C4'" . DA  A 1 9  ? 7.789   13.751  7.727   1.00 102.99 ? 9   DA  A "C4'" 1 
ATOM   170 O  "O4'" . DA  A 1 9  ? 7.119   12.743  6.940   1.00 103.01 ? 9   DA  A "O4'" 1 
ATOM   171 C  "C3'" . DA  A 1 9  ? 9.280   13.430  7.657   1.00 100.69 ? 9   DA  A "C3'" 1 
ATOM   172 O  "O3'" . DA  A 1 9  ? 9.738   13.058  8.940   1.00 103.68 ? 9   DA  A "O3'" 1 
ATOM   173 C  "C2'" . DA  A 1 9  ? 9.373   12.262  6.658   1.00 105.54 ? 9   DA  A "C2'" 1 
ATOM   174 C  "C1'" . DA  A 1 9  ? 7.986   11.654  6.748   1.00 100.33 ? 9   DA  A "C1'" 1 
ATOM   175 N  N9    . DA  A 1 9  ? 7.551   10.959  5.537   1.00 93.89  ? 9   DA  A N9    1 
ATOM   176 C  C8    . DA  A 1 9  ? 7.135   11.536  4.370   1.00 96.24  ? 9   DA  A C8    1 
ATOM   177 N  N7    . DA  A 1 9  ? 6.767   10.675  3.452   1.00 90.88  ? 9   DA  A N7    1 
ATOM   178 C  C5    . DA  A 1 9  ? 6.941   9.447   4.060   1.00 84.92  ? 9   DA  A C5    1 
ATOM   179 C  C6    . DA  A 1 9  ? 6.720   8.137   3.610   1.00 82.14  ? 9   DA  A C6    1 
ATOM   180 N  N6    . DA  A 1 9  ? 6.263   7.855   2.385   1.00 81.71  ? 9   DA  A N6    1 
ATOM   181 N  N1    . DA  A 1 9  ? 6.986   7.123   4.466   1.00 83.70  ? 9   DA  A N1    1 
ATOM   182 C  C2    . DA  A 1 9  ? 7.438   7.419   5.692   1.00 90.75  ? 9   DA  A C2    1 
ATOM   183 N  N3    . DA  A 1 9  ? 7.696   8.618   6.226   1.00 94.63  ? 9   DA  A N3    1 
ATOM   184 C  C4    . DA  A 1 9  ? 7.420   9.599   5.350   1.00 89.50  ? 9   DA  A C4    1 
ATOM   185 P  P     . DA  A 1 10 ? 11.279  12.665  9.163   1.00 130.35 ? 10  DA  A P     1 
ATOM   186 O  OP1   . DA  A 1 10 ? 11.635  12.945  10.574  1.00 124.72 ? 10  DA  A OP1   1 
ATOM   187 O  OP2   . DA  A 1 10 ? 12.062  13.263  8.055   1.00 126.49 ? 10  DA  A OP2   1 
ATOM   188 O  "O5'" . DA  A 1 10 ? 11.296  11.085  8.981   1.00 109.35 ? 10  DA  A "O5'" 1 
ATOM   189 C  "C5'" . DA  A 1 10 ? 10.789  10.270  10.003  1.00 105.62 ? 10  DA  A "C5'" 1 
ATOM   190 C  "C4'" . DA  A 1 10 ? 11.340  8.873   9.873   1.00 108.56 ? 10  DA  A "C4'" 1 
ATOM   191 O  "O4'" . DA  A 1 10 ? 10.694  8.199   8.765   1.00 111.96 ? 10  DA  A "O4'" 1 
ATOM   192 C  "C3'" . DA  A 1 10 ? 12.831  8.808   9.605   1.00 108.47 ? 10  DA  A "C3'" 1 
ATOM   193 O  "O3'" . DA  A 1 10 ? 13.389  7.767   10.367  1.00 113.59 ? 10  DA  A "O3'" 1 
ATOM   194 C  "C2'" . DA  A 1 10 ? 12.919  8.537   8.097   1.00 106.82 ? 10  DA  A "C2'" 1 
ATOM   195 C  "C1'" . DA  A 1 10 ? 11.649  7.738   7.835   1.00 104.53 ? 10  DA  A "C1'" 1 
ATOM   196 N  N9    . DA  A 1 10 ? 11.085  7.923   6.490   1.00 97.17  ? 10  DA  A N9    1 
ATOM   197 C  C8    . DA  A 1 10 ? 10.777  9.108   5.881   1.00 97.65  ? 10  DA  A C8    1 
ATOM   198 N  N7    . DA  A 1 10 ? 10.267  8.970   4.673   1.00 95.72  ? 10  DA  A N7    1 
ATOM   199 C  C5    . DA  A 1 10 ? 10.233  7.597   4.480   1.00 90.22  ? 10  DA  A C5    1 
ATOM   200 C  C6    . DA  A 1 10 ? 9.783   6.793   3.401   1.00 85.30  ? 10  DA  A C6    1 
ATOM   201 N  N6    . DA  A 1 10 ? 9.279   7.290   2.266   1.00 78.45  ? 10  DA  A N6    1 
ATOM   202 N  N1    . DA  A 1 10 ? 9.873   5.455   3.540   1.00 82.75  ? 10  DA  A N1    1 
ATOM   203 C  C2    . DA  A 1 10 ? 10.380  4.959   4.674   1.00 85.55  ? 10  DA  A C2    1 
ATOM   204 N  N3    . DA  A 1 10 ? 10.823  5.608   5.754   1.00 92.40  ? 10  DA  A N3    1 
ATOM   205 C  C4    . DA  A 1 10 ? 10.719  6.935   5.592   1.00 91.26  ? 10  DA  A C4    1 
ATOM   206 P  P     . DG  A 1 11 ? 14.975  7.544   10.372  1.00 129.26 ? 11  DG  A P     1 
ATOM   207 O  OP1   . DG  A 1 11 ? 15.375  7.000   11.694  1.00 118.40 ? 11  DG  A OP1   1 
ATOM   208 O  OP2   . DG  A 1 11 ? 15.585  8.791   9.850   1.00 118.02 ? 11  DG  A OP2   1 
ATOM   209 O  "O5'" . DG  A 1 11 ? 15.175  6.391   9.293   1.00 118.93 ? 11  DG  A "O5'" 1 
ATOM   210 C  "C5'" . DG  A 1 11 ? 14.380  5.223   9.370   1.00 116.52 ? 11  DG  A "C5'" 1 
ATOM   211 C  "C4'" . DG  A 1 11 ? 15.003  4.112   8.555   1.00 109.87 ? 11  DG  A "C4'" 1 
ATOM   212 O  "O4'" . DG  A 1 11 ? 14.359  4.039   7.255   1.00 106.86 ? 11  DG  A "O4'" 1 
ATOM   213 C  "C3'" . DG  A 1 11 ? 16.487  4.283   8.289   1.00 103.75 ? 11  DG  A "C3'" 1 
ATOM   214 O  "O3'" . DG  A 1 11 ? 17.134  3.014   8.362   1.00 106.10 ? 11  DG  A "O3'" 1 
ATOM   215 C  "C2'" . DG  A 1 11 ? 16.527  4.900   6.884   1.00 92.95  ? 11  DG  A "C2'" 1 
ATOM   216 C  "C1'" . DG  A 1 11 ? 15.278  4.327   6.221   1.00 89.45  ? 11  DG  A "C1'" 1 
ATOM   217 N  N9    . DG  A 1 11 ? 14.632  5.260   5.303   1.00 83.89  ? 11  DG  A N9    1 
ATOM   218 C  C8    . DG  A 1 11 ? 14.535  6.619   5.450   1.00 85.53  ? 11  DG  A C8    1 
ATOM   219 N  N7    . DG  A 1 11 ? 13.890  7.204   4.479   1.00 84.42  ? 11  DG  A N7    1 
ATOM   220 C  C5    . DG  A 1 11 ? 13.530  6.165   3.630   1.00 79.61  ? 11  DG  A C5    1 
ATOM   221 C  C6    . DG  A 1 11 ? 12.808  6.194   2.410   1.00 75.85  ? 11  DG  A C6    1 
ATOM   222 O  O6    . DG  A 1 11 ? 12.332  7.175   1.822   1.00 73.86  ? 11  DG  A O6    1 
ATOM   223 N  N1    . DG  A 1 11 ? 12.662  4.923   1.868   1.00 71.23  ? 11  DG  A N1    1 
ATOM   224 C  C2    . DG  A 1 11 ? 13.147  3.767   2.434   1.00 77.37  ? 11  DG  A C2    1 
ATOM   225 N  N2    . DG  A 1 11 ? 12.904  2.629   1.759   1.00 75.11  ? 11  DG  A N2    1 
ATOM   226 N  N3    . DG  A 1 11 ? 13.824  3.723   3.582   1.00 79.29  ? 11  DG  A N3    1 
ATOM   227 C  C4    . DG  A 1 11 ? 13.978  4.959   4.122   1.00 80.61  ? 11  DG  A C4    1 
ATOM   228 P  P     . DA  A 1 12 ? 18.551  2.765   7.647   1.00 109.72 ? 12  DA  A P     1 
ATOM   229 O  OP1   . DA  A 1 12 ? 19.128  1.528   8.228   1.00 91.87  ? 12  DA  A OP1   1 
ATOM   230 O  OP2   . DA  A 1 12 ? 19.341  4.019   7.678   1.00 100.60 ? 12  DA  A OP2   1 
ATOM   231 O  "O5'" . DA  A 1 12 ? 18.132  2.437   6.148   1.00 96.10  ? 12  DA  A "O5'" 1 
ATOM   232 C  "C5'" . DA  A 1 12 ? 17.325  1.310   5.892   1.00 90.62  ? 12  DA  A "C5'" 1 
ATOM   233 C  "C4'" . DA  A 1 12 ? 17.814  0.623   4.651   1.00 90.02  ? 12  DA  A "C4'" 1 
ATOM   234 O  "O4'" . DA  A 1 12 ? 17.009  1.056   3.534   1.00 85.77  ? 12  DA  A "O4'" 1 
ATOM   235 C  "C3'" . DA  A 1 12 ? 19.269  0.940   4.330   1.00 88.00  ? 12  DA  A "C3'" 1 
ATOM   236 O  "O3'" . DA  A 1 12 ? 20.056  -0.228  4.420   1.00 81.84  ? 12  DA  A "O3'" 1 
ATOM   237 C  "C2'" . DA  A 1 12 ? 19.270  1.505   2.916   1.00 83.94  ? 12  DA  A "C2'" 1 
ATOM   238 C  "C1'" . DA  A 1 12 ? 17.796  1.675   2.552   1.00 82.15  ? 12  DA  A "C1'" 1 
ATOM   239 N  N9    . DA  A 1 12 ? 17.388  3.067   2.430   1.00 77.82  ? 12  DA  A N9    1 
ATOM   240 C  C8    . DA  A 1 12 ? 17.686  4.098   3.276   1.00 79.74  ? 12  DA  A C8    1 
ATOM   241 N  N7    . DA  A 1 12 ? 17.184  5.253   2.895   1.00 75.22  ? 12  DA  A N7    1 
ATOM   242 C  C5    . DA  A 1 12 ? 16.514  4.949   1.723   1.00 68.33  ? 12  DA  A C5    1 
ATOM   243 C  C6    . DA  A 1 12 ? 15.771  5.734   0.828   1.00 71.63  ? 12  DA  A C6    1 
ATOM   244 N  N6    . DA  A 1 12 ? 15.577  7.044   0.990   1.00 77.15  ? 12  DA  A N6    1 
ATOM   245 N  N1    . DA  A 1 12 ? 15.236  5.122   -0.251  1.00 70.62  ? 12  DA  A N1    1 
ATOM   246 C  C2    . DA  A 1 12 ? 15.441  3.809   -0.410  1.00 74.25  ? 12  DA  A C2    1 
ATOM   247 N  N3    . DA  A 1 12 ? 16.130  2.969   0.363   1.00 67.25  ? 12  DA  A N3    1 
ATOM   248 C  C4    . DA  A 1 12 ? 16.637  3.609   1.421   1.00 68.09  ? 12  DA  A C4    1 
ATOM   249 P  P     . DC  B 2 1  ? 17.131  -12.922 -11.194 1.00 96.48  ? 12  DC  B P     1 
ATOM   250 O  OP1   . DC  B 2 1  ? 18.151  -12.172 -11.962 1.00 94.70  ? 12  DC  B OP1   1 
ATOM   251 O  OP2   . DC  B 2 1  ? 17.521  -13.633 -9.961  1.00 91.34  ? 12  DC  B OP2   1 
ATOM   252 O  "O5'" . DC  B 2 1  ? 15.939  -11.941 -10.794 1.00 95.40  ? 12  DC  B "O5'" 1 
ATOM   253 C  "C5'" . DC  B 2 1  ? 14.571  -12.400 -10.859 1.00 102.01 ? 12  DC  B "C5'" 1 
ATOM   254 C  "C4'" . DC  B 2 1  ? 14.366  -13.708 -10.093 1.00 85.68  ? 12  DC  B "C4'" 1 
ATOM   255 O  "O4'" . DC  B 2 1  ? 14.673  -13.504 -8.702  1.00 78.85  ? 12  DC  B "O4'" 1 
ATOM   256 C  "C3'" . DC  B 2 1  ? 12.943  -14.230 -10.129 1.00 81.78  ? 12  DC  B "C3'" 1 
ATOM   257 O  "O3'" . DC  B 2 1  ? 12.817  -15.183 -11.160 1.00 82.69  ? 12  DC  B "O3'" 1 
ATOM   258 C  "C2'" . DC  B 2 1  ? 12.732  -14.878 -8.761  1.00 84.47  ? 12  DC  B "C2'" 1 
ATOM   259 C  "C1'" . DC  B 2 1  ? 13.859  -14.319 -7.891  1.00 75.60  ? 12  DC  B "C1'" 1 
ATOM   260 N  N1    . DC  B 2 1  ? 13.389  -13.506 -6.720  1.00 65.48  ? 12  DC  B N1    1 
ATOM   261 C  C2    . DC  B 2 1  ? 12.624  -14.102 -5.711  1.00 70.70  ? 12  DC  B C2    1 
ATOM   262 O  O2    . DC  B 2 1  ? 12.335  -15.300 -5.799  1.00 75.38  ? 12  DC  B O2    1 
ATOM   263 N  N3    . DC  B 2 1  ? 12.225  -13.352 -4.656  1.00 65.20  ? 12  DC  B N3    1 
ATOM   264 C  C4    . DC  B 2 1  ? 12.561  -12.067 -4.590  1.00 65.91  ? 12  DC  B C4    1 
ATOM   265 N  N4    . DC  B 2 1  ? 12.143  -11.369 -3.533  1.00 69.39  ? 12  DC  B N4    1 
ATOM   266 C  C5    . DC  B 2 1  ? 13.336  -11.441 -5.604  1.00 62.16  ? 12  DC  B C5    1 
ATOM   267 C  C6    . DC  B 2 1  ? 13.720  -12.190 -6.641  1.00 65.58  ? 12  DC  B C6    1 
ATOM   268 P  P     . DG  B 2 2  ? 11.557  -15.121 -12.148 1.00 93.28  ? 13  DG  B P     1 
ATOM   269 O  OP1   . DG  B 2 2  ? 11.824  -16.056 -13.265 1.00 93.41  ? 13  DG  B OP1   1 
ATOM   270 O  OP2   . DG  B 2 2  ? 11.282  -13.694 -12.417 1.00 97.30  ? 13  DG  B OP2   1 
ATOM   271 O  "O5'" . DG  B 2 2  ? 10.356  -15.691 -11.264 1.00 87.12  ? 13  DG  B "O5'" 1 
ATOM   272 C  "C5'" . DG  B 2 2  ? 10.379  -17.044 -10.842 1.00 85.94  ? 13  DG  B "C5'" 1 
ATOM   273 C  "C4'" . DG  B 2 2  ? 9.478   -17.248 -9.638  1.00 90.01  ? 13  DG  B "C4'" 1 
ATOM   274 O  "O4'" . DG  B 2 2  ? 9.844   -16.316 -8.611  1.00 78.64  ? 13  DG  B "O4'" 1 
ATOM   275 C  "C3'" . DG  B 2 2  ? 7.991   -17.004 -9.890  1.00 91.84  ? 13  DG  B "C3'" 1 
ATOM   276 O  "O3'" . DG  B 2 2  ? 7.305   -18.242 -9.995  1.00 101.58 ? 13  DG  B "O3'" 1 
ATOM   277 C  "C2'" . DG  B 2 2  ? 7.513   -16.201 -8.666  1.00 86.25  ? 13  DG  B "C2'" 1 
ATOM   278 C  "C1'" . DG  B 2 2  ? 8.743   -16.140 -7.771  1.00 76.15  ? 13  DG  B "C1'" 1 
ATOM   279 N  N9    . DG  B 2 2  ? 8.908   -14.867 -7.092  1.00 69.78  ? 13  DG  B N9    1 
ATOM   280 C  C8    . DG  B 2 2  ? 9.536   -13.751 -7.580  1.00 70.09  ? 13  DG  B C8    1 
ATOM   281 N  N7    . DG  B 2 2  ? 9.546   -12.757 -6.738  1.00 67.22  ? 13  DG  B N7    1 
ATOM   282 C  C5    . DG  B 2 2  ? 8.885   -13.252 -5.625  1.00 64.37  ? 13  DG  B C5    1 
ATOM   283 C  C6    . DG  B 2 2  ? 8.590   -12.632 -4.394  1.00 66.00  ? 13  DG  B C6    1 
ATOM   284 O  O6    . DG  B 2 2  ? 8.868   -11.479 -4.038  1.00 64.38  ? 13  DG  B O6    1 
ATOM   285 N  N1    . DG  B 2 2  ? 7.914   -13.488 -3.528  1.00 67.36  ? 13  DG  B N1    1 
ATOM   286 C  C2    . DG  B 2 2  ? 7.560   -14.782 -3.824  1.00 69.94  ? 13  DG  B C2    1 
ATOM   287 N  N2    . DG  B 2 2  ? 6.907   -15.455 -2.861  1.00 70.73  ? 13  DG  B N2    1 
ATOM   288 N  N3    . DG  B 2 2  ? 7.832   -15.376 -4.979  1.00 67.72  ? 13  DG  B N3    1 
ATOM   289 C  C4    . DG  B 2 2  ? 8.489   -14.553 -5.826  1.00 65.05  ? 13  DG  B C4    1 
ATOM   290 P  P     . DT  B 2 3  ? 5.809   -18.285 -10.585 1.00 116.41 ? 14  DT  B P     1 
ATOM   291 O  OP1   . DT  B 2 3  ? 5.553   -19.681 -11.013 1.00 113.86 ? 14  DT  B OP1   1 
ATOM   292 O  OP2   . DT  B 2 3  ? 5.657   -17.153 -11.524 1.00 99.58  ? 14  DT  B OP2   1 
ATOM   293 O  "O5'" . DT  B 2 3  ? 4.890   -17.969 -9.325  1.00 94.28  ? 14  DT  B "O5'" 1 
ATOM   294 C  "C5'" . DT  B 2 3  ? 4.995   -18.779 -8.178  1.00 99.08  ? 14  DT  B "C5'" 1 
ATOM   295 C  "C4'" . DT  B 2 3  ? 4.294   -18.128 -7.009  1.00 96.24  ? 14  DT  B "C4'" 1 
ATOM   296 O  "O4'" . DT  B 2 3  ? 4.978   -16.917 -6.645  1.00 88.94  ? 14  DT  B "O4'" 1 
ATOM   297 C  "C3'" . DT  B 2 3  ? 2.848   -17.718 -7.279  1.00 90.67  ? 14  DT  B "C3'" 1 
ATOM   298 O  "O3'" . DT  B 2 3  ? 1.977   -18.578 -6.565  1.00 95.69  ? 14  DT  B "O3'" 1 
ATOM   299 C  "C2'" . DT  B 2 3  ? 2.759   -16.264 -6.779  1.00 88.50  ? 14  DT  B "C2'" 1 
ATOM   300 C  "C1'" . DT  B 2 3  ? 4.062   -16.084 -6.012  1.00 79.31  ? 14  DT  B "C1'" 1 
ATOM   301 N  N1    . DT  B 2 3  ? 4.591   -14.705 -6.055  1.00 72.48  ? 14  DT  B N1    1 
ATOM   302 C  C2    . DT  B 2 3  ? 4.483   -13.909 -4.939  1.00 72.98  ? 14  DT  B C2    1 
ATOM   303 O  O2    . DT  B 2 3  ? 3.951   -14.277 -3.906  1.00 75.75  ? 14  DT  B O2    1 
ATOM   304 N  N3    . DT  B 2 3  ? 5.003   -12.653 -5.080  1.00 65.69  ? 14  DT  B N3    1 
ATOM   305 C  C4    . DT  B 2 3  ? 5.622   -12.131 -6.199  1.00 69.86  ? 14  DT  B C4    1 
ATOM   306 O  O4    . DT  B 2 3  ? 6.063   -10.986 -6.235  1.00 69.20  ? 14  DT  B O4    1 
ATOM   307 C  C5    . DT  B 2 3  ? 5.711   -13.025 -7.326  1.00 70.19  ? 14  DT  B C5    1 
ATOM   308 C  C7    . DT  B 2 3  ? 6.362   -12.564 -8.595  1.00 69.67  ? 14  DT  B C7    1 
ATOM   309 C  C6    . DT  B 2 3  ? 5.194   -14.252 -7.203  1.00 66.91  ? 14  DT  B C6    1 
ATOM   310 P  P     . DC  B 2 4  ? 0.388   -18.389 -6.659  1.00 103.98 ? 15  DC  B P     1 
ATOM   311 O  OP1   . DC  B 2 4  ? -0.219  -19.673 -6.232  1.00 103.67 ? 15  DC  B OP1   1 
ATOM   312 O  OP2   . DC  B 2 4  ? 0.082   -17.806 -7.991  1.00 91.34  ? 15  DC  B OP2   1 
ATOM   313 O  "O5'" . DC  B 2 4  ? 0.079   -17.294 -5.541  1.00 89.65  ? 15  DC  B "O5'" 1 
ATOM   314 C  "C5'" . DC  B 2 4  ? 0.560   -17.483 -4.218  1.00 83.73  ? 15  DC  B "C5'" 1 
ATOM   315 C  "C4'" . DC  B 2 4  ? 0.024   -16.397 -3.316  1.00 87.89  ? 15  DC  B "C4'" 1 
ATOM   316 O  "O4'" . DC  B 2 4  ? 0.885   -15.233 -3.401  1.00 83.53  ? 15  DC  B "O4'" 1 
ATOM   317 C  "C3'" . DC  B 2 4  ? -1.380  -15.917 -3.698  1.00 97.04  ? 15  DC  B "C3'" 1 
ATOM   318 O  "O3'" . DC  B 2 4  ? -2.254  -15.981 -2.581  1.00 101.67 ? 15  DC  B "O3'" 1 
ATOM   319 C  "C2'" . DC  B 2 4  ? -1.166  -14.478 -4.172  1.00 91.50  ? 15  DC  B "C2'" 1 
ATOM   320 C  "C1'" . DC  B 2 4  ? 0.086   -14.079 -3.415  1.00 79.85  ? 15  DC  B "C1'" 1 
ATOM   321 N  N1    . DC  B 2 4  ? 0.838   -12.980 -4.066  1.00 64.54  ? 15  DC  B N1    1 
ATOM   322 C  C2    . DC  B 2 4  ? 0.979   -11.752 -3.408  1.00 68.53  ? 15  DC  B C2    1 
ATOM   323 O  O2    . DC  B 2 4  ? 0.485   -11.612 -2.284  1.00 80.97  ? 15  DC  B O2    1 
ATOM   324 N  N3    . DC  B 2 4  ? 1.658   -10.752 -4.019  1.00 60.61  ? 15  DC  B N3    1 
ATOM   325 C  C4    . DC  B 2 4  ? 2.176   -10.947 -5.229  1.00 68.61  ? 15  DC  B C4    1 
ATOM   326 N  N4    . DC  B 2 4  ? 2.839   -9.937  -5.793  1.00 68.94  ? 15  DC  B N4    1 
ATOM   327 C  C5    . DC  B 2 4  ? 2.035   -12.189 -5.919  1.00 69.28  ? 15  DC  B C5    1 
ATOM   328 C  C6    . DC  B 2 4  ? 1.365   -13.169 -5.301  1.00 67.44  ? 15  DC  B C6    1 
ATOM   329 P  P     . DG  B 2 5  ? -3.836  -15.783 -2.797  1.00 111.07 ? 16  DG  B P     1 
ATOM   330 O  OP1   . DG  B 2 5  ? -4.508  -16.797 -1.955  1.00 103.24 ? 16  DG  B OP1   1 
ATOM   331 O  OP2   . DG  B 2 5  ? -4.117  -15.705 -4.252  1.00 99.45  ? 16  DG  B OP2   1 
ATOM   332 O  "O5'" . DG  B 2 5  ? -4.131  -14.340 -2.184  1.00 100.63 ? 16  DG  B "O5'" 1 
ATOM   333 C  "C5'" . DG  B 2 5  ? -4.077  -14.148 -0.778  1.00 97.87  ? 16  DG  B "C5'" 1 
ATOM   334 C  "C4'" . DG  B 2 5  ? -4.576  -12.764 -0.404  1.00 99.77  ? 16  DG  B "C4'" 1 
ATOM   335 O  "O4'" . DG  B 2 5  ? -3.708  -11.757 -0.980  1.00 101.07 ? 16  DG  B "O4'" 1 
ATOM   336 C  "C3'" . DG  B 2 5  ? -5.976  -12.423 -0.892  1.00 98.47  ? 16  DG  B "C3'" 1 
ATOM   337 O  "O3'" . DG  B 2 5  ? -6.575  -11.522 0.011   1.00 104.48 ? 16  DG  B "O3'" 1 
ATOM   338 C  "C2'" . DG  B 2 5  ? -5.709  -11.762 -2.242  1.00 90.60  ? 16  DG  B "C2'" 1 
ATOM   339 C  "C1'" . DG  B 2 5  ? -4.394  -11.034 -1.987  1.00 89.82  ? 16  DG  B "C1'" 1 
ATOM   340 N  N9    . DG  B 2 5  ? -3.536  -10.976 -3.159  1.00 81.24  ? 16  DG  B N9    1 
ATOM   341 C  C8    . DG  B 2 5  ? -3.324  -11.974 -4.072  1.00 80.52  ? 16  DG  B C8    1 
ATOM   342 N  N7    . DG  B 2 5  ? -2.496  -11.640 -5.023  1.00 77.54  ? 16  DG  B N7    1 
ATOM   343 C  C5    . DG  B 2 5  ? -2.134  -10.336 -4.716  1.00 70.30  ? 16  DG  B C5    1 
ATOM   344 C  C6    . DG  B 2 5  ? -1.249  -9.454  -5.381  1.00 73.40  ? 16  DG  B C6    1 
ATOM   345 O  O6    . DG  B 2 5  ? -0.595  -9.660  -6.413  1.00 82.63  ? 16  DG  B O6    1 
ATOM   346 N  N1    . DG  B 2 5  ? -1.158  -8.225  -4.734  1.00 69.58  ? 16  DG  B N1    1 
ATOM   347 C  C2    . DG  B 2 5  ? -1.835  -7.893  -3.586  1.00 72.35  ? 16  DG  B C2    1 
ATOM   348 N  N2    . DG  B 2 5  ? -1.617  -6.656  -3.107  1.00 67.65  ? 16  DG  B N2    1 
ATOM   349 N  N3    . DG  B 2 5  ? -2.665  -8.712  -2.950  1.00 73.05  ? 16  DG  B N3    1 
ATOM   350 C  C4    . DG  B 2 5  ? -2.764  -9.912  -3.570  1.00 73.27  ? 16  DG  B C4    1 
ATOM   351 P  P     . DA  B 2 6  ? -8.087  -11.039 -0.212  1.00 109.71 ? 17  DA  B P     1 
ATOM   352 O  OP1   . DA  B 2 6  ? -8.727  -10.999 1.123   1.00 106.91 ? 17  DA  B OP1   1 
ATOM   353 O  OP2   . DA  B 2 6  ? -8.665  -11.871 -1.291  1.00 108.30 ? 17  DA  B OP2   1 
ATOM   354 O  "O5'" . DA  B 2 6  ? -7.931  -9.544  -0.756  1.00 94.44  ? 17  DA  B "O5'" 1 
ATOM   355 C  "C5'" . DA  B 2 6  ? -7.307  -8.568  0.060   1.00 88.43  ? 17  DA  B "C5'" 1 
ATOM   356 C  "C4'" . DA  B 2 6  ? -7.014  -7.309  -0.732  1.00 94.46  ? 17  DA  B "C4'" 1 
ATOM   357 O  "O4'" . DA  B 2 6  ? -6.046  -7.588  -1.776  1.00 92.66  ? 17  DA  B "O4'" 1 
ATOM   358 C  "C3'" . DA  B 2 6  ? -8.218  -6.691  -1.430  1.00 94.22  ? 17  DA  B "C3'" 1 
ATOM   359 O  "O3'" . DA  B 2 6  ? -8.291  -5.327  -1.097  1.00 99.88  ? 17  DA  B "O3'" 1 
ATOM   360 C  "C2'" . DA  B 2 6  ? -7.928  -6.897  -2.927  1.00 88.48  ? 17  DA  B "C2'" 1 
ATOM   361 C  "C1'" . DA  B 2 6  ? -6.416  -6.893  -2.942  1.00 83.77  ? 17  DA  B "C1'" 1 
ATOM   362 N  N9    . DA  B 2 6  ? -5.821  -7.584  -4.086  1.00 84.13  ? 17  DA  B N9    1 
ATOM   363 C  C8    . DA  B 2 6  ? -6.034  -8.881  -4.467  1.00 84.95  ? 17  DA  B C8    1 
ATOM   364 N  N7    . DA  B 2 6  ? -5.340  -9.245  -5.525  1.00 77.33  ? 17  DA  B N7    1 
ATOM   365 C  C5    . DA  B 2 6  ? -4.618  -8.110  -5.851  1.00 74.46  ? 17  DA  B C5    1 
ATOM   366 C  C6    . DA  B 2 6  ? -3.695  -7.840  -6.876  1.00 73.70  ? 17  DA  B C6    1 
ATOM   367 N  N6    . DA  B 2 6  ? -3.335  -8.744  -7.790  1.00 73.01  ? 17  DA  B N6    1 
ATOM   368 N  N1    . DA  B 2 6  ? -3.151  -6.603  -6.925  1.00 69.19  ? 17  DA  B N1    1 
ATOM   369 C  C2    . DA  B 2 6  ? -3.519  -5.701  -6.002  1.00 67.87  ? 17  DA  B C2    1 
ATOM   370 N  N3    . DA  B 2 6  ? -4.379  -5.839  -4.993  1.00 65.32  ? 17  DA  B N3    1 
ATOM   371 C  C4    . DA  B 2 6  ? -4.898  -7.076  -4.974  1.00 75.24  ? 17  DA  B C4    1 
ATOM   372 P  P     . DC  B 2 7  ? -9.572  -4.466  -1.534  1.00 105.74 ? 18  DC  B P     1 
ATOM   373 O  OP1   . DC  B 2 7  ? -9.752  -3.400  -0.521  1.00 103.07 ? 18  DC  B OP1   1 
ATOM   374 O  OP2   . DC  B 2 7  ? -10.662 -5.432  -1.820  1.00 98.28  ? 18  DC  B OP2   1 
ATOM   375 O  "O5'" . DC  B 2 7  ? -9.107  -3.777  -2.896  1.00 88.36  ? 18  DC  B "O5'" 1 
ATOM   376 C  "C5'" . DC  B 2 7  ? -7.944  -2.982  -2.888  1.00 97.17  ? 18  DC  B "C5'" 1 
ATOM   377 C  "C4'" . DC  B 2 7  ? -7.514  -2.622  -4.293  1.00 94.29  ? 18  DC  B "C4'" 1 
ATOM   378 O  "O4'" . DC  B 2 7  ? -6.998  -3.774  -4.963  1.00 87.96  ? 18  DC  B "O4'" 1 
ATOM   379 C  "C3'" . DC  B 2 7  ? -8.624  -2.121  -5.200  1.00 99.58  ? 18  DC  B "C3'" 1 
ATOM   380 O  "O3'" . DC  B 2 7  ? -8.602  -0.714  -5.221  1.00 107.10 ? 18  DC  B "O3'" 1 
ATOM   381 C  "C2'" . DC  B 2 7  ? -8.284  -2.724  -6.582  1.00 93.76  ? 18  DC  B "C2'" 1 
ATOM   382 C  "C1'" . DC  B 2 7  ? -6.979  -3.467  -6.323  1.00 80.77  ? 18  DC  B "C1'" 1 
ATOM   383 N  N1    . DC  B 2 7  ? -6.810  -4.733  -7.086  1.00 75.08  ? 18  DC  B N1    1 
ATOM   384 C  C2    . DC  B 2 7  ? -5.867  -4.788  -8.126  1.00 74.89  ? 18  DC  B C2    1 
ATOM   385 O  O2    . DC  B 2 7  ? -5.216  -3.774  -8.409  1.00 72.52  ? 18  DC  B O2    1 
ATOM   386 N  N3    . DC  B 2 7  ? -5.698  -5.951  -8.799  1.00 68.62  ? 18  DC  B N3    1 
ATOM   387 C  C4    . DC  B 2 7  ? -6.416  -7.019  -8.464  1.00 77.27  ? 18  DC  B C4    1 
ATOM   388 N  N4    . DC  B 2 7  ? -6.217  -8.144  -9.157  1.00 76.80  ? 18  DC  B N4    1 
ATOM   389 C  C5    . DC  B 2 7  ? -7.374  -6.985  -7.400  1.00 79.01  ? 18  DC  B C5    1 
ATOM   390 C  C6    . DC  B 2 7  ? -7.530  -5.833  -6.741  1.00 73.82  ? 18  DC  B C6    1 
ATOM   391 P  P     . DT  B 2 8  ? -9.704  0.092   -6.058  1.00 119.57 ? 19  DT  B P     1 
ATOM   392 O  OP1   . DT  B 2 8  ? -9.859  1.408   -5.395  1.00 115.06 ? 19  DT  B OP1   1 
ATOM   393 O  OP2   . DT  B 2 8  ? -10.877 -0.798  -6.241  1.00 104.64 ? 19  DT  B OP2   1 
ATOM   394 O  "O5'" . DT  B 2 8  ? -9.006  0.300   -7.480  1.00 95.17  ? 19  DT  B "O5'" 1 
ATOM   395 C  "C5'" . DT  B 2 8  ? -7.714  0.858   -7.535  1.00 92.11  ? 19  DT  B "C5'" 1 
ATOM   396 C  "C4'" . DT  B 2 8  ? -7.200  0.883   -8.957  1.00 101.49 ? 19  DT  B "C4'" 1 
ATOM   397 O  "O4'" . DT  B 2 8  ? -6.931  -0.469  -9.405  1.00 97.05  ? 19  DT  B "O4'" 1 
ATOM   398 C  "C3'" . DT  B 2 8  ? -8.160  1.482   -9.980  1.00 110.50 ? 19  DT  B "C3'" 1 
ATOM   399 O  "O3'" . DT  B 2 8  ? -7.430  2.291   -10.883 1.00 115.07 ? 19  DT  B "O3'" 1 
ATOM   400 C  "C2'" . DT  B 2 8  ? -8.746  0.247   -10.673 1.00 108.66 ? 19  DT  B "C2'" 1 
ATOM   401 C  "C1'" . DT  B 2 8  ? -7.551  -0.686  -10.653 1.00 98.36  ? 19  DT  B "C1'" 1 
ATOM   402 N  N1    . DT  B 2 8  ? -7.888  -2.134  -10.749 1.00 83.66  ? 19  DT  B N1    1 
ATOM   403 C  C2    . DT  B 2 8  ? -7.214  -2.914  -11.663 1.00 83.90  ? 19  DT  B C2    1 
ATOM   404 O  O2    . DT  B 2 8  ? -6.372  -2.470  -12.428 1.00 86.39  ? 19  DT  B O2    1 
ATOM   405 N  N3    . DT  B 2 8  ? -7.566  -4.237  -11.657 1.00 77.38  ? 19  DT  B N3    1 
ATOM   406 C  C4    . DT  B 2 8  ? -8.496  -4.848  -10.838 1.00 79.49  ? 19  DT  B C4    1 
ATOM   407 O  O4    . DT  B 2 8  ? -8.742  -6.048  -10.906 1.00 79.08  ? 19  DT  B O4    1 
ATOM   408 C  C5    . DT  B 2 8  ? -9.159  -3.977  -9.897  1.00 81.48  ? 19  DT  B C5    1 
ATOM   409 C  C7    . DT  B 2 8  ? -10.191 -4.537  -8.961  1.00 73.04  ? 19  DT  B C7    1 
ATOM   410 C  C6    . DT  B 2 8  ? -8.826  -2.675  -9.894  1.00 77.78  ? 19  DT  B C6    1 
ATOM   411 P  P     . DC  B 2 9  ? -8.196  3.319   -11.846 1.00 117.42 ? 20  DC  B P     1 
ATOM   412 O  OP1   . DC  B 2 9  ? -7.453  4.600   -11.813 1.00 111.52 ? 20  DC  B OP1   1 
ATOM   413 O  OP2   . DC  B 2 9  ? -9.627  3.273   -11.465 1.00 112.42 ? 20  DC  B OP2   1 
ATOM   414 O  "O5'" . DC  B 2 9  ? -8.034  2.669   -13.297 1.00 108.52 ? 20  DC  B "O5'" 1 
ATOM   415 C  "C5'" . DC  B 2 9  ? -6.738  2.329   -13.773 1.00 107.49 ? 20  DC  B "C5'" 1 
ATOM   416 C  "C4'" . DC  B 2 9  ? -6.826  1.537   -15.064 1.00 111.37 ? 20  DC  B "C4'" 1 
ATOM   417 O  "O4'" . DC  B 2 9  ? -7.139  0.148   -14.772 1.00 109.32 ? 20  DC  B "O4'" 1 
ATOM   418 C  "C3'" . DC  B 2 9  ? -7.903  2.021   -16.042 1.00 112.62 ? 20  DC  B "C3'" 1 
ATOM   419 O  "O3'" . DC  B 2 9  ? -7.359  2.117   -17.356 1.00 116.69 ? 20  DC  B "O3'" 1 
ATOM   420 C  "C2'" . DC  B 2 9  ? -8.974  0.932   -15.951 1.00 103.55 ? 20  DC  B "C2'" 1 
ATOM   421 C  "C1'" . DC  B 2 9  ? -8.124  -0.293  -15.673 1.00 102.39 ? 20  DC  B "C1'" 1 
ATOM   422 N  N1    . DC  B 2 9  ? -8.872  -1.426  -15.052 1.00 98.15  ? 20  DC  B N1    1 
ATOM   423 C  C2    . DC  B 2 9  ? -8.594  -2.738  -15.453 1.00 97.32  ? 20  DC  B C2    1 
ATOM   424 O  O2    . DC  B 2 9  ? -7.730  -2.931  -16.322 1.00 102.00 ? 20  DC  B O2    1 
ATOM   425 N  N3    . DC  B 2 9  ? -9.278  -3.761  -14.880 1.00 87.42  ? 20  DC  B N3    1 
ATOM   426 C  C4    . DC  B 2 9  ? -10.199 -3.507  -13.949 1.00 90.39  ? 20  DC  B C4    1 
ATOM   427 N  N4    . DC  B 2 9  ? -10.848 -4.547  -13.411 1.00 90.43  ? 20  DC  B N4    1 
ATOM   428 C  C5    . DC  B 2 9  ? -10.498 -2.175  -13.528 1.00 89.66  ? 20  DC  B C5    1 
ATOM   429 C  C6    . DC  B 2 9  ? -9.815  -1.176  -14.099 1.00 96.29  ? 20  DC  B C6    1 
ATOM   430 P  P     . DT  C 3 1  ? 11.399  8.769   -10.148 1.00 119.01 ? 0   DT  C P     1 
ATOM   431 O  OP1   . DT  C 3 1  ? 9.973   8.568   -10.495 1.00 114.97 ? 0   DT  C OP1   1 
ATOM   432 O  OP2   . DT  C 3 1  ? 12.406  9.063   -11.201 1.00 116.15 ? 0   DT  C OP2   1 
ATOM   433 O  "O5'" . DT  C 3 1  ? 11.917  7.520   -9.296  1.00 100.37 ? 0   DT  C "O5'" 1 
ATOM   434 C  "C5'" . DT  C 3 1  ? 11.032  6.840   -8.430  1.00 92.15  ? 0   DT  C "C5'" 1 
ATOM   435 C  "C4'" . DT  C 3 1  ? 11.639  5.533   -7.966  1.00 87.32  ? 0   DT  C "C4'" 1 
ATOM   436 O  "O4'" . DT  C 3 1  ? 12.644  5.794   -6.955  1.00 76.95  ? 0   DT  C "O4'" 1 
ATOM   437 C  "C3'" . DT  C 3 1  ? 10.632  4.574   -7.337  1.00 96.29  ? 0   DT  C "C3'" 1 
ATOM   438 O  "O3'" . DT  C 3 1  ? 10.754  3.284   -7.905  1.00 98.04  ? 0   DT  C "O3'" 1 
ATOM   439 C  "C2'" . DT  C 3 1  ? 10.975  4.581   -5.849  1.00 89.24  ? 0   DT  C "C2'" 1 
ATOM   440 C  "C1'" . DT  C 3 1  ? 12.447  4.934   -5.852  1.00 78.87  ? 0   DT  C "C1'" 1 
ATOM   441 N  N1    . DT  C 3 1  ? 12.879  5.640   -4.619  1.00 74.91  ? 0   DT  C N1    1 
ATOM   442 C  C2    . DT  C 3 1  ? 13.538  4.936   -3.641  1.00 78.33  ? 0   DT  C C2    1 
ATOM   443 O  O2    . DT  C 3 1  ? 13.791  3.748   -3.731  1.00 82.90  ? 0   DT  C O2    1 
ATOM   444 N  N3    . DT  C 3 1  ? 13.899  5.676   -2.548  1.00 72.20  ? 0   DT  C N3    1 
ATOM   445 C  C4    . DT  C 3 1  ? 13.672  7.025   -2.344  1.00 74.62  ? 0   DT  C C4    1 
ATOM   446 O  O4    . DT  C 3 1  ? 14.038  7.604   -1.326  1.00 76.65  ? 0   DT  C O4    1 
ATOM   447 C  C5    . DT  C 3 1  ? 12.974  7.701   -3.408  1.00 67.93  ? 0   DT  C C5    1 
ATOM   448 C  C7    . DT  C 3 1  ? 12.674  9.162   -3.299  1.00 61.96  ? 0   DT  C C7    1 
ATOM   449 C  C6    . DT  C 3 1  ? 12.615  6.984   -4.478  1.00 71.90  ? 0   DT  C C6    1 
ATOM   450 P  P     . DC  C 3 2  ? 9.451   2.350   -7.984  1.00 94.54  ? 1   DC  C P     1 
ATOM   451 O  OP1   . DC  C 3 2  ? 9.699   1.287   -8.983  1.00 96.03  ? 1   DC  C OP1   1 
ATOM   452 O  OP2   . DC  C 3 2  ? 8.275   3.236   -8.114  1.00 96.65  ? 1   DC  C OP2   1 
ATOM   453 O  "O5'" . DC  C 3 2  ? 9.401   1.665   -6.553  1.00 80.16  ? 1   DC  C "O5'" 1 
ATOM   454 C  "C5'" . DC  C 3 2  ? 10.103  0.467   -6.360  1.00 79.92  ? 1   DC  C "C5'" 1 
ATOM   455 C  "C4'" . DC  C 3 2  ? 10.421  0.254   -4.903  1.00 79.84  ? 1   DC  C "C4'" 1 
ATOM   456 O  "O4'" . DC  C 3 2  ? 10.694  1.511   -4.255  1.00 81.65  ? 1   DC  C "O4'" 1 
ATOM   457 C  "C3'" . DC  C 3 2  ? 9.310   -0.398  -4.079  1.00 74.31  ? 1   DC  C "C3'" 1 
ATOM   458 O  "O3'" . DC  C 3 2  ? 9.746   -1.652  -3.644  1.00 75.17  ? 1   DC  C "O3'" 1 
ATOM   459 C  "C2'" . DC  C 3 2  ? 9.110   0.568   -2.892  1.00 84.42  ? 1   DC  C "C2'" 1 
ATOM   460 C  "C1'" . DC  C 3 2  ? 10.437  1.303   -2.901  1.00 80.56  ? 1   DC  C "C1'" 1 
ATOM   461 N  N1    . DC  C 3 2  ? 10.475  2.610   -2.186  1.00 74.32  ? 1   DC  C N1    1 
ATOM   462 C  C2    . DC  C 3 2  ? 11.071  2.675   -0.920  1.00 80.92  ? 1   DC  C C2    1 
ATOM   463 O  O2    . DC  C 3 2  ? 11.522  1.639   -0.411  1.00 81.34  ? 1   DC  C O2    1 
ATOM   464 N  N3    . DC  C 3 2  ? 11.133  3.872   -0.284  1.00 78.51  ? 1   DC  C N3    1 
ATOM   465 C  C4    . DC  C 3 2  ? 10.642  4.963   -0.870  1.00 77.83  ? 1   DC  C C4    1 
ATOM   466 N  N4    . DC  C 3 2  ? 10.725  6.118   -0.206  1.00 75.26  ? 1   DC  C N4    1 
ATOM   467 C  C5    . DC  C 3 2  ? 10.042  4.916   -2.165  1.00 75.06  ? 1   DC  C C5    1 
ATOM   468 C  C6    . DC  C 3 2  ? 9.985   3.728   -2.780  1.00 72.52  ? 1   DC  C C6    1 
ATOM   469 P  P     . DT  C 3 3  ? 8.666   -2.781  -3.324  1.00 88.37  ? 2   DT  C P     1 
ATOM   470 O  OP1   . DT  C 3 3  ? 9.326   -4.109  -3.367  1.00 63.92  ? 2   DT  C OP1   1 
ATOM   471 O  OP2   . DT  C 3 3  ? 7.501   -2.467  -4.193  1.00 72.47  ? 2   DT  C OP2   1 
ATOM   472 O  "O5'" . DT  C 3 3  ? 8.316   -2.531  -1.791  1.00 71.98  ? 2   DT  C "O5'" 1 
ATOM   473 C  "C5'" . DT  C 3 3  ? 9.160   -3.091  -0.819  1.00 69.19  ? 2   DT  C "C5'" 1 
ATOM   474 C  "C4'" . DT  C 3 3  ? 8.918   -2.486  0.545   1.00 70.66  ? 2   DT  C "C4'" 1 
ATOM   475 O  "O4'" . DT  C 3 3  ? 9.189   -1.084  0.511   1.00 74.48  ? 2   DT  C "O4'" 1 
ATOM   476 C  "C3'" . DT  C 3 3  ? 7.497   -2.524  1.017   1.00 72.08  ? 2   DT  C "C3'" 1 
ATOM   477 O  "O3'" . DT  C 3 3  ? 7.155   -3.816  1.547   1.00 65.66  ? 2   DT  C "O3'" 1 
ATOM   478 C  "C2'" . DT  C 3 3  ? 7.469   -1.410  2.074   1.00 68.35  ? 2   DT  C "C2'" 1 
ATOM   479 C  "C1'" . DT  C 3 3  ? 8.658   -0.535  1.688   1.00 62.40  ? 2   DT  C "C1'" 1 
ATOM   480 N  N1    . DT  C 3 3  ? 8.340   0.895   1.449   1.00 68.59  ? 2   DT  C N1    1 
ATOM   481 C  C2    . DT  C 3 3  ? 8.724   1.819   2.387   1.00 74.39  ? 2   DT  C C2    1 
ATOM   482 O  O2    . DT  C 3 3  ? 9.288   1.510   3.421   1.00 87.08  ? 2   DT  C O2    1 
ATOM   483 N  N3    . DT  C 3 3  ? 8.426   3.115   2.084   1.00 66.73  ? 2   DT  C N3    1 
ATOM   484 C  C4    . DT  C 3 3  ? 7.800   3.572   0.942   1.00 76.39  ? 2   DT  C C4    1 
ATOM   485 O  O4    . DT  C 3 3  ? 7.572   4.763   0.748   1.00 76.31  ? 2   DT  C O4    1 
ATOM   486 C  C5    . DT  C 3 3  ? 7.431   2.552   -0.010  1.00 72.45  ? 2   DT  C C5    1 
ATOM   487 C  C7    . DT  C 3 3  ? 6.746   2.933   -1.282  1.00 68.45  ? 2   DT  C C7    1 
ATOM   488 C  C6    . DT  C 3 3  ? 7.720   1.277   0.283   1.00 71.52  ? 2   DT  C C6    1 
ATOM   489 P  P     . DA  C 3 4  ? 8.073   -4.587  2.610   1.00 73.39  ? 3   DA  C P     1 
ATOM   490 O  OP1   . DA  C 3 4  ? 8.330   -3.714  3.773   1.00 79.80  ? 3   DA  C OP1   1 
ATOM   491 O  OP2   . DA  C 3 4  ? 9.177   -5.286  1.919   1.00 83.60  ? 3   DA  C OP2   1 
ATOM   492 O  "O5'" . DA  C 3 4  ? 7.102   -5.736  3.110   1.00 82.09  ? 3   DA  C "O5'" 1 
ATOM   493 C  "C5'" . DA  C 3 4  ? 5.729   -5.435  3.294   1.00 79.85  ? 3   DA  C "C5'" 1 
ATOM   494 C  "C4'" . DA  C 3 4  ? 4.845   -6.546  2.762   1.00 75.19  ? 3   DA  C "C4'" 1 
ATOM   495 O  "O4'" . DA  C 3 4  ? 4.729   -6.434  1.343   1.00 61.26  ? 3   DA  C "O4'" 1 
ATOM   496 C  "C3'" . DA  C 3 4  ? 5.384   -7.942  2.944   1.00 73.40  ? 3   DA  C "C3'" 1 
ATOM   497 O  "O3'" . DA  C 3 4  ? 5.163   -8.367  4.233   1.00 71.45  ? 3   DA  C "O3'" 1 
ATOM   498 C  "C2'" . DA  C 3 4  ? 4.562   -8.737  1.933   1.00 61.58  ? 3   DA  C "C2'" 1 
ATOM   499 C  "C1'" . DA  C 3 4  ? 4.324   -7.692  0.837   1.00 59.42  ? 3   DA  C "C1'" 1 
ATOM   500 N  N9    . DA  C 3 4  ? 5.042   -7.924  -0.400  1.00 59.20  ? 3   DA  C N9    1 
ATOM   501 C  C8    . DA  C 3 4  ? 5.855   -7.040  -1.043  1.00 61.79  ? 3   DA  C C8    1 
ATOM   502 N  N7    . DA  C 3 4  ? 6.362   -7.504  -2.161  1.00 59.44  ? 3   DA  C N7    1 
ATOM   503 C  C5    . DA  C 3 4  ? 5.831   -8.777  -2.257  1.00 59.42  ? 3   DA  C C5    1 
ATOM   504 C  C6    . DA  C 3 4  ? 5.965   -9.781  -3.225  1.00 59.55  ? 3   DA  C C6    1 
ATOM   505 N  N6    . DA  C 3 4  ? 6.723   -9.641  -4.315  1.00 67.03  ? 3   DA  C N6    1 
ATOM   506 N  N1    . DA  C 3 4  ? 5.299   -10.937 -3.028  1.00 61.20  ? 3   DA  C N1    1 
ATOM   507 C  C2    . DA  C 3 4  ? 4.547   -11.064 -1.926  1.00 67.97  ? 3   DA  C C2    1 
ATOM   508 N  N3    . DA  C 3 4  ? 4.340   -10.184 -0.947  1.00 63.84  ? 3   DA  C N3    1 
ATOM   509 C  C4    . DA  C 3 4  ? 5.013   -9.052  -1.179  1.00 58.99  ? 3   DA  C C4    1 
ATOM   510 P  P     . DC  C 3 5  ? 6.362   -9.071  5.017   1.00 83.24  ? 4   DC  C P     1 
ATOM   511 O  OP1   . DC  C 3 5  ? 6.070   -8.910  6.462   1.00 85.78  ? 4   DC  C OP1   1 
ATOM   512 O  OP2   . DC  C 3 5  ? 7.632   -8.602  4.413   1.00 74.43  ? 4   DC  C OP2   1 
ATOM   513 O  "O5'" . DC  C 3 5  ? 6.215   -10.598 4.613   1.00 64.82  ? 4   DC  C "O5'" 1 
ATOM   514 C  "C5'" . DC  C 3 5  ? 5.064   -11.289 4.996   1.00 66.70  ? 4   DC  C "C5'" 1 
ATOM   515 C  "C4'" . DC  C 3 5  ? 4.883   -12.500 4.125   1.00 72.82  ? 4   DC  C "C4'" 1 
ATOM   516 O  "O4'" . DC  C 3 5  ? 5.012   -12.111 2.740   1.00 75.84  ? 4   DC  C "O4'" 1 
ATOM   517 C  "C3'" . DC  C 3 5  ? 5.904   -13.594 4.371   1.00 64.71  ? 4   DC  C "C3'" 1 
ATOM   518 O  "O3'" . DC  C 3 5  ? 5.238   -14.808 4.586   1.00 75.40  ? 4   DC  C "O3'" 1 
ATOM   519 C  "C2'" . DC  C 3 5  ? 6.751   -13.621 3.100   1.00 67.79  ? 4   DC  C "C2'" 1 
ATOM   520 C  "C1'" . DC  C 3 5  ? 5.831   -13.019 2.058   1.00 70.60  ? 4   DC  C "C1'" 1 
ATOM   521 N  N1    . DC  C 3 5  ? 6.573   -12.263 1.044   1.00 68.28  ? 4   DC  C N1    1 
ATOM   522 C  C2    . DC  C 3 5  ? 6.792   -12.815 -0.223  1.00 65.98  ? 4   DC  C C2    1 
ATOM   523 O  O2    . DC  C 3 5  ? 6.336   -13.930 -0.484  1.00 70.27  ? 4   DC  C O2    1 
ATOM   524 N  N3    . DC  C 3 5  ? 7.495   -12.106 -1.131  1.00 64.31  ? 4   DC  C N3    1 
ATOM   525 C  C4    . DC  C 3 5  ? 7.966   -10.898 -0.814  1.00 64.97  ? 4   DC  C C4    1 
ATOM   526 N  N4    . DC  C 3 5  ? 8.654   -10.233 -1.742  1.00 63.28  ? 4   DC  C N4    1 
ATOM   527 C  C5    . DC  C 3 5  ? 7.761   -10.324 0.473   1.00 67.48  ? 4   DC  C C5    1 
ATOM   528 C  C6    . DC  C 3 5  ? 7.071   -11.037 1.363   1.00 67.62  ? 4   DC  C C6    1 
ATOM   529 P  P     . DG  C 3 6  ? 6.067   -16.168 4.763   1.00 100.59 ? 5   DG  C P     1 
ATOM   530 O  OP1   . DG  C 3 6  ? 5.113   -17.165 5.294   1.00 96.95  ? 5   DG  C OP1   1 
ATOM   531 O  OP2   . DG  C 3 6  ? 7.341   -15.879 5.478   1.00 85.34  ? 5   DG  C OP2   1 
ATOM   532 O  "O5'" . DG  C 3 6  ? 6.415   -16.581 3.265   1.00 82.61  ? 5   DG  C "O5'" 1 
ATOM   533 C  "C5'" . DG  C 3 6  ? 5.707   -17.622 2.644   1.00 86.01  ? 5   DG  C "C5'" 1 
ATOM   534 C  "C4'" . DG  C 3 6  ? 6.661   -18.428 1.811   1.00 91.89  ? 5   DG  C "C4'" 1 
ATOM   535 O  "O4'" . DG  C 3 6  ? 6.896   -17.727 0.566   1.00 86.46  ? 5   DG  C "O4'" 1 
ATOM   536 C  "C3'" . DG  C 3 6  ? 8.033   -18.578 2.440   1.00 97.03  ? 5   DG  C "C3'" 1 
ATOM   537 O  "O3'" . DG  C 3 6  ? 8.069   -19.724 3.291   1.00 99.61  ? 5   DG  C "O3'" 1 
ATOM   538 C  "C2'" . DG  C 3 6  ? 8.930   -18.746 1.224   1.00 91.19  ? 5   DG  C "C2'" 1 
ATOM   539 C  "C1'" . DG  C 3 6  ? 8.259   -17.834 0.199   1.00 81.99  ? 5   DG  C "C1'" 1 
ATOM   540 N  N9    . DG  C 3 6  ? 8.833   -16.495 0.157   1.00 78.95  ? 5   DG  C N9    1 
ATOM   541 C  C8    . DG  C 3 6  ? 8.795   -15.549 1.151   1.00 80.56  ? 5   DG  C C8    1 
ATOM   542 N  N7    . DG  C 3 6  ? 9.394   -14.434 0.827   1.00 75.90  ? 5   DG  C N7    1 
ATOM   543 C  C5    . DG  C 3 6  ? 9.850   -14.656 -0.459  1.00 66.35  ? 5   DG  C C5    1 
ATOM   544 C  C6    . DG  C 3 6  ? 10.560  -13.806 -1.314  1.00 70.20  ? 5   DG  C C6    1 
ATOM   545 O  O6    . DG  C 3 6  ? 10.945  -12.652 -1.092  1.00 76.32  ? 5   DG  C O6    1 
ATOM   546 N  N1    . DG  C 3 6  ? 10.829  -14.412 -2.536  1.00 69.26  ? 5   DG  C N1    1 
ATOM   547 C  C2    . DG  C 3 6  ? 10.450  -15.689 -2.877  1.00 67.81  ? 5   DG  C C2    1 
ATOM   548 N  N2    . DG  C 3 6  ? 10.795  -16.099 -4.100  1.00 72.09  ? 5   DG  C N2    1 
ATOM   549 N  N3    . DG  C 3 6  ? 9.780   -16.500 -2.080  1.00 63.16  ? 5   DG  C N3    1 
ATOM   550 C  C4    . DG  C 3 6  ? 9.515   -15.920 -0.890  1.00 70.68  ? 5   DG  C C4    1 
ATOM   551 O  "O5'" . DT  D 4 1  ? -20.071 -10.956 -12.555 1.00 126.72 ? 2   DT  D "O5'" 1 
ATOM   552 C  "C5'" . DT  D 4 1  ? -18.749 -11.452 -12.700 1.00 127.43 ? 2   DT  D "C5'" 1 
ATOM   553 C  "C4'" . DT  D 4 1  ? -18.417 -11.679 -14.161 1.00 124.15 ? 2   DT  D "C4'" 1 
ATOM   554 O  "O4'" . DT  D 4 1  ? -18.423 -10.421 -14.849 1.00 118.77 ? 2   DT  D "O4'" 1 
ATOM   555 C  "C3'" . DT  D 4 1  ? -17.039 -12.263 -14.420 1.00 125.37 ? 2   DT  D "C3'" 1 
ATOM   556 O  "O3'" . DT  D 4 1  ? -17.136 -13.705 -14.436 1.00 130.87 ? 2   DT  D "O3'" 1 
ATOM   557 C  "C2'" . DT  D 4 1  ? -16.641 -11.672 -15.785 1.00 118.24 ? 2   DT  D "C2'" 1 
ATOM   558 C  "C1'" . DT  D 4 1  ? -17.641 -10.531 -16.009 1.00 114.85 ? 2   DT  D "C1'" 1 
ATOM   559 N  N1    . DT  D 4 1  ? -17.024 -9.193  -16.279 1.00 108.48 ? 2   DT  D N1    1 
ATOM   560 C  C2    . DT  D 4 1  ? -16.179 -9.034  -17.356 1.00 110.71 ? 2   DT  D C2    1 
ATOM   561 O  O2    . DT  D 4 1  ? -15.870 -9.942  -18.110 1.00 112.84 ? 2   DT  D O2    1 
ATOM   562 N  N3    . DT  D 4 1  ? -15.696 -7.762  -17.520 1.00 109.40 ? 2   DT  D N3    1 
ATOM   563 C  C4    . DT  D 4 1  ? -15.971 -6.654  -16.735 1.00 108.74 ? 2   DT  D C4    1 
ATOM   564 O  O4    . DT  D 4 1  ? -15.485 -5.550  -16.964 1.00 107.97 ? 2   DT  D O4    1 
ATOM   565 C  C5    . DT  D 4 1  ? -16.871 -6.888  -15.630 1.00 104.98 ? 2   DT  D C5    1 
ATOM   566 C  C7    . DT  D 4 1  ? -17.242 -5.766  -14.709 1.00 104.42 ? 2   DT  D C7    1 
ATOM   567 C  C6    . DT  D 4 1  ? -17.350 -8.128  -15.460 1.00 106.64 ? 2   DT  D C6    1 
ATOM   568 P  P     . DC  D 4 2  ? -16.024 -14.661 -15.109 1.00 136.82 ? 3   DC  D P     1 
ATOM   569 O  OP1   . DC  D 4 2  ? -16.025 -14.454 -16.576 1.00 132.46 ? 3   DC  D OP1   1 
ATOM   570 O  OP2   . DC  D 4 2  ? -16.369 -16.019 -14.634 1.00 136.18 ? 3   DC  D OP2   1 
ATOM   571 O  "O5'" . DC  D 4 2  ? -14.629 -14.302 -14.378 1.00 131.38 ? 3   DC  D "O5'" 1 
ATOM   572 C  "C5'" . DC  D 4 2  ? -13.786 -13.227 -14.821 1.00 124.47 ? 3   DC  D "C5'" 1 
ATOM   573 C  "C4'" . DC  D 4 2  ? -13.293 -13.443 -16.240 1.00 126.09 ? 3   DC  D "C4'" 1 
ATOM   574 O  "O4'" . DC  D 4 2  ? -13.524 -12.240 -17.015 1.00 120.60 ? 3   DC  D "O4'" 1 
ATOM   575 C  "C3'" . DC  D 4 2  ? -11.810 -13.713 -16.366 1.00 127.54 ? 3   DC  D "C3'" 1 
ATOM   576 O  "O3'" . DC  D 4 2  ? -11.543 -14.437 -17.563 1.00 135.40 ? 3   DC  D "O3'" 1 
ATOM   577 C  "C2'" . DC  D 4 2  ? -11.231 -12.303 -16.417 1.00 121.62 ? 3   DC  D "C2'" 1 
ATOM   578 C  "C1'" . DC  D 4 2  ? -12.316 -11.513 -17.151 1.00 112.15 ? 3   DC  D "C1'" 1 
ATOM   579 N  N1    . DC  D 4 2  ? -12.530 -10.128 -16.601 1.00 104.01 ? 3   DC  D N1    1 
ATOM   580 C  C2    . DC  D 4 2  ? -11.933 -9.025  -17.233 1.00 104.09 ? 3   DC  D C2    1 
ATOM   581 O  O2    . DC  D 4 2  ? -11.235 -9.206  -18.241 1.00 103.19 ? 3   DC  D O2    1 
ATOM   582 N  N3    . DC  D 4 2  ? -12.141 -7.785  -16.720 1.00 100.77 ? 3   DC  D N3    1 
ATOM   583 C  C4    . DC  D 4 2  ? -12.900 -7.630  -15.632 1.00 102.99 ? 3   DC  D C4    1 
ATOM   584 N  N4    . DC  D 4 2  ? -13.076 -6.392  -15.163 1.00 103.89 ? 3   DC  D N4    1 
ATOM   585 C  C5    . DC  D 4 2  ? -13.511 -8.740  -14.977 1.00 99.60  ? 3   DC  D C5    1 
ATOM   586 C  C6    . DC  D 4 2  ? -13.303 -9.954  -15.491 1.00 101.88 ? 3   DC  D C6    1 
ATOM   587 P  P     . DG  D 4 3  ? -10.063 -14.996 -17.855 1.00 145.66 ? 4   DG  D P     1 
ATOM   588 O  OP1   . DG  D 4 3  ? -10.174 -16.062 -18.875 1.00 145.08 ? 4   DG  D OP1   1 
ATOM   589 O  OP2   . DG  D 4 3  ? -9.402  -15.274 -16.557 1.00 133.81 ? 4   DG  D OP2   1 
ATOM   590 O  "O5'" . DG  D 4 3  ? -9.312  -13.749 -18.504 1.00 123.97 ? 4   DG  D "O5'" 1 
ATOM   591 C  "C5'" . DG  D 4 3  ? -8.038  -13.385 -18.035 1.00 122.74 ? 4   DG  D "C5'" 1 
ATOM   592 C  "C4'" . DG  D 4 3  ? -7.328  -12.520 -19.050 1.00 124.33 ? 4   DG  D "C4'" 1 
ATOM   593 O  "O4'" . DG  D 4 3  ? -7.921  -11.199 -19.060 1.00 118.35 ? 4   DG  D "O4'" 1 
ATOM   594 C  "C3'" . DG  D 4 3  ? -5.863  -12.294 -18.762 1.00 120.60 ? 4   DG  D "C3'" 1 
ATOM   595 O  "O3'" . DG  D 4 3  ? -5.173  -12.020 -19.958 1.00 129.06 ? 4   DG  D "O3'" 1 
ATOM   596 C  "C2'" . DG  D 4 3  ? -5.890  -11.083 -17.838 1.00 113.25 ? 4   DG  D "C2'" 1 
ATOM   597 C  "C1'" . DG  D 4 3  ? -7.110  -10.298 -18.327 1.00 107.67 ? 4   DG  D "C1'" 1 
ATOM   598 N  N9    . DG  D 4 3  ? -7.914  -9.735  -17.238 1.00 95.26  ? 4   DG  D N9    1 
ATOM   599 C  C8    . DG  D 4 3  ? -8.678  -10.430 -16.336 1.00 91.47  ? 4   DG  D C8    1 
ATOM   600 N  N7    . DG  D 4 3  ? -9.288  -9.671  -15.471 1.00 85.76  ? 4   DG  D N7    1 
ATOM   601 C  C5    . DG  D 4 3  ? -8.902  -8.385  -15.814 1.00 89.50  ? 4   DG  D C5    1 
ATOM   602 C  C6    . DG  D 4 3  ? -9.248  -7.144  -15.229 1.00 90.77  ? 4   DG  D C6    1 
ATOM   603 O  O6    . DG  D 4 3  ? -9.990  -6.936  -14.257 1.00 91.02  ? 4   DG  D O6    1 
ATOM   604 N  N1    . DG  D 4 3  ? -8.639  -6.075  -15.887 1.00 86.96  ? 4   DG  D N1    1 
ATOM   605 C  C2    . DG  D 4 3  ? -7.797  -6.194  -16.971 1.00 89.35  ? 4   DG  D C2    1 
ATOM   606 N  N2    . DG  D 4 3  ? -7.302  -5.050  -17.474 1.00 89.50  ? 4   DG  D N2    1 
ATOM   607 N  N3    . DG  D 4 3  ? -7.466  -7.355  -17.529 1.00 92.84  ? 4   DG  D N3    1 
ATOM   608 C  C4    . DG  D 4 3  ? -8.052  -8.404  -16.901 1.00 91.62  ? 4   DG  D C4    1 
ATOM   609 P  P     . DA  D 4 4  ? -3.573  -12.136 -19.993 1.00 144.59 ? 5   DA  D P     1 
ATOM   610 O  OP1   . DA  D 4 4  ? -3.156  -12.224 -21.414 1.00 137.55 ? 5   DA  D OP1   1 
ATOM   611 O  OP2   . DA  D 4 4  ? -3.193  -13.198 -19.027 1.00 131.50 ? 5   DA  D OP2   1 
ATOM   612 O  "O5'" . DA  D 4 4  ? -3.083  -10.735 -19.399 1.00 126.26 ? 5   DA  D "O5'" 1 
ATOM   613 C  "C5'" . DA  D 4 4  ? -3.538  -9.522  -19.988 1.00 120.63 ? 5   DA  D "C5'" 1 
ATOM   614 C  "C4'" . DA  D 4 4  ? -3.045  -8.327  -19.198 1.00 114.25 ? 5   DA  D "C4'" 1 
ATOM   615 O  "O4'" . DA  D 4 4  ? -4.029  -7.951  -18.195 1.00 105.20 ? 5   DA  D "O4'" 1 
ATOM   616 C  "C3'" . DA  D 4 4  ? -1.738  -8.554  -18.441 1.00 107.65 ? 5   DA  D "C3'" 1 
ATOM   617 O  "O3'" . DA  D 4 4  ? -0.917  -7.415  -18.580 1.00 107.60 ? 5   DA  D "O3'" 1 
ATOM   618 C  "C2'" . DA  D 4 4  ? -2.205  -8.734  -16.998 1.00 95.77  ? 5   DA  D "C2'" 1 
ATOM   619 C  "C1'" . DA  D 4 4  ? -3.377  -7.772  -16.962 1.00 93.33  ? 5   DA  D "C1'" 1 
ATOM   620 N  N9    . DA  D 4 4  ? -4.330  -8.036  -15.889 1.00 88.15  ? 5   DA  D N9    1 
ATOM   621 C  C8    . DA  D 4 4  ? -4.832  -9.244  -15.511 1.00 85.91  ? 5   DA  D C8    1 
ATOM   622 N  N7    . DA  D 4 4  ? -5.684  -9.180  -14.515 1.00 78.67  ? 5   DA  D N7    1 
ATOM   623 C  C5    . DA  D 4 4  ? -5.737  -7.834  -14.215 1.00 76.64  ? 5   DA  D C5    1 
ATOM   624 C  C6    . DA  D 4 4  ? -6.455  -7.111  -13.251 1.00 76.77  ? 5   DA  D C6    1 
ATOM   625 N  N6    . DA  D 4 4  ? -7.289  -7.683  -12.380 1.00 78.59  ? 5   DA  D N6    1 
ATOM   626 N  N1    . DA  D 4 4  ? -6.285  -5.773  -13.214 1.00 79.33  ? 5   DA  D N1    1 
ATOM   627 C  C2    . DA  D 4 4  ? -5.447  -5.204  -14.090 1.00 78.28  ? 5   DA  D C2    1 
ATOM   628 N  N3    . DA  D 4 4  ? -4.718  -5.781  -15.042 1.00 80.51  ? 5   DA  D N3    1 
ATOM   629 C  C4    . DA  D 4 4  ? -4.911  -7.111  -15.051 1.00 82.18  ? 5   DA  D C4    1 
ATOM   630 P  P     . DG  D 4 5  ? 0.620   -7.579  -19.003 1.00 116.55 ? 6   DG  D P     1 
ATOM   631 O  OP1   . DG  D 4 5  ? 0.815   -6.839  -20.269 1.00 118.06 ? 6   DG  D OP1   1 
ATOM   632 O  OP2   . DG  D 4 5  ? 0.958   -9.021  -18.920 1.00 112.54 ? 6   DG  D OP2   1 
ATOM   633 O  "O5'" . DG  D 4 5  ? 1.402   -6.812  -17.844 1.00 102.86 ? 6   DG  D "O5'" 1 
ATOM   634 C  "C5'" . DG  D 4 5  ? 0.807   -6.693  -16.566 1.00 101.65 ? 6   DG  D "C5'" 1 
ATOM   635 C  "C4'" . DG  D 4 5  ? 0.536   -5.240  -16.235 1.00 95.32  ? 6   DG  D "C4'" 1 
ATOM   636 O  "O4'" . DG  D 4 5  ? -0.816  -5.105  -15.742 1.00 86.73  ? 6   DG  D "O4'" 1 
ATOM   637 C  "C3'" . DG  D 4 5  ? 1.442   -4.663  -15.161 1.00 89.98  ? 6   DG  D "C3'" 1 
ATOM   638 O  "O3'" . DG  D 4 5  ? 1.756   -3.326  -15.433 1.00 94.48  ? 6   DG  D "O3'" 1 
ATOM   639 C  "C2'" . DG  D 4 5  ? 0.629   -4.788  -13.880 1.00 84.91  ? 6   DG  D "C2'" 1 
ATOM   640 C  "C1'" . DG  D 4 5  ? -0.817  -4.829  -14.360 1.00 75.38  ? 6   DG  D "C1'" 1 
ATOM   641 N  N9    . DG  D 4 5  ? -1.582  -5.863  -13.689 1.00 71.38  ? 6   DG  D N9    1 
ATOM   642 C  C8    . DG  D 4 5  ? -1.607  -7.202  -13.987 1.00 79.78  ? 6   DG  D C8    1 
ATOM   643 N  N7    . DG  D 4 5  ? -2.382  -7.897  -13.193 1.00 76.12  ? 6   DG  D N7    1 
ATOM   644 C  C5    . DG  D 4 5  ? -2.889  -6.958  -12.312 1.00 64.63  ? 6   DG  D C5    1 
ATOM   645 C  C6    . DG  D 4 5  ? -3.776  -7.122  -11.238 1.00 67.49  ? 6   DG  D C6    1 
ATOM   646 O  O6    . DG  D 4 5  ? -4.302  -8.170  -10.841 1.00 72.55  ? 6   DG  D O6    1 
ATOM   647 N  N1    . DG  D 4 5  ? -4.042  -5.910  -10.597 1.00 68.54  ? 6   DG  D N1    1 
ATOM   648 C  C2    . DG  D 4 5  ? -3.500  -4.692  -10.963 1.00 70.49  ? 6   DG  D C2    1 
ATOM   649 N  N2    . DG  D 4 5  ? -3.864  -3.628  -10.231 1.00 68.31  ? 6   DG  D N2    1 
ATOM   650 N  N3    . DG  D 4 5  ? -2.661  -4.530  -11.975 1.00 66.73  ? 6   DG  D N3    1 
ATOM   651 C  C4    . DG  D 4 5  ? -2.402  -5.701  -12.601 1.00 69.30  ? 6   DG  D C4    1 
ATOM   652 P  P     . DT  D 4 6  ? 3.031   -2.666  -14.712 1.00 114.97 ? 7   DT  D P     1 
ATOM   653 O  OP1   . DT  D 4 6  ? 3.343   -1.392  -15.405 1.00 111.73 ? 7   DT  D OP1   1 
ATOM   654 O  OP2   . DT  D 4 6  ? 4.065   -3.722  -14.611 1.00 111.13 ? 7   DT  D OP2   1 
ATOM   655 O  "O5'" . DT  D 4 6  ? 2.510   -2.354  -13.230 1.00 93.74  ? 7   DT  D "O5'" 1 
ATOM   656 C  "C5'" . DT  D 4 6  ? 1.694   -1.221  -12.998 1.00 81.35  ? 7   DT  D "C5'" 1 
ATOM   657 C  "C4'" . DT  D 4 6  ? 1.172   -1.206  -11.576 1.00 77.80  ? 7   DT  D "C4'" 1 
ATOM   658 O  "O4'" . DT  D 4 6  ? 0.473   -2.430  -11.299 1.00 79.80  ? 7   DT  D "O4'" 1 
ATOM   659 C  "C3'" . DT  D 4 6  ? 2.233   -1.086  -10.479 1.00 75.33  ? 7   DT  D "C3'" 1 
ATOM   660 O  "O3'" . DT  D 4 6  ? 2.063   0.150   -9.799  1.00 77.09  ? 7   DT  D "O3'" 1 
ATOM   661 C  "C2'" . DT  D 4 6  ? 1.959   -2.291  -9.553  1.00 69.75  ? 7   DT  D "C2'" 1 
ATOM   662 C  "C1'" . DT  D 4 6  ? 0.529   -2.640  -9.923  1.00 65.86  ? 7   DT  D "C1'" 1 
ATOM   663 N  N1    . DT  D 4 6  ? 0.110   -4.051  -9.645  1.00 60.15  ? 7   DT  D N1    1 
ATOM   664 C  C2    . DT  D 4 6  ? -0.740  -4.294  -8.599  1.00 57.74  ? 7   DT  D C2    1 
ATOM   665 O  O2    . DT  D 4 6  ? -1.136  -3.421  -7.857  1.00 60.43  ? 7   DT  D O2    1 
ATOM   666 N  N3    . DT  D 4 6  ? -1.099  -5.609  -8.439  1.00 59.46  ? 7   DT  D N3    1 
ATOM   667 C  C4    . DT  D 4 6  ? -0.704  -6.682  -9.224  1.00 63.70  ? 7   DT  D C4    1 
ATOM   668 O  O4    . DT  D 4 6  ? -1.073  -7.834  -9.007  1.00 57.78  ? 7   DT  D O4    1 
ATOM   669 C  C5    . DT  D 4 6  ? 0.179   -6.350  -10.315 1.00 58.79  ? 7   DT  D C5    1 
ATOM   670 C  C7    . DT  D 4 6  ? 0.673   -7.428  -11.228 1.00 60.21  ? 7   DT  D C7    1 
ATOM   671 C  C6    . DT  D 4 6  ? 0.533   -5.065  -10.477 1.00 59.53  ? 7   DT  D C6    1 
ATOM   672 P  P     . DC  D 4 7  ? 3.140   0.627   -8.709  1.00 83.69  ? 8   DC  D P     1 
ATOM   673 O  OP1   . DC  D 4 7  ? 3.083   2.102   -8.608  1.00 75.67  ? 8   DC  D OP1   1 
ATOM   674 O  OP2   . DC  D 4 7  ? 4.423   -0.042  -9.037  1.00 85.74  ? 8   DC  D OP2   1 
ATOM   675 O  "O5'" . DC  D 4 7  ? 2.566   0.044   -7.335  1.00 71.85  ? 8   DC  D "O5'" 1 
ATOM   676 C  "C5'" . DC  D 4 7  ? 1.420   0.636   -6.776  1.00 65.90  ? 8   DC  D "C5'" 1 
ATOM   677 C  "C4'" . DC  D 4 7  ? 1.012   -0.045  -5.486  1.00 67.89  ? 8   DC  D "C4'" 1 
ATOM   678 O  "O4'" . DC  D 4 7  ? 0.664   -1.427  -5.739  1.00 67.78  ? 8   DC  D "O4'" 1 
ATOM   679 C  "C3'" . DC  D 4 7  ? 2.072   -0.066  -4.394  1.00 69.31  ? 8   DC  D "C3'" 1 
ATOM   680 O  "O3'" . DC  D 4 7  ? 1.488   0.373   -3.179  1.00 76.83  ? 8   DC  D "O3'" 1 
ATOM   681 C  "C2'" . DC  D 4 7  ? 2.495   -1.545  -4.327  1.00 67.85  ? 8   DC  D "C2'" 1 
ATOM   682 C  "C1'" . DC  D 4 7  ? 1.202   -2.234  -4.725  1.00 60.30  ? 8   DC  D "C1'" 1 
ATOM   683 N  N1    . DC  D 4 7  ? 1.344   -3.615  -5.288  1.00 51.91  ? 8   DC  D N1    1 
ATOM   684 C  C2    . DC  D 4 7  ? 0.679   -4.689  -4.670  1.00 58.01  ? 8   DC  D C2    1 
ATOM   685 O  O2    . DC  D 4 7  ? 0.029   -4.484  -3.637  1.00 66.08  ? 8   DC  D O2    1 
ATOM   686 N  N3    . DC  D 4 7  ? 0.776   -5.927  -5.213  1.00 54.17  ? 8   DC  D N3    1 
ATOM   687 C  C4    . DC  D 4 7  ? 1.483   -6.107  -6.327  1.00 60.76  ? 8   DC  D C4    1 
ATOM   688 N  N4    . DC  D 4 7  ? 1.554   -7.349  -6.823  1.00 63.39  ? 8   DC  D N4    1 
ATOM   689 C  C5    . DC  D 4 7  ? 2.148   -5.025  -6.981  1.00 52.30  ? 8   DC  D C5    1 
ATOM   690 C  C6    . DC  D 4 7  ? 2.041   -3.807  -6.438  1.00 49.65  ? 8   DC  D C6    1 
ATOM   691 P  P     . DG  D 4 8  ? 2.437   0.915   -2.009  1.00 75.57  ? 9   DG  D P     1 
ATOM   692 O  OP1   . DG  D 4 8  ? 1.748   1.892   -1.138  1.00 73.45  ? 9   DG  D OP1   1 
ATOM   693 O  OP2   . DG  D 4 8  ? 3.682   1.275   -2.722  1.00 68.88  ? 9   DG  D OP2   1 
ATOM   694 O  "O5'" . DG  D 4 8  ? 2.690   -0.366  -1.112  1.00 57.64  ? 9   DG  D "O5'" 1 
ATOM   695 C  "C5'" . DG  D 4 8  ? 1.810   -0.655  -0.069  1.00 66.38  ? 9   DG  D "C5'" 1 
ATOM   696 C  "C4'" . DG  D 4 8  ? 1.937   -2.106  0.331   1.00 70.46  ? 9   DG  D "C4'" 1 
ATOM   697 O  "O4'" . DG  D 4 8  ? 2.017   -2.925  -0.855  1.00 67.08  ? 9   DG  D "O4'" 1 
ATOM   698 C  "C3'" . DG  D 4 8  ? 3.191   -2.435  1.134   1.00 63.92  ? 9   DG  D "C3'" 1 
ATOM   699 O  "O3'" . DG  D 4 8  ? 2.838   -2.768  2.458   1.00 67.05  ? 9   DG  D "O3'" 1 
ATOM   700 C  "C2'" . DG  D 4 8  ? 3.805   -3.632  0.402   1.00 70.32  ? 9   DG  D "C2'" 1 
ATOM   701 C  "C1'" . DG  D 4 8  ? 2.675   -4.098  -0.502  1.00 60.36  ? 9   DG  D "C1'" 1 
ATOM   702 N  N9    . DG  D 4 8  ? 3.153   -4.739  -1.710  1.00 52.88  ? 9   DG  D N9    1 
ATOM   703 C  C8    . DG  D 4 8  ? 3.957   -4.179  -2.666  1.00 58.71  ? 9   DG  D C8    1 
ATOM   704 N  N7    . DG  D 4 8  ? 4.252   -4.992  -3.638  1.00 55.99  ? 9   DG  D N7    1 
ATOM   705 C  C5    . DG  D 4 8  ? 3.600   -6.167  -3.300  1.00 53.79  ? 9   DG  D C5    1 
ATOM   706 C  C6    . DG  D 4 8  ? 3.553   -7.394  -3.983  1.00 58.46  ? 9   DG  D C6    1 
ATOM   707 O  O6    . DG  D 4 8  ? 4.105   -7.690  -5.056  1.00 65.57  ? 9   DG  D O6    1 
ATOM   708 N  N1    . DG  D 4 8  ? 2.788   -8.334  -3.303  1.00 49.84  ? 9   DG  D N1    1 
ATOM   709 C  C2    . DG  D 4 8  ? 2.151   -8.104  -2.116  1.00 59.38  ? 9   DG  D C2    1 
ATOM   710 N  N2    . DG  D 4 8  ? 1.458   -9.135  -1.613  1.00 64.21  ? 9   DG  D N2    1 
ATOM   711 N  N3    . DG  D 4 8  ? 2.189   -6.948  -1.460  1.00 58.14  ? 9   DG  D N3    1 
ATOM   712 C  C4    . DG  D 4 8  ? 2.931   -6.032  -2.110  1.00 49.54  ? 9   DG  D C4    1 
ATOM   713 P  P     . DT  D 4 9  ? 2.781   -1.612  3.564   1.00 80.11  ? 10  DT  D P     1 
ATOM   714 O  OP1   . DT  D 4 9  ? 1.411   -1.589  4.120   1.00 80.07  ? 10  DT  D OP1   1 
ATOM   715 O  OP2   . DT  D 4 9  ? 3.385   -0.421  2.911   1.00 56.50  ? 10  DT  D OP2   1 
ATOM   716 O  "O5'" . DT  D 4 9  ? 3.739   -2.119  4.749   1.00 88.35  ? 10  DT  D "O5'" 1 
ATOM   717 C  "C5'" . DT  D 4 9  ? 5.152   -2.235  4.550   1.00 75.53  ? 10  DT  D "C5'" 1 
ATOM   718 C  "C4'" . DT  D 4 9  ? 5.926   -1.213  5.380   1.00 74.38  ? 10  DT  D "C4'" 1 
ATOM   719 O  "O4'" . DT  D 4 9  ? 6.340   -0.134  4.534   1.00 71.44  ? 10  DT  D "O4'" 1 
ATOM   720 C  "C3'" . DT  D 4 9  ? 5.147   -0.531  6.489   1.00 81.96  ? 10  DT  D "C3'" 1 
ATOM   721 O  "O3'" . DT  D 4 9  ? 5.226   -1.289  7.681   1.00 88.79  ? 10  DT  D "O3'" 1 
ATOM   722 C  "C2'" . DT  D 4 9  ? 5.873   0.812   6.649   1.00 78.50  ? 10  DT  D "C2'" 1 
ATOM   723 C  "C1'" . DT  D 4 9  ? 6.613   0.991   5.324   1.00 65.51  ? 10  DT  D "C1'" 1 
ATOM   724 N  N1    . DT  D 4 9  ? 6.197   2.178   4.570   1.00 70.41  ? 10  DT  D N1    1 
ATOM   725 C  C2    . DT  D 4 9  ? 6.637   3.409   4.970   1.00 77.07  ? 10  DT  D C2    1 
ATOM   726 O  O2    . DT  D 4 9  ? 7.352   3.573   5.941   1.00 82.64  ? 10  DT  D O2    1 
ATOM   727 N  N3    . DT  D 4 9  ? 6.204   4.451   4.194   1.00 75.83  ? 10  DT  D N3    1 
ATOM   728 C  C4    . DT  D 4 9  ? 5.385   4.374   3.079   1.00 74.74  ? 10  DT  D C4    1 
ATOM   729 O  O4    . DT  D 4 9  ? 5.043   5.362   2.443   1.00 79.31  ? 10  DT  D O4    1 
ATOM   730 C  C5    . DT  D 4 9  ? 4.965   3.048   2.712   1.00 67.54  ? 10  DT  D C5    1 
ATOM   731 C  C7    . DT  D 4 9  ? 4.083   2.843   1.521   1.00 59.55  ? 10  DT  D C7    1 
ATOM   732 C  C6    . DT  D 4 9  ? 5.386   2.026   3.465   1.00 73.41  ? 10  DT  D C6    1 
ATOM   733 P  P     . DT  D 4 10 ? 4.175   -1.022  8.865   1.00 94.46  ? 11  DT  D P     1 
ATOM   734 O  OP1   . DT  D 4 10 ? 4.421   -2.064  9.900   1.00 75.79  ? 11  DT  D OP1   1 
ATOM   735 O  OP2   . DT  D 4 10 ? 2.847   -0.849  8.228   1.00 84.22  ? 11  DT  D OP2   1 
ATOM   736 O  "O5'" . DT  D 4 10 ? 4.588   0.413   9.442   1.00 71.24  ? 11  DT  D "O5'" 1 
ATOM   737 C  "C5'" . DT  D 4 10 ? 5.629   0.512   10.386  1.00 71.08  ? 11  DT  D "C5'" 1 
ATOM   738 C  "C4'" . DT  D 4 10 ? 5.961   1.962   10.648  1.00 80.07  ? 11  DT  D "C4'" 1 
ATOM   739 O  "O4'" . DT  D 4 10 ? 5.864   2.698   9.412   1.00 78.86  ? 11  DT  D "O4'" 1 
ATOM   740 C  "C3'" . DT  D 4 10 ? 5.044   2.668   11.643  1.00 83.93  ? 11  DT  D "C3'" 1 
ATOM   741 O  "O3'" . DT  D 4 10 ? 5.822   3.384   12.579  1.00 99.15  ? 11  DT  D "O3'" 1 
ATOM   742 C  "C2'" . DT  D 4 10 ? 4.212   3.611   10.776  1.00 85.87  ? 11  DT  D "C2'" 1 
ATOM   743 C  "C1'" . DT  D 4 10 ? 5.140   3.880   9.608   1.00 79.73  ? 11  DT  D "C1'" 1 
ATOM   744 N  N1    . DT  D 4 10 ? 4.429   4.159   8.354   1.00 74.76  ? 11  DT  D N1    1 
ATOM   745 C  C2    . DT  D 4 10 ? 4.473   5.422   7.823   1.00 82.01  ? 11  DT  D C2    1 
ATOM   746 O  O2    . DT  D 4 10 ? 5.063   6.347   8.350   1.00 87.77  ? 11  DT  D O2    1 
ATOM   747 N  N3    . DT  D 4 10 ? 3.789   5.570   6.650   1.00 79.75  ? 11  DT  D N3    1 
ATOM   748 C  C4    . DT  D 4 10 ? 3.089   4.594   5.967   1.00 79.25  ? 11  DT  D C4    1 
ATOM   749 O  O4    . DT  D 4 10 ? 2.504   4.823   4.914   1.00 80.59  ? 11  DT  D O4    1 
ATOM   750 C  C5    . DT  D 4 10 ? 3.094   3.290   6.581   1.00 75.23  ? 11  DT  D C5    1 
ATOM   751 C  C7    . DT  D 4 10 ? 2.372   2.149   5.934   1.00 75.45  ? 11  DT  D C7    1 
ATOM   752 C  C6    . DT  D 4 10 ? 3.756   3.139   7.730   1.00 71.40  ? 11  DT  D C6    1 
ATOM   753 P  P     . DG  D 4 11 ? 5.132   4.034   13.873  1.00 114.13 ? 12  DG  D P     1 
ATOM   754 O  OP1   . DG  D 4 11 ? 6.158   4.064   14.941  1.00 99.13  ? 12  DG  D OP1   1 
ATOM   755 O  OP2   . DG  D 4 11 ? 3.855   3.321   14.102  1.00 111.29 ? 12  DG  D OP2   1 
ATOM   756 O  "O5'" . DG  D 4 11 ? 4.801   5.532   13.421  1.00 87.06  ? 12  DG  D "O5'" 1 
ATOM   757 C  "C5'" . DG  D 4 11 ? 5.841   6.465   13.324  1.00 83.70  ? 12  DG  D "C5'" 1 
ATOM   758 C  "C4'" . DG  D 4 11 ? 5.376   7.717   12.615  1.00 92.25  ? 12  DG  D "C4'" 1 
ATOM   759 O  "O4'" . DG  D 4 11 ? 4.750   7.372   11.363  1.00 85.10  ? 12  DG  D "O4'" 1 
ATOM   760 C  "C3'" . DG  D 4 11 ? 4.348   8.557   13.378  1.00 106.38 ? 12  DG  D "C3'" 1 
ATOM   761 O  "O3'" . DG  D 4 11 ? 4.847   9.874   13.531  1.00 114.79 ? 12  DG  D "O3'" 1 
ATOM   762 C  "C2'" . DG  D 4 11 ? 3.100   8.526   12.475  1.00 104.43 ? 12  DG  D "C2'" 1 
ATOM   763 C  "C1'" . DG  D 4 11 ? 3.731   8.305   11.116  1.00 90.35  ? 12  DG  D "C1'" 1 
ATOM   764 N  N9    . DG  D 4 11 ? 2.840   7.741   10.105  1.00 88.44  ? 12  DG  D N9    1 
ATOM   765 C  C8    . DG  D 4 11 ? 2.441   6.432   10.007  1.00 89.06  ? 12  DG  D C8    1 
ATOM   766 N  N7    . DG  D 4 11 ? 1.670   6.197   8.984   1.00 88.22  ? 12  DG  D N7    1 
ATOM   767 C  C5    . DG  D 4 11 ? 1.555   7.424   8.353   1.00 80.27  ? 12  DG  D C5    1 
ATOM   768 C  C6    . DG  D 4 11 ? 0.839   7.776   7.187   1.00 79.05  ? 12  DG  D C6    1 
ATOM   769 O  O6    . DG  D 4 11 ? 0.149   7.048   6.466   1.00 80.32  ? 12  DG  D O6    1 
ATOM   770 N  N1    . DG  D 4 11 ? 0.982   9.122   6.879   1.00 77.66  ? 12  DG  D N1    1 
ATOM   771 C  C2    . DG  D 4 11 ? 1.720   10.018  7.613   1.00 85.20  ? 12  DG  D C2    1 
ATOM   772 N  N2    . DG  D 4 11 ? 1.749   11.279  7.148   1.00 84.67  ? 12  DG  D N2    1 
ATOM   773 N  N3    . DG  D 4 11 ? 2.405   9.701   8.713   1.00 80.53  ? 12  DG  D N3    1 
ATOM   774 C  C4    . DG  D 4 11 ? 2.274   8.390   9.021   1.00 80.44  ? 12  DG  D C4    1 
ATOM   775 P  P     . DT  D 4 12 ? 4.695   10.644  14.933  1.00 129.13 ? 13  DT  D P     1 
ATOM   776 O  OP1   . DT  D 4 12 ? 6.044   11.070  15.373  1.00 135.73 ? 13  DT  D OP1   1 
ATOM   777 O  OP2   . DT  D 4 12 ? 3.868   9.789   15.819  1.00 115.87 ? 13  DT  D OP2   1 
ATOM   778 O  "O5'" . DT  D 4 12 ? 3.852   11.942  14.551  1.00 108.42 ? 13  DT  D "O5'" 1 
ATOM   779 C  "C5'" . DT  D 4 12 ? 2.577   11.787  13.992  1.00 105.52 ? 13  DT  D "C5'" 1 
ATOM   780 C  "C4'" . DT  D 4 12 ? 2.335   12.822  12.926  1.00 105.99 ? 13  DT  D "C4'" 1 
ATOM   781 O  "O4'" . DT  D 4 12 ? 1.987   12.145  11.690  1.00 102.96 ? 13  DT  D "O4'" 1 
ATOM   782 C  "C3'" . DT  D 4 12 ? 1.174   13.764  13.231  1.00 118.22 ? 13  DT  D "C3'" 1 
ATOM   783 O  "O3'" . DT  D 4 12 ? 1.423   15.065  12.692  1.00 132.91 ? 13  DT  D "O3'" 1 
ATOM   784 C  "C2'" . DT  D 4 12 ? 0.018   13.080  12.524  1.00 112.86 ? 13  DT  D "C2'" 1 
ATOM   785 C  "C1'" . DT  D 4 12 ? 0.705   12.563  11.274  1.00 103.70 ? 13  DT  D "C1'" 1 
ATOM   786 N  N1    . DT  D 4 12 ? 0.000   11.412  10.650  1.00 94.62  ? 13  DT  D N1    1 
ATOM   787 C  C2    . DT  D 4 12 ? -0.588  11.575  9.420   1.00 94.40  ? 13  DT  D C2    1 
ATOM   788 O  O2    . DT  D 4 12 ? -0.549  12.622  8.798   1.00 100.23 ? 13  DT  D O2    1 
ATOM   789 N  N3    . DT  D 4 12 ? -1.221  10.463  8.933   1.00 83.89  ? 13  DT  D N3    1 
ATOM   790 C  C4    . DT  D 4 12 ? -1.326  9.231   9.545   1.00 87.30  ? 13  DT  D C4    1 
ATOM   791 O  O4    . DT  D 4 12 ? -1.916  8.291   9.024   1.00 85.90  ? 13  DT  D O4    1 
ATOM   792 C  C5    . DT  D 4 12 ? -0.689  9.128   10.840  1.00 91.65  ? 13  DT  D C5    1 
ATOM   793 C  C7    . DT  D 4 12 ? -0.736  7.838   11.605  1.00 86.09  ? 13  DT  D C7    1 
ATOM   794 C  C6    . DT  D 4 12 ? -0.065  10.211  11.324  1.00 92.12  ? 13  DT  D C6    1 
ATOM   795 P  P     . DC  D 4 13 ? 0.623   16.345  13.259  1.00 133.91 ? 14  DC  D P     1 
ATOM   796 O  OP1   . DC  D 4 13 ? 0.974   17.525  12.439  1.00 128.18 ? 14  DC  D OP1   1 
ATOM   797 O  OP2   . DC  D 4 13 ? 0.827   16.367  14.725  1.00 120.40 ? 14  DC  D OP2   1 
ATOM   798 O  "O5'" . DC  D 4 13 ? -0.909  16.019  12.956  1.00 121.54 ? 14  DC  D "O5'" 1 
ATOM   799 C  "C5'" . DC  D 4 13 ? -1.772  17.057  12.525  1.00 125.17 ? 14  DC  D "C5'" 1 
ATOM   800 C  "C4'" . DC  D 4 13 ? -2.268  16.792  11.116  1.00 127.28 ? 14  DC  D "C4'" 1 
ATOM   801 O  "O4'" . DC  D 4 13 ? -2.036  15.413  10.781  1.00 121.26 ? 14  DC  D "O4'" 1 
ATOM   802 C  "C3'" . DC  D 4 13 ? -3.761  16.989  10.928  1.00 127.53 ? 14  DC  D "C3'" 1 
ATOM   803 O  "O3'" . DC  D 4 13 ? -4.032  18.336  10.585  1.00 136.95 ? 14  DC  D "O3'" 1 
ATOM   804 C  "C2'" . DC  D 4 13 ? -4.103  16.043  9.774   1.00 119.16 ? 14  DC  D "C2'" 1 
ATOM   805 C  "C1'" . DC  D 4 13 ? -2.997  14.990  9.832   1.00 112.08 ? 14  DC  D "C1'" 1 
ATOM   806 N  N1    . DC  D 4 13 ? -3.451  13.604  10.195  1.00 102.06 ? 14  DC  D N1    1 
ATOM   807 C  C2    . DC  D 4 13 ? -4.218  12.859  9.293   1.00 96.44  ? 14  DC  D C2    1 
ATOM   808 O  O2    . DC  D 4 13 ? -4.553  13.369  8.218   1.00 96.87  ? 14  DC  D O2    1 
ATOM   809 N  N3    . DC  D 4 13 ? -4.584  11.596  9.631   1.00 91.73  ? 14  DC  D N3    1 
ATOM   810 C  C4    . DC  D 4 13 ? -4.200  11.080  10.802  1.00 98.46  ? 14  DC  D C4    1 
ATOM   811 N  N4    . DC  D 4 13 ? -4.583  9.834   11.095  1.00 98.52  ? 14  DC  D N4    1 
ATOM   812 C  C5    . DC  D 4 13 ? -3.407  11.820  11.724  1.00 101.13 ? 14  DC  D C5    1 
ATOM   813 C  C6    . DC  D 4 13 ? -3.059  13.062  11.381  1.00 103.70 ? 14  DC  D C6    1 
ATOM   814 P  P     . DG  D 4 14 ? -4.673  19.324  11.676  1.00 147.97 ? 15  DG  D P     1 
ATOM   815 O  OP1   . DG  D 4 14 ? -3.577  20.174  12.198  1.00 148.75 ? 15  DG  D OP1   1 
ATOM   816 O  OP2   . DG  D 4 14 ? -5.459  18.477  12.608  1.00 136.43 ? 15  DG  D OP2   1 
ATOM   817 O  "O5'" . DG  D 4 14 ? -5.660  20.259  10.825  1.00 138.42 ? 15  DG  D "O5'" 1 
ATOM   818 C  "C5'" . DG  D 4 14 ? -7.070  20.098  10.947  1.00 139.48 ? 15  DG  D "C5'" 1 
ATOM   819 C  "C4'" . DG  D 4 14 ? -7.599  19.133  9.901   1.00 134.61 ? 15  DG  D "C4'" 1 
ATOM   820 O  "O4'" . DG  D 4 14 ? -6.825  17.916  9.928   1.00 125.40 ? 15  DG  D "O4'" 1 
ATOM   821 C  "C3'" . DG  D 4 14 ? -9.028  18.673  10.121  1.00 133.74 ? 15  DG  D "C3'" 1 
ATOM   822 O  "O3'" . DG  D 4 14 ? -9.977  19.631  9.581   1.00 141.90 ? 15  DG  D "O3'" 1 
ATOM   823 C  "C2'" . DG  D 4 14 ? -9.068  17.327  9.394   1.00 126.78 ? 15  DG  D "C2'" 1 
ATOM   824 C  "C1'" . DG  D 4 14 ? -7.623  16.841  9.467   1.00 118.52 ? 15  DG  D "C1'" 1 
ATOM   825 N  N9    . DG  D 4 14 ? -7.423  15.691  10.346  1.00 113.63 ? 15  DG  D N9    1 
ATOM   826 C  C8    . DG  D 4 14 ? -6.772  15.676  11.558  1.00 116.21 ? 15  DG  D C8    1 
ATOM   827 N  N7    . DG  D 4 14 ? -6.722  14.492  12.107  1.00 109.86 ? 15  DG  D N7    1 
ATOM   828 C  C5    . DG  D 4 14 ? -7.390  13.671  11.205  1.00 106.73 ? 15  DG  D C5    1 
ATOM   829 C  C6    . DG  D 4 14 ? -7.662  12.282  11.266  1.00 103.61 ? 15  DG  D C6    1 
ATOM   830 O  O6    . DG  D 4 14 ? -7.357  11.477  12.159  1.00 100.34 ? 15  DG  D O6    1 
ATOM   831 N  N1    . DG  D 4 14 ? -8.367  11.846  10.144  1.00 102.23 ? 15  DG  D N1    1 
ATOM   832 C  C2    . DG  D 4 14 ? -8.758  12.651  9.098   1.00 101.35 ? 15  DG  D C2    1 
ATOM   833 N  N2    . DG  D 4 14 ? -9.430  12.051  8.103   1.00 100.34 ? 15  DG  D N2    1 
ATOM   834 N  N3    . DG  D 4 14 ? -8.511  13.954  9.031   1.00 100.28 ? 15  DG  D N3    1 
ATOM   835 C  C4    . DG  D 4 14 ? -7.825  14.394  10.115  1.00 106.57 ? 15  DG  D C4    1 
ATOM   836 P  P     . DT  D 4 15 ? -10.197 19.839  7.994   1.00 147.00 ? 16  DT  D P     1 
ATOM   837 O  OP1   . DT  D 4 15 ? -8.893  19.886  7.301   1.00 148.16 ? 16  DT  D OP1   1 
ATOM   838 O  OP2   . DT  D 4 15 ? -11.124 20.980  7.845   1.00 143.06 ? 16  DT  D OP2   1 
ATOM   839 O  "O5'" . DT  D 4 15 ? -10.976 18.529  7.505   1.00 139.18 ? 16  DT  D "O5'" 1 
ATOM   840 C  "C5'" . DT  D 4 15 ? -12.181 18.116  8.139   1.00 132.05 ? 16  DT  D "C5'" 1 
ATOM   841 C  "C4'" . DT  D 4 15 ? -12.460 16.656  7.826   1.00 129.70 ? 16  DT  D "C4'" 1 
ATOM   842 O  "O4'" . DT  D 4 15 ? -11.628 15.803  8.660   1.00 126.01 ? 16  DT  D "O4'" 1 
ATOM   843 C  "C3'" . DT  D 4 15 ? -13.900 16.202  8.059   1.00 128.25 ? 16  DT  D "C3'" 1 
ATOM   844 O  "O3'" . DT  D 4 15 ? -14.350 15.449  6.939   1.00 128.26 ? 16  DT  D "O3'" 1 
ATOM   845 C  "C2'" . DT  D 4 15 ? -13.801 15.335  9.318   1.00 119.00 ? 16  DT  D "C2'" 1 
ATOM   846 C  "C1'" . DT  D 4 15 ? -12.411 14.753  9.170   1.00 115.90 ? 16  DT  D "C1'" 1 
ATOM   847 N  N1    . DT  D 4 15 ? -11.804 14.272  10.453  1.00 110.71 ? 16  DT  D N1    1 
ATOM   848 C  C2    . DT  D 4 15 ? -11.916 12.942  10.788  1.00 111.36 ? 16  DT  D C2    1 
ATOM   849 O  O2    . DT  D 4 15 ? -12.499 12.126  10.095  1.00 111.00 ? 16  DT  D O2    1 
ATOM   850 N  N3    . DT  D 4 15 ? -11.322 12.597  11.975  1.00 108.40 ? 16  DT  D N3    1 
ATOM   851 C  C4    . DT  D 4 15 ? -10.639 13.431  12.841  1.00 110.57 ? 16  DT  D C4    1 
ATOM   852 O  O4    . DT  D 4 15 ? -10.137 13.020  13.888  1.00 111.12 ? 16  DT  D O4    1 
ATOM   853 C  C5    . DT  D 4 15 ? -10.554 14.817  12.425  1.00 107.61 ? 16  DT  D C5    1 
ATOM   854 C  C7    . DT  D 4 15 ? -9.840  15.822  13.280  1.00 107.94 ? 16  DT  D C7    1 
ATOM   855 C  C6    . DT  D 4 15 ? -11.132 15.163  11.265  1.00 107.40 ? 16  DT  D C6    1 
HETATM 856 AS AS    . CAC E 5 .  ? 7.282   -5.663  -6.856  1.00 120.32 ? 101 CAC C AS    1 
# 
loop_
_pdbx_poly_seq_scheme.asym_id 
_pdbx_poly_seq_scheme.entity_id 
_pdbx_poly_seq_scheme.seq_id 
_pdbx_poly_seq_scheme.mon_id 
_pdbx_poly_seq_scheme.ndb_seq_num 
_pdbx_poly_seq_scheme.pdb_seq_num 
_pdbx_poly_seq_scheme.auth_seq_num 
_pdbx_poly_seq_scheme.pdb_mon_id 
_pdbx_poly_seq_scheme.auth_mon_id 
_pdbx_poly_seq_scheme.pdb_strand_id 
_pdbx_poly_seq_scheme.pdb_ins_code 
_pdbx_poly_seq_scheme.hetero 
A 1 1  DG 1  1  1  DG DG A . n 
A 1 2  DA 2  2  2  DA DA A . n 
A 1 3  DA 3  3  3  DA DA A . n 
A 1 4  DC 4  4  4  DC DC A . n 
A 1 5  DG 5  5  5  DG DG A . n 
A 1 6  DA 6  6  6  DA DA A . n 
A 1 7  DC 7  7  7  DC DC A . n 
A 1 8  DA 8  8  8  DA DA A . n 
A 1 9  DA 9  9  9  DA DA A . n 
A 1 10 DA 10 10 10 DA DA A . n 
A 1 11 DG 11 11 11 DG DG A . n 
A 1 12 DA 12 12 12 DA DA A . n 
B 2 1  DC 1  12 12 DC DC B . n 
B 2 2  DG 2  13 13 DG DG B . n 
B 2 3  DT 3  14 14 DT DT B . n 
B 2 4  DC 4  15 15 DC DC B . n 
B 2 5  DG 5  16 16 DG DG B . n 
B 2 6  DA 6  17 17 DA DA B . n 
B 2 7  DC 7  18 18 DC DC B . n 
B 2 8  DT 8  19 19 DT DT B . n 
B 2 9  DC 9  20 20 DC DC B . n 
C 3 1  DT 1  0  0  DT DT C . n 
C 3 2  DC 2  1  1  DC DC C . n 
C 3 3  DT 3  2  2  DT DT C . n 
C 3 4  DA 4  3  3  DA DA C . n 
C 3 5  DC 5  4  4  DC DC C . n 
C 3 6  DG 6  5  5  DG DG C . n 
D 4 1  DT 1  2  2  DT DT D . n 
D 4 2  DC 2  3  3  DC DC D . n 
D 4 3  DG 3  4  4  DG DG D . n 
D 4 4  DA 4  5  5  DA DA D . n 
D 4 5  DG 5  6  6  DG DG D . n 
D 4 6  DT 6  7  7  DT DT D . n 
D 4 7  DC 7  8  8  DC DC D . n 
D 4 8  DG 8  9  9  DG DG D . n 
D 4 9  DT 9  10 10 DT DT D . n 
D 4 10 DT 10 11 11 DT DT D . n 
D 4 11 DG 11 12 12 DG DG D . n 
D 4 12 DT 12 13 13 DT DT D . n 
D 4 13 DC 13 14 14 DC DC D . n 
D 4 14 DG 14 15 15 DG DG D . n 
D 4 15 DT 15 16 16 DT DT D . n 
# 
_pdbx_nonpoly_scheme.asym_id         E 
_pdbx_nonpoly_scheme.entity_id       5 
_pdbx_nonpoly_scheme.mon_id          CAC 
_pdbx_nonpoly_scheme.ndb_seq_num     1 
_pdbx_nonpoly_scheme.pdb_seq_num     101 
_pdbx_nonpoly_scheme.auth_seq_num    1 
_pdbx_nonpoly_scheme.pdb_mon_id      CAC 
_pdbx_nonpoly_scheme.auth_mon_id     AS 
_pdbx_nonpoly_scheme.pdb_strand_id   C 
_pdbx_nonpoly_scheme.pdb_ins_code    . 
# 
_pdbx_struct_assembly.id                   1 
_pdbx_struct_assembly.details              author_and_software_defined_assembly 
_pdbx_struct_assembly.method_details       PISA 
_pdbx_struct_assembly.oligomeric_details   tetrameric 
_pdbx_struct_assembly.oligomeric_count     4 
# 
_pdbx_struct_assembly_gen.assembly_id       1 
_pdbx_struct_assembly_gen.oper_expression   1 
_pdbx_struct_assembly_gen.asym_id_list      A,B,C,D,E 
# 
loop_
_pdbx_struct_assembly_prop.biol_id 
_pdbx_struct_assembly_prop.type 
_pdbx_struct_assembly_prop.value 
_pdbx_struct_assembly_prop.details 
1 'ABSA (A^2)' 2540 ? 
1 MORE         -11  ? 
1 'SSA (A^2)'  7860 ? 
# 
_pdbx_struct_oper_list.id                   1 
_pdbx_struct_oper_list.type                 'identity operation' 
_pdbx_struct_oper_list.name                 1_555 
_pdbx_struct_oper_list.symmetry_operation   x,y,z 
_pdbx_struct_oper_list.matrix[1][1]         1.0000000000 
_pdbx_struct_oper_list.matrix[1][2]         0.0000000000 
_pdbx_struct_oper_list.matrix[1][3]         0.0000000000 
_pdbx_struct_oper_list.vector[1]            0.0000000000 
_pdbx_struct_oper_list.matrix[2][1]         0.0000000000 
_pdbx_struct_oper_list.matrix[2][2]         1.0000000000 
_pdbx_struct_oper_list.matrix[2][3]         0.0000000000 
_pdbx_struct_oper_list.vector[2]            0.0000000000 
_pdbx_struct_oper_list.matrix[3][1]         0.0000000000 
_pdbx_struct_oper_list.matrix[3][2]         0.0000000000 
_pdbx_struct_oper_list.matrix[3][3]         1.0000000000 
_pdbx_struct_oper_list.vector[3]            0.0000000000 
# 
loop_
_pdbx_audit_revision_history.ordinal 
_pdbx_audit_revision_history.data_content_type 
_pdbx_audit_revision_history.major_revision 
_pdbx_audit_revision_history.minor_revision 
_pdbx_audit_revision_history.revision_date 
1 'Structure model' 1 0 2021-07-14 
2 'Structure model' 1 1 2022-07-06 
3 'Structure model' 1 2 2023-10-18 
# 
_pdbx_audit_revision_details.ordinal             1 
_pdbx_audit_revision_details.revision_ordinal    1 
_pdbx_audit_revision_details.data_content_type   'Structure model' 
_pdbx_audit_revision_details.provider            repository 
_pdbx_audit_revision_details.type                'Initial release' 
_pdbx_audit_revision_details.description         ? 
_pdbx_audit_revision_details.details             ? 
# 
loop_
_pdbx_audit_revision_group.ordinal 
_pdbx_audit_revision_group.revision_ordinal 
_pdbx_audit_revision_group.data_content_type 
_pdbx_audit_revision_group.group 
1 2 'Structure model' 'Database references'    
2 3 'Structure model' 'Data collection'        
3 3 'Structure model' 'Refinement description' 
# 
loop_
_pdbx_audit_revision_category.ordinal 
_pdbx_audit_revision_category.revision_ordinal 
_pdbx_audit_revision_category.data_content_type 
_pdbx_audit_revision_category.category 
1 2 'Structure model' citation                      
2 2 'Structure model' citation_author               
3 2 'Structure model' database_2                    
4 3 'Structure model' chem_comp_atom                
5 3 'Structure model' chem_comp_bond                
6 3 'Structure model' pdbx_initial_refinement_model 
# 
loop_
_pdbx_audit_revision_item.ordinal 
_pdbx_audit_revision_item.revision_ordinal 
_pdbx_audit_revision_item.data_content_type 
_pdbx_audit_revision_item.item 
1  2 'Structure model' '_citation.country'                   
2  2 'Structure model' '_citation.journal_abbrev'            
3  2 'Structure model' '_citation.journal_id_CSD'            
4  2 'Structure model' '_citation.journal_id_ISSN'           
5  2 'Structure model' '_citation.journal_volume'            
6  2 'Structure model' '_citation.page_first'                
7  2 'Structure model' '_citation.page_last'                 
8  2 'Structure model' '_citation.pdbx_database_id_DOI'      
9  2 'Structure model' '_citation.pdbx_database_id_PubMed'   
10 2 'Structure model' '_citation.title'                     
11 2 'Structure model' '_citation.year'                      
12 2 'Structure model' '_database_2.pdbx_DOI'                
13 2 'Structure model' '_database_2.pdbx_database_accession' 
# 
loop_
_software.citation_id 
_software.classification 
_software.compiler_name 
_software.compiler_version 
_software.contact_author 
_software.contact_author_email 
_software.date 
_software.description 
_software.dependencies 
_software.hardware 
_software.language 
_software.location 
_software.mods 
_software.name 
_software.os 
_software.os_version 
_software.type 
_software.version 
_software.pdbx_ordinal 
? 'data reduction'  ? ? ? ? ? ? ? ? ? ? ? HKL-2000    ? ? ? .           1 
? 'data scaling'    ? ? ? ? ? ? ? ? ? ? ? HKL-2000    ? ? ? .           2 
? refinement        ? ? ? ? ? ? ? ? ? ? ? PHENIX      ? ? ? 1.11.1_2575 3 
? 'data extraction' ? ? ? ? ? ? ? ? ? ? ? PDB_EXTRACT ? ? ? 3.25        4 
? phasing           ? ? ? ? ? ? ? ? ? ? ? PHASER      ? ? ? .           5 
# 
_pdbx_entry_details.entry_id                 7JI6 
_pdbx_entry_details.has_ligand_of_interest   N 
_pdbx_entry_details.compound_details         ? 
_pdbx_entry_details.source_details           ? 
_pdbx_entry_details.nonpolymer_details       ? 
_pdbx_entry_details.sequence_details         ? 
# 
_pdbx_validate_rmsd_bond.id                        1 
_pdbx_validate_rmsd_bond.PDB_model_num             1 
_pdbx_validate_rmsd_bond.auth_atom_id_1            "O3'" 
_pdbx_validate_rmsd_bond.auth_asym_id_1            C 
_pdbx_validate_rmsd_bond.auth_comp_id_1            DA 
_pdbx_validate_rmsd_bond.auth_seq_id_1             3 
_pdbx_validate_rmsd_bond.PDB_ins_code_1            ? 
_pdbx_validate_rmsd_bond.label_alt_id_1            ? 
_pdbx_validate_rmsd_bond.auth_atom_id_2            "C3'" 
_pdbx_validate_rmsd_bond.auth_asym_id_2            C 
_pdbx_validate_rmsd_bond.auth_comp_id_2            DA 
_pdbx_validate_rmsd_bond.auth_seq_id_2             3 
_pdbx_validate_rmsd_bond.PDB_ins_code_2            ? 
_pdbx_validate_rmsd_bond.label_alt_id_2            ? 
_pdbx_validate_rmsd_bond.bond_value                1.375 
_pdbx_validate_rmsd_bond.bond_target_value         1.419 
_pdbx_validate_rmsd_bond.bond_deviation            -0.044 
_pdbx_validate_rmsd_bond.bond_standard_deviation   0.006 
_pdbx_validate_rmsd_bond.linker_flag               N 
# 
loop_
_pdbx_unobs_or_zero_occ_atoms.id 
_pdbx_unobs_or_zero_occ_atoms.PDB_model_num 
_pdbx_unobs_or_zero_occ_atoms.polymer_flag 
_pdbx_unobs_or_zero_occ_atoms.occupancy_flag 
_pdbx_unobs_or_zero_occ_atoms.auth_asym_id 
_pdbx_unobs_or_zero_occ_atoms.auth_comp_id 
_pdbx_unobs_or_zero_occ_atoms.auth_seq_id 
_pdbx_unobs_or_zero_occ_atoms.PDB_ins_code 
_pdbx_unobs_or_zero_occ_atoms.auth_atom_id 
_pdbx_unobs_or_zero_occ_atoms.label_alt_id 
_pdbx_unobs_or_zero_occ_atoms.label_asym_id 
_pdbx_unobs_or_zero_occ_atoms.label_comp_id 
_pdbx_unobs_or_zero_occ_atoms.label_seq_id 
_pdbx_unobs_or_zero_occ_atoms.label_atom_id 
1 1 N 1 C CAC 101 ? O1 ? E CAC 1 O1 
2 1 N 1 C CAC 101 ? O2 ? E CAC 1 O2 
3 1 N 1 C CAC 101 ? C1 ? E CAC 1 C1 
4 1 N 1 C CAC 101 ? C2 ? E CAC 1 C2 
# 
loop_
_chem_comp_atom.comp_id 
_chem_comp_atom.atom_id 
_chem_comp_atom.type_symbol 
_chem_comp_atom.pdbx_aromatic_flag 
_chem_comp_atom.pdbx_stereo_config 
_chem_comp_atom.pdbx_ordinal 
CAC AS     AS N N 1   
CAC O1     O  N N 2   
CAC O2     O  N N 3   
CAC C1     C  N N 4   
CAC C2     C  N N 5   
CAC H11    H  N N 6   
CAC H12    H  N N 7   
CAC H13    H  N N 8   
CAC H21    H  N N 9   
CAC H22    H  N N 10  
CAC H23    H  N N 11  
DA  OP3    O  N N 12  
DA  P      P  N N 13  
DA  OP1    O  N N 14  
DA  OP2    O  N N 15  
DA  "O5'"  O  N N 16  
DA  "C5'"  C  N N 17  
DA  "C4'"  C  N R 18  
DA  "O4'"  O  N N 19  
DA  "C3'"  C  N S 20  
DA  "O3'"  O  N N 21  
DA  "C2'"  C  N N 22  
DA  "C1'"  C  N R 23  
DA  N9     N  Y N 24  
DA  C8     C  Y N 25  
DA  N7     N  Y N 26  
DA  C5     C  Y N 27  
DA  C6     C  Y N 28  
DA  N6     N  N N 29  
DA  N1     N  Y N 30  
DA  C2     C  Y N 31  
DA  N3     N  Y N 32  
DA  C4     C  Y N 33  
DA  HOP3   H  N N 34  
DA  HOP2   H  N N 35  
DA  "H5'"  H  N N 36  
DA  "H5''" H  N N 37  
DA  "H4'"  H  N N 38  
DA  "H3'"  H  N N 39  
DA  "HO3'" H  N N 40  
DA  "H2'"  H  N N 41  
DA  "H2''" H  N N 42  
DA  "H1'"  H  N N 43  
DA  H8     H  N N 44  
DA  H61    H  N N 45  
DA  H62    H  N N 46  
DA  H2     H  N N 47  
DC  OP3    O  N N 48  
DC  P      P  N N 49  
DC  OP1    O  N N 50  
DC  OP2    O  N N 51  
DC  "O5'"  O  N N 52  
DC  "C5'"  C  N N 53  
DC  "C4'"  C  N R 54  
DC  "O4'"  O  N N 55  
DC  "C3'"  C  N S 56  
DC  "O3'"  O  N N 57  
DC  "C2'"  C  N N 58  
DC  "C1'"  C  N R 59  
DC  N1     N  N N 60  
DC  C2     C  N N 61  
DC  O2     O  N N 62  
DC  N3     N  N N 63  
DC  C4     C  N N 64  
DC  N4     N  N N 65  
DC  C5     C  N N 66  
DC  C6     C  N N 67  
DC  HOP3   H  N N 68  
DC  HOP2   H  N N 69  
DC  "H5'"  H  N N 70  
DC  "H5''" H  N N 71  
DC  "H4'"  H  N N 72  
DC  "H3'"  H  N N 73  
DC  "HO3'" H  N N 74  
DC  "H2'"  H  N N 75  
DC  "H2''" H  N N 76  
DC  "H1'"  H  N N 77  
DC  H41    H  N N 78  
DC  H42    H  N N 79  
DC  H5     H  N N 80  
DC  H6     H  N N 81  
DG  OP3    O  N N 82  
DG  P      P  N N 83  
DG  OP1    O  N N 84  
DG  OP2    O  N N 85  
DG  "O5'"  O  N N 86  
DG  "C5'"  C  N N 87  
DG  "C4'"  C  N R 88  
DG  "O4'"  O  N N 89  
DG  "C3'"  C  N S 90  
DG  "O3'"  O  N N 91  
DG  "C2'"  C  N N 92  
DG  "C1'"  C  N R 93  
DG  N9     N  Y N 94  
DG  C8     C  Y N 95  
DG  N7     N  Y N 96  
DG  C5     C  Y N 97  
DG  C6     C  N N 98  
DG  O6     O  N N 99  
DG  N1     N  N N 100 
DG  C2     C  N N 101 
DG  N2     N  N N 102 
DG  N3     N  N N 103 
DG  C4     C  Y N 104 
DG  HOP3   H  N N 105 
DG  HOP2   H  N N 106 
DG  "H5'"  H  N N 107 
DG  "H5''" H  N N 108 
DG  "H4'"  H  N N 109 
DG  "H3'"  H  N N 110 
DG  "HO3'" H  N N 111 
DG  "H2'"  H  N N 112 
DG  "H2''" H  N N 113 
DG  "H1'"  H  N N 114 
DG  H8     H  N N 115 
DG  H1     H  N N 116 
DG  H21    H  N N 117 
DG  H22    H  N N 118 
DT  OP3    O  N N 119 
DT  P      P  N N 120 
DT  OP1    O  N N 121 
DT  OP2    O  N N 122 
DT  "O5'"  O  N N 123 
DT  "C5'"  C  N N 124 
DT  "C4'"  C  N R 125 
DT  "O4'"  O  N N 126 
DT  "C3'"  C  N S 127 
DT  "O3'"  O  N N 128 
DT  "C2'"  C  N N 129 
DT  "C1'"  C  N R 130 
DT  N1     N  N N 131 
DT  C2     C  N N 132 
DT  O2     O  N N 133 
DT  N3     N  N N 134 
DT  C4     C  N N 135 
DT  O4     O  N N 136 
DT  C5     C  N N 137 
DT  C7     C  N N 138 
DT  C6     C  N N 139 
DT  HOP3   H  N N 140 
DT  HOP2   H  N N 141 
DT  "H5'"  H  N N 142 
DT  "H5''" H  N N 143 
DT  "H4'"  H  N N 144 
DT  "H3'"  H  N N 145 
DT  "HO3'" H  N N 146 
DT  "H2'"  H  N N 147 
DT  "H2''" H  N N 148 
DT  "H1'"  H  N N 149 
DT  H3     H  N N 150 
DT  H71    H  N N 151 
DT  H72    H  N N 152 
DT  H73    H  N N 153 
DT  H6     H  N N 154 
# 
loop_
_chem_comp_bond.comp_id 
_chem_comp_bond.atom_id_1 
_chem_comp_bond.atom_id_2 
_chem_comp_bond.value_order 
_chem_comp_bond.pdbx_aromatic_flag 
_chem_comp_bond.pdbx_stereo_config 
_chem_comp_bond.pdbx_ordinal 
CAC AS    O1     doub N N 1   
CAC AS    O2     sing N N 2   
CAC AS    C1     sing N N 3   
CAC AS    C2     sing N N 4   
CAC C1    H11    sing N N 5   
CAC C1    H12    sing N N 6   
CAC C1    H13    sing N N 7   
CAC C2    H21    sing N N 8   
CAC C2    H22    sing N N 9   
CAC C2    H23    sing N N 10  
DA  OP3   P      sing N N 11  
DA  OP3   HOP3   sing N N 12  
DA  P     OP1    doub N N 13  
DA  P     OP2    sing N N 14  
DA  P     "O5'"  sing N N 15  
DA  OP2   HOP2   sing N N 16  
DA  "O5'" "C5'"  sing N N 17  
DA  "C5'" "C4'"  sing N N 18  
DA  "C5'" "H5'"  sing N N 19  
DA  "C5'" "H5''" sing N N 20  
DA  "C4'" "O4'"  sing N N 21  
DA  "C4'" "C3'"  sing N N 22  
DA  "C4'" "H4'"  sing N N 23  
DA  "O4'" "C1'"  sing N N 24  
DA  "C3'" "O3'"  sing N N 25  
DA  "C3'" "C2'"  sing N N 26  
DA  "C3'" "H3'"  sing N N 27  
DA  "O3'" "HO3'" sing N N 28  
DA  "C2'" "C1'"  sing N N 29  
DA  "C2'" "H2'"  sing N N 30  
DA  "C2'" "H2''" sing N N 31  
DA  "C1'" N9     sing N N 32  
DA  "C1'" "H1'"  sing N N 33  
DA  N9    C8     sing Y N 34  
DA  N9    C4     sing Y N 35  
DA  C8    N7     doub Y N 36  
DA  C8    H8     sing N N 37  
DA  N7    C5     sing Y N 38  
DA  C5    C6     sing Y N 39  
DA  C5    C4     doub Y N 40  
DA  C6    N6     sing N N 41  
DA  C6    N1     doub Y N 42  
DA  N6    H61    sing N N 43  
DA  N6    H62    sing N N 44  
DA  N1    C2     sing Y N 45  
DA  C2    N3     doub Y N 46  
DA  C2    H2     sing N N 47  
DA  N3    C4     sing Y N 48  
DC  OP3   P      sing N N 49  
DC  OP3   HOP3   sing N N 50  
DC  P     OP1    doub N N 51  
DC  P     OP2    sing N N 52  
DC  P     "O5'"  sing N N 53  
DC  OP2   HOP2   sing N N 54  
DC  "O5'" "C5'"  sing N N 55  
DC  "C5'" "C4'"  sing N N 56  
DC  "C5'" "H5'"  sing N N 57  
DC  "C5'" "H5''" sing N N 58  
DC  "C4'" "O4'"  sing N N 59  
DC  "C4'" "C3'"  sing N N 60  
DC  "C4'" "H4'"  sing N N 61  
DC  "O4'" "C1'"  sing N N 62  
DC  "C3'" "O3'"  sing N N 63  
DC  "C3'" "C2'"  sing N N 64  
DC  "C3'" "H3'"  sing N N 65  
DC  "O3'" "HO3'" sing N N 66  
DC  "C2'" "C1'"  sing N N 67  
DC  "C2'" "H2'"  sing N N 68  
DC  "C2'" "H2''" sing N N 69  
DC  "C1'" N1     sing N N 70  
DC  "C1'" "H1'"  sing N N 71  
DC  N1    C2     sing N N 72  
DC  N1    C6     sing N N 73  
DC  C2    O2     doub N N 74  
DC  C2    N3     sing N N 75  
DC  N3    C4     doub N N 76  
DC  C4    N4     sing N N 77  
DC  C4    C5     sing N N 78  
DC  N4    H41    sing N N 79  
DC  N4    H42    sing N N 80  
DC  C5    C6     doub N N 81  
DC  C5    H5     sing N N 82  
DC  C6    H6     sing N N 83  
DG  OP3   P      sing N N 84  
DG  OP3   HOP3   sing N N 85  
DG  P     OP1    doub N N 86  
DG  P     OP2    sing N N 87  
DG  P     "O5'"  sing N N 88  
DG  OP2   HOP2   sing N N 89  
DG  "O5'" "C5'"  sing N N 90  
DG  "C5'" "C4'"  sing N N 91  
DG  "C5'" "H5'"  sing N N 92  
DG  "C5'" "H5''" sing N N 93  
DG  "C4'" "O4'"  sing N N 94  
DG  "C4'" "C3'"  sing N N 95  
DG  "C4'" "H4'"  sing N N 96  
DG  "O4'" "C1'"  sing N N 97  
DG  "C3'" "O3'"  sing N N 98  
DG  "C3'" "C2'"  sing N N 99  
DG  "C3'" "H3'"  sing N N 100 
DG  "O3'" "HO3'" sing N N 101 
DG  "C2'" "C1'"  sing N N 102 
DG  "C2'" "H2'"  sing N N 103 
DG  "C2'" "H2''" sing N N 104 
DG  "C1'" N9     sing N N 105 
DG  "C1'" "H1'"  sing N N 106 
DG  N9    C8     sing Y N 107 
DG  N9    C4     sing Y N 108 
DG  C8    N7     doub Y N 109 
DG  C8    H8     sing N N 110 
DG  N7    C5     sing Y N 111 
DG  C5    C6     sing N N 112 
DG  C5    C4     doub Y N 113 
DG  C6    O6     doub N N 114 
DG  C6    N1     sing N N 115 
DG  N1    C2     sing N N 116 
DG  N1    H1     sing N N 117 
DG  C2    N2     sing N N 118 
DG  C2    N3     doub N N 119 
DG  N2    H21    sing N N 120 
DG  N2    H22    sing N N 121 
DG  N3    C4     sing N N 122 
DT  OP3   P      sing N N 123 
DT  OP3   HOP3   sing N N 124 
DT  P     OP1    doub N N 125 
DT  P     OP2    sing N N 126 
DT  P     "O5'"  sing N N 127 
DT  OP2   HOP2   sing N N 128 
DT  "O5'" "C5'"  sing N N 129 
DT  "C5'" "C4'"  sing N N 130 
DT  "C5'" "H5'"  sing N N 131 
DT  "C5'" "H5''" sing N N 132 
DT  "C4'" "O4'"  sing N N 133 
DT  "C4'" "C3'"  sing N N 134 
DT  "C4'" "H4'"  sing N N 135 
DT  "O4'" "C1'"  sing N N 136 
DT  "C3'" "O3'"  sing N N 137 
DT  "C3'" "C2'"  sing N N 138 
DT  "C3'" "H3'"  sing N N 139 
DT  "O3'" "HO3'" sing N N 140 
DT  "C2'" "C1'"  sing N N 141 
DT  "C2'" "H2'"  sing N N 142 
DT  "C2'" "H2''" sing N N 143 
DT  "C1'" N1     sing N N 144 
DT  "C1'" "H1'"  sing N N 145 
DT  N1    C2     sing N N 146 
DT  N1    C6     sing N N 147 
DT  C2    O2     doub N N 148 
DT  C2    N3     sing N N 149 
DT  N3    C4     sing N N 150 
DT  N3    H3     sing N N 151 
DT  C4    O4     doub N N 152 
DT  C4    C5     sing N N 153 
DT  C5    C7     sing N N 154 
DT  C5    C6     doub N N 155 
DT  C7    H71    sing N N 156 
DT  C7    H72    sing N N 157 
DT  C7    H73    sing N N 158 
DT  C6    H6     sing N N 159 
# 
loop_
_ndb_struct_conf_na.entry_id 
_ndb_struct_conf_na.feature 
7JI6 'double helix'        
7JI6 'a-form double helix' 
7JI6 'b-form double helix' 
# 
loop_
_ndb_struct_na_base_pair.model_number 
_ndb_struct_na_base_pair.i_label_asym_id 
_ndb_struct_na_base_pair.i_label_comp_id 
_ndb_struct_na_base_pair.i_label_seq_id 
_ndb_struct_na_base_pair.i_symmetry 
_ndb_struct_na_base_pair.j_label_asym_id 
_ndb_struct_na_base_pair.j_label_comp_id 
_ndb_struct_na_base_pair.j_label_seq_id 
_ndb_struct_na_base_pair.j_symmetry 
_ndb_struct_na_base_pair.shear 
_ndb_struct_na_base_pair.stretch 
_ndb_struct_na_base_pair.stagger 
_ndb_struct_na_base_pair.buckle 
_ndb_struct_na_base_pair.propeller 
_ndb_struct_na_base_pair.opening 
_ndb_struct_na_base_pair.pair_number 
_ndb_struct_na_base_pair.pair_name 
_ndb_struct_na_base_pair.i_auth_asym_id 
_ndb_struct_na_base_pair.i_auth_seq_id 
_ndb_struct_na_base_pair.i_PDB_ins_code 
_ndb_struct_na_base_pair.j_auth_asym_id 
_ndb_struct_na_base_pair.j_auth_seq_id 
_ndb_struct_na_base_pair.j_PDB_ins_code 
_ndb_struct_na_base_pair.hbond_type_28 
_ndb_struct_na_base_pair.hbond_type_12 
1 A DA 3  1_555 D DT 15 1_555 -0.374 0.327  0.682  6.853  -5.426  -4.379  1  A_DA3:DT16_D A 3  ? D 16 ? 20 1 
1 A DC 4  1_555 D DG 14 1_555 -0.894 -0.038 0.234  2.118  -8.699  -18.317 2  A_DC4:DG15_D A 4  ? D 15 ? 19 1 
1 A DG 5  1_555 D DC 13 1_555 0.108  -0.640 0.276  7.077  -13.241 -4.784  3  A_DG5:DC14_D A 5  ? D 14 ? 19 1 
1 A DA 6  1_555 D DT 12 1_555 0.669  -0.384 -0.066 -2.113 -9.206  -4.943  4  A_DA6:DT13_D A 6  ? D 13 ? 20 1 
1 A DC 7  1_555 D DG 11 1_555 0.148  -0.571 0.020  7.196  -7.118  -5.439  5  A_DC7:DG12_D A 7  ? D 12 ? 19 1 
1 A DA 8  1_555 D DT 10 1_555 -0.282 -0.201 0.327  -5.320 -12.246 -7.818  6  A_DA8:DT11_D A 8  ? D 11 ? 20 1 
1 A DA 9  1_555 D DT 9  1_555 0.495  -0.222 0.366  -6.660 -14.549 -8.121  7  A_DA9:DT10_D A 9  ? D 10 ? 20 1 
1 A DA 10 1_555 C DT 3  1_555 0.414  0.091  0.899  0.682  -5.318  2.878   8  A_DA10:DT2_C A 10 ? C 2  ? 20 1 
1 A DG 11 1_555 C DC 2  1_555 0.758  -0.228 0.596  5.638  -2.325  -2.114  9  A_DG11:DC1_C A 11 ? C 1  ? 19 1 
1 A DA 12 1_555 C DT 1  1_555 0.929  -0.287 0.030  4.491  -3.348  -0.504  10 A_DA12:DT0_C A 12 ? C 0  ? 20 1 
1 B DC 1  1_555 C DG 6  1_555 -0.151 -0.192 0.189  -3.982 -8.745  5.185   11 B_DC12:DG5_C B 12 ? C 5  ? 19 1 
1 B DG 2  1_555 C DC 5  1_555 -0.405 -0.348 -0.047 -3.403 -5.426  -5.287  12 B_DG13:DC4_C B 13 ? C 4  ? 19 1 
1 B DT 3  1_555 C DA 4  1_555 -0.373 -0.393 0.476  4.903  -10.115 -13.230 13 B_DT14:DA3_C B 14 ? C 3  ? 20 1 
1 B DC 4  1_555 D DG 8  1_555 -0.819 -0.345 0.520  2.126  -4.859  -3.953  14 B_DC15:DG9_D B 15 ? D 9  ? 19 1 
1 B DG 5  1_555 D DC 7  1_555 0.393  0.018  0.850  9.455  -3.530  2.137   15 B_DG16:DC8_D B 16 ? D 8  ? 19 1 
1 B DA 6  1_555 D DT 6  1_555 0.652  -0.290 0.582  4.662  -8.023  -6.343  16 B_DA17:DT7_D B 17 ? D 7  ? 20 1 
1 B DC 7  1_555 D DG 5  1_555 0.161  -0.566 0.117  2.801  -7.206  1.327   17 B_DC18:DG6_D B 18 ? D 6  ? 19 1 
1 B DT 8  1_555 D DA 4  1_555 -0.141 -0.436 0.189  -0.788 -4.807  -1.445  18 B_DT19:DA5_D B 19 ? D 5  ? 20 1 
1 B DC 9  1_555 D DG 3  1_555 0.339  -0.440 0.015  1.762  -7.210  1.148   19 B_DC20:DG4_D B 20 ? D 4  ? 19 1 
# 
loop_
_ndb_struct_na_base_pair_step.model_number 
_ndb_struct_na_base_pair_step.i_label_asym_id_1 
_ndb_struct_na_base_pair_step.i_label_comp_id_1 
_ndb_struct_na_base_pair_step.i_label_seq_id_1 
_ndb_struct_na_base_pair_step.i_symmetry_1 
_ndb_struct_na_base_pair_step.j_label_asym_id_1 
_ndb_struct_na_base_pair_step.j_label_comp_id_1 
_ndb_struct_na_base_pair_step.j_label_seq_id_1 
_ndb_struct_na_base_pair_step.j_symmetry_1 
_ndb_struct_na_base_pair_step.i_label_asym_id_2 
_ndb_struct_na_base_pair_step.i_label_comp_id_2 
_ndb_struct_na_base_pair_step.i_label_seq_id_2 
_ndb_struct_na_base_pair_step.i_symmetry_2 
_ndb_struct_na_base_pair_step.j_label_asym_id_2 
_ndb_struct_na_base_pair_step.j_label_comp_id_2 
_ndb_struct_na_base_pair_step.j_label_seq_id_2 
_ndb_struct_na_base_pair_step.j_symmetry_2 
_ndb_struct_na_base_pair_step.shift 
_ndb_struct_na_base_pair_step.slide 
_ndb_struct_na_base_pair_step.rise 
_ndb_struct_na_base_pair_step.tilt 
_ndb_struct_na_base_pair_step.roll 
_ndb_struct_na_base_pair_step.twist 
_ndb_struct_na_base_pair_step.x_displacement 
_ndb_struct_na_base_pair_step.y_displacement 
_ndb_struct_na_base_pair_step.helical_rise 
_ndb_struct_na_base_pair_step.inclination 
_ndb_struct_na_base_pair_step.tip 
_ndb_struct_na_base_pair_step.helical_twist 
_ndb_struct_na_base_pair_step.step_number 
_ndb_struct_na_base_pair_step.step_name 
_ndb_struct_na_base_pair_step.i_auth_asym_id_1 
_ndb_struct_na_base_pair_step.i_auth_seq_id_1 
_ndb_struct_na_base_pair_step.i_PDB_ins_code_1 
_ndb_struct_na_base_pair_step.j_auth_asym_id_1 
_ndb_struct_na_base_pair_step.j_auth_seq_id_1 
_ndb_struct_na_base_pair_step.j_PDB_ins_code_1 
_ndb_struct_na_base_pair_step.i_auth_asym_id_2 
_ndb_struct_na_base_pair_step.i_auth_seq_id_2 
_ndb_struct_na_base_pair_step.i_PDB_ins_code_2 
_ndb_struct_na_base_pair_step.j_auth_asym_id_2 
_ndb_struct_na_base_pair_step.j_auth_seq_id_2 
_ndb_struct_na_base_pair_step.j_PDB_ins_code_2 
1 A DA 3  1_555 D DT 15 1_555 A DC 4  1_555 D DG 14 1_555 -0.623 -1.558 3.418 -0.122 0.656  28.147 -3.363 1.250  3.384 1.349  
0.251  28.155 1  AA_DA3DC4:DG15DT16_DD A 3  ? D 16 ? A 4  ? D 15 ? 
1 A DC 4  1_555 D DG 14 1_555 A DG 5  1_555 D DC 13 1_555 0.451  0.307  3.329 -2.367 4.772  37.134 -0.160 -1.018 3.307 7.447  
3.693  37.501 2  AA_DC4DG5:DC14DG15_DD A 4  ? D 15 ? A 5  ? D 14 ? 
1 A DG 5  1_555 D DC 13 1_555 A DA 6  1_555 D DT 12 1_555 -0.593 -0.306 3.522 1.009  -0.629 41.989 -0.357 0.940  3.511 -0.877 
-1.407 42.005 3  AA_DG5DA6:DT13DC14_DD A 5  ? D 14 ? A 6  ? D 13 ? 
1 A DA 6  1_555 D DT 12 1_555 A DC 7  1_555 D DG 11 1_555 0.427  -0.931 3.060 -1.287 -1.602 27.990 -1.565 -1.166 3.085 -3.305 
2.655  28.063 4  AA_DA6DC7:DG12DT13_DD A 6  ? D 13 ? A 7  ? D 12 ? 
1 A DC 7  1_555 D DG 11 1_555 A DA 8  1_555 D DT 10 1_555 -0.006 -0.860 3.466 0.122  -3.063 34.063 -0.945 0.031  3.527 -5.216 
-0.207 34.196 5  AA_DC7DA8:DT11DG12_DD A 7  ? D 12 ? A 8  ? D 11 ? 
1 A DA 8  1_555 D DT 10 1_555 A DA 9  1_555 D DT 9  1_555 -0.203 -0.436 3.254 -4.411 -0.296 43.415 -0.558 -0.149 3.261 -0.399 
5.944  43.628 6  AA_DA8DA9:DT10DT11_DD A 8  ? D 11 ? A 9  ? D 10 ? 
1 A DA 9  1_555 D DT 9  1_555 A DA 10 1_555 C DT 3  1_555 -0.817 -1.170 2.721 -7.965 0.849  28.928 -2.412 0.166  2.806 1.659  
15.571 29.994 7  AA_DA9DA10:DT2DT10_CD A 9  ? D 10 ? A 10 ? C 2  ? 
1 A DA 10 1_555 C DT 3  1_555 A DG 11 1_555 C DC 2  1_555 -0.476 -0.391 3.233 0.037  5.565  36.329 -1.365 0.760  3.141 8.861  
-0.059 36.738 8  AA_DA10DG11:DC1DT2_CC A 10 ? C 2  ? A 11 ? C 1  ? 
1 A DG 11 1_555 C DC 2  1_555 A DA 12 1_555 C DT 1  1_555 -0.255 -0.296 3.534 1.751  3.355  35.749 -0.994 0.682  3.477 5.447  
-2.842 35.942 9  AA_DG11DA12:DT0DC1_CC A 11 ? C 1  ? A 12 ? C 0  ? 
1 B DC 1  1_555 C DG 6  1_555 B DG 2  1_555 C DC 5  1_555 0.065  -0.772 3.146 4.188  4.647  38.878 -1.670 0.375  3.028 6.927  
-6.242 39.358 10 BB_DC12DG13:DC4DG5_CC B 12 ? C 5  ? B 13 ? C 4  ? 
1 B DG 2  1_555 C DC 5  1_555 B DT 3  1_555 C DA 4  1_555 0.027  -0.885 3.031 -4.070 1.371  37.071 -1.551 -0.537 2.978 2.147  
6.375  37.311 11 BB_DG13DT14:DA3DC4_CC B 13 ? C 4  ? B 14 ? C 3  ? 
1 B DT 3  1_555 C DA 4  1_555 B DC 4  1_555 D DG 8  1_555 -0.497 -1.666 3.120 -2.990 1.026  23.689 -4.342 0.272  3.084 2.484  
7.241  23.896 12 BB_DT14DC15:DG9DA3_DC B 14 ? C 3  ? B 15 ? D 9  ? 
1 B DC 4  1_555 D DG 8  1_555 B DG 5  1_555 D DC 7  1_555 -0.373 0.441  3.237 -2.017 6.142  42.101 -0.015 0.309  3.281 8.490  
2.788  42.572 13 BB_DC15DG16:DC8DG9_DD B 15 ? D 9  ? B 16 ? D 8  ? 
1 B DG 5  1_555 D DC 7  1_555 B DA 6  1_555 D DT 6  1_555 -0.188 -0.543 3.361 1.018  3.635  36.049 -1.392 0.448  3.286 5.853  
-1.639 36.240 14 BB_DG16DA17:DT7DC8_DD B 16 ? D 8  ? B 17 ? D 7  ? 
1 B DA 6  1_555 D DT 6  1_555 B DC 7  1_555 D DG 5  1_555 0.691  -1.248 3.347 2.469  0.903  29.262 -2.659 -0.819 3.353 1.783  
-4.875 29.378 15 BB_DA17DC18:DG6DT7_DD B 17 ? D 7  ? B 18 ? D 6  ? 
1 B DC 7  1_555 D DG 5  1_555 B DT 8  1_555 D DA 4  1_555 -0.156 -0.283 3.439 3.093  2.768  33.612 -0.952 0.789  3.378 4.764  
-5.324 33.860 16 BB_DC18DT19:DA5DG6_DD B 18 ? D 6  ? B 19 ? D 5  ? 
1 B DT 8  1_555 D DA 4  1_555 B DC 9  1_555 D DG 3  1_555 0.035  -0.299 3.360 3.784  2.460  34.140 -0.897 0.544  3.316 4.167  
-6.411 34.428 17 BB_DT19DC20:DG4DA5_DD B 19 ? D 5  ? B 20 ? D 4  ? 
# 
loop_
_pdbx_audit_support.funding_organization 
_pdbx_audit_support.country 
_pdbx_audit_support.grant_number 
_pdbx_audit_support.ordinal 
'National Science Foundation (NSF, United States)'                                         'United States' 1360635     1 
'National Institutes of Health/National Institute of General Medical Sciences (NIH/NIGMS)' 'United States' R01GM104960 2 
'National Science Foundation (NSF, United States)'                                         'United States' NSF2004250  3 
# 
_pdbx_entity_nonpoly.entity_id   5 
_pdbx_entity_nonpoly.name        'CACODYLATE ION' 
_pdbx_entity_nonpoly.comp_id     CAC 
# 
_pdbx_initial_refinement_model.id               1 
_pdbx_initial_refinement_model.entity_id_list   ? 
_pdbx_initial_refinement_model.type             'experimental model' 
_pdbx_initial_refinement_model.source_name      PDB 
_pdbx_initial_refinement_model.accession_code   6XNA 
_pdbx_initial_refinement_model.details          ? 
# 
_pdbx_struct_assembly_auth_evidence.id                     1 
_pdbx_struct_assembly_auth_evidence.assembly_id            1 
_pdbx_struct_assembly_auth_evidence.experimental_support   none 
_pdbx_struct_assembly_auth_evidence.details                ? 
# 
